data_8T2E
#
_entry.id   8T2E
#
_cell.length_a   1.00
_cell.length_b   1.00
_cell.length_c   1.00
_cell.angle_alpha   90.00
_cell.angle_beta   90.00
_cell.angle_gamma   90.00
#
_symmetry.space_group_name_H-M   'P 1'
#
loop_
_entity.id
_entity.type
_entity.pdbx_description
1 polymer 'Surface protein gp120'
2 polymer 'Transmembrane protein gp41'
3 polymer 'FP3 Heavy Chain'
4 polymer 'FP3 Light Chain'
5 branched 2-acetamido-2-deoxy-beta-D-glucopyranose-(1-4)-2-acetamido-2-deoxy-beta-D-glucopyranose
6 branched beta-D-mannopyranose-(1-4)-2-acetamido-2-deoxy-beta-D-glucopyranose-(1-4)-2-acetamido-2-deoxy-beta-D-glucopyranose
7 non-polymer 2-acetamido-2-deoxy-beta-D-glucopyranose
#
loop_
_entity_poly.entity_id
_entity_poly.type
_entity_poly.pdbx_seq_one_letter_code
_entity_poly.pdbx_strand_id
1 'polypeptide(L)'
;MDAMKRGLCCVLLLCGAVFVSPSQEIHARFRRGARAENLWVTVYYGVPVWKDAETTLFCASDAKAYETKKHNVWATHCCV
PTDPNPQEIHLENVTEEFNMWKNNMVEQMHTDIISLWDQSLKPCVKLTPLCVTLQCTNVTNNITDDMRGELKNCSFNMTT
ELRDKKQKVYSLFYRLDVVQINENQGNRSNNSNKEYRLINCNTSAITQACPKVSFEPIPIHYCAPAGFAILKCKDKKFNG
TGPCTNVSTVQCTHGIKPVVSTQLLLNGSLAEEEVIIRSENITNNAKNILVQLNESVQINCTRPNNNTRKSIRIGPGQWF
YATGDIIGDIRQAHCNVSKATWNETLGKVVKQLRKHFGNNTIIRFANSSGGDLEVTTHSFNCGGEFFYCNTSGLFNSTWI
SNTSVQGSNSTGSNDSITLPCRIKQIINMWQRIGQAMYAPPIQGVIRCVSNITGLILTRDGGSTNSTTETFRPGGGDMRD
NWRSELYKYKVVKIEPLGVAPTRCKRRVVGRRRRRR
;
A,E,F
2 'polypeptide(L)'
;AVGIGAVFLGFLGAAGSTMGAASMTLTVQARNLLSGIVQQQSNLLRAPECQQHLLKLTVWGIKQLQARVLAVERYLRDQQ
LLGIWGCSGKLICCTNVPWNSTWSNRNLSEIWDNMTWLQWDKEISNYTQIIYGLLEESQNQQEKNEQDLLALD
;
B,C,D
3 'polypeptide(L)'
;(UNK)(UNK)(UNK)(UNK)(UNK)(UNK)(UNK)(UNK)(UNK)(UNK)(UNK)(UNK)(UNK)(UNK)(UNK)(UNK)
(UNK)(UNK)(UNK)(UNK)(UNK)(UNK)(UNK)(UNK)(UNK)(UNK)(UNK)(UNK)(UNK)(UNK)(UNK)(UNK)
(UNK)(UNK)(UNK)(UNK)(UNK)(UNK)(UNK)(UNK)(UNK)(UNK)(UNK)(UNK)(UNK)(UNK)(UNK)(UNK)
(UNK)(UNK)(UNK)(UNK)(UNK)(UNK)(UNK)(UNK)(UNK)(UNK)(UNK)(UNK)(UNK)(UNK)(UNK)(UNK)
(UNK)(UNK)(UNK)(UNK)(UNK)(UNK)(UNK)(UNK)(UNK)(UNK)(UNK)(UNK)(UNK)(UNK)(UNK)(UNK)
(UNK)(UNK)(UNK)(UNK)(UNK)(UNK)(UNK)(UNK)(UNK)(UNK)(UNK)(UNK)(UNK)(UNK)(UNK)(UNK)
(UNK)(UNK)(UNK)(UNK)(UNK)(UNK)(UNK)(UNK)(UNK)(UNK)(UNK)(UNK)(UNK)(UNK)(UNK)(UNK)
(UNK)(UNK)(UNK)(UNK)(UNK)(UNK)(UNK)(UNK)(UNK)(UNK)(UNK)(UNK)(UNK)(UNK)(UNK)(UNK)
(UNK)(UNK)
;
H
4 'polypeptide(L)'
;(UNK)(UNK)(UNK)(UNK)(UNK)(UNK)(UNK)(UNK)(UNK)(UNK)(UNK)(UNK)(UNK)(UNK)(UNK)(UNK)
(UNK)(UNK)(UNK)(UNK)(UNK)(UNK)(UNK)(UNK)(UNK)(UNK)(UNK)(UNK)(UNK)(UNK)(UNK)(UNK)
(UNK)(UNK)(UNK)(UNK)(UNK)(UNK)(UNK)(UNK)(UNK)(UNK)(UNK)(UNK)(UNK)(UNK)(UNK)(UNK)
(UNK)(UNK)(UNK)(UNK)(UNK)(UNK)(UNK)(UNK)(UNK)(UNK)(UNK)(UNK)(UNK)(UNK)(UNK)(UNK)
(UNK)(UNK)(UNK)(UNK)(UNK)(UNK)(UNK)(UNK)(UNK)(UNK)(UNK)(UNK)(UNK)(UNK)(UNK)(UNK)
(UNK)(UNK)(UNK)(UNK)(UNK)(UNK)(UNK)(UNK)(UNK)(UNK)(UNK)(UNK)(UNK)(UNK)(UNK)(UNK)
(UNK)(UNK)(UNK)(UNK)
;
L
#
loop_
_chem_comp.id
_chem_comp.type
_chem_comp.name
_chem_comp.formula
BMA D-saccharide, beta linking beta-D-mannopyranose 'C6 H12 O6'
NAG D-saccharide, beta linking 2-acetamido-2-deoxy-beta-D-glucopyranose 'C8 H15 N O6'
#
# COMPACT_ATOMS: atom_id res chain seq x y z
N ASN A 38 -7.19 51.85 -3.38
CA ASN A 38 -6.12 51.02 -3.91
C ASN A 38 -6.06 49.72 -3.08
N LEU A 39 -6.52 48.60 -3.66
CA LEU A 39 -6.60 47.27 -3.04
C LEU A 39 -5.43 46.43 -3.49
N TRP A 40 -5.06 45.49 -2.63
CA TRP A 40 -3.92 44.63 -2.85
C TRP A 40 -4.30 43.18 -2.76
N VAL A 41 -3.53 42.32 -3.41
CA VAL A 41 -3.79 40.90 -3.36
C VAL A 41 -3.36 40.32 -2.03
N THR A 42 -4.28 39.64 -1.36
CA THR A 42 -3.96 38.94 -0.12
C THR A 42 -4.24 37.47 -0.30
N VAL A 43 -3.27 36.68 0.11
CA VAL A 43 -3.29 35.25 -0.03
C VAL A 43 -3.82 34.57 1.22
N TYR A 44 -4.80 33.69 1.03
CA TYR A 44 -5.39 32.96 2.13
C TYR A 44 -5.24 31.47 1.99
N TYR A 45 -4.68 30.84 3.00
CA TYR A 45 -4.51 29.39 2.96
C TYR A 45 -5.39 28.80 4.02
N GLY A 46 -6.15 27.78 3.65
CA GLY A 46 -7.13 27.22 4.58
C GLY A 46 -8.54 27.68 4.19
N VAL A 47 -8.71 28.11 2.97
CA VAL A 47 -9.98 28.56 2.44
C VAL A 47 -10.95 27.38 2.21
N PRO A 48 -12.20 27.39 2.73
CA PRO A 48 -13.15 26.29 2.63
C PRO A 48 -13.86 26.12 1.30
N VAL A 49 -13.11 25.77 0.27
CA VAL A 49 -13.67 25.55 -1.07
C VAL A 49 -13.30 24.21 -1.66
N TRP A 50 -14.06 23.80 -2.68
CA TRP A 50 -13.82 22.53 -3.34
C TRP A 50 -14.27 22.45 -4.78
N LYS A 51 -13.73 21.45 -5.46
CA LYS A 51 -14.08 21.11 -6.84
C LYS A 51 -14.48 19.65 -6.93
N ASP A 52 -15.34 19.31 -7.88
CA ASP A 52 -15.71 17.91 -8.05
C ASP A 52 -14.49 17.09 -8.40
N ALA A 53 -14.39 15.88 -7.87
CA ALA A 53 -13.22 15.08 -8.21
C ALA A 53 -13.46 13.60 -8.16
N GLU A 54 -12.61 12.86 -8.85
CA GLU A 54 -12.71 11.42 -8.84
C GLU A 54 -11.45 10.82 -8.25
N THR A 55 -11.60 10.12 -7.14
CA THR A 55 -10.46 9.52 -6.49
C THR A 55 -10.76 8.14 -6.01
N THR A 56 -9.78 7.53 -5.39
CA THR A 56 -9.92 6.20 -4.87
C THR A 56 -10.24 6.27 -3.40
N LEU A 57 -11.34 5.66 -3.01
CA LEU A 57 -11.79 5.65 -1.63
C LEU A 57 -11.32 4.38 -0.98
N PHE A 58 -11.21 4.37 0.33
CA PHE A 58 -10.76 3.14 0.99
C PHE A 58 -11.92 2.59 1.78
N CYS A 59 -11.89 1.27 2.11
CA CYS A 59 -12.99 0.62 2.83
C CYS A 59 -12.69 0.44 4.32
N ALA A 60 -13.70 0.83 5.08
CA ALA A 60 -13.75 0.70 6.50
C ALA A 60 -14.93 -0.18 6.90
N SER A 61 -14.86 -0.74 8.08
CA SER A 61 -15.94 -1.59 8.59
C SER A 61 -16.09 -1.43 10.09
N ASP A 62 -17.15 -1.96 10.66
CA ASP A 62 -17.32 -1.81 12.10
C ASP A 62 -16.57 -2.86 12.91
N ALA A 63 -16.74 -2.84 14.23
CA ALA A 63 -15.98 -3.75 15.09
C ALA A 63 -16.57 -5.16 15.18
N LYS A 64 -16.50 -5.91 14.06
CA LYS A 64 -17.03 -7.27 13.87
C LYS A 64 -16.34 -8.23 14.87
N HIS A 71 -13.77 -15.37 8.51
CA HIS A 71 -13.25 -15.70 7.17
C HIS A 71 -14.13 -15.10 6.03
N ASN A 72 -14.83 -13.98 6.33
CA ASN A 72 -15.64 -13.19 5.40
C ASN A 72 -14.78 -12.39 4.44
N VAL A 73 -15.12 -12.46 3.15
CA VAL A 73 -14.32 -11.81 2.11
C VAL A 73 -14.23 -10.29 2.28
N TRP A 74 -15.25 -9.68 2.86
CA TRP A 74 -15.20 -8.25 3.06
C TRP A 74 -14.49 -7.91 4.34
N ALA A 75 -14.70 -8.73 5.35
CA ALA A 75 -14.10 -8.46 6.64
C ALA A 75 -12.57 -8.43 6.56
N THR A 76 -12.01 -9.24 5.67
CA THR A 76 -10.57 -9.32 5.54
C THR A 76 -10.01 -8.26 4.59
N HIS A 77 -10.89 -7.49 3.99
CA HIS A 77 -10.56 -6.41 3.07
C HIS A 77 -10.69 -5.02 3.70
N CYS A 78 -11.85 -4.76 4.35
CA CYS A 78 -12.26 -3.50 4.95
C CYS A 78 -11.64 -3.46 6.32
N CYS A 79 -10.33 -3.31 6.27
CA CYS A 79 -9.48 -3.41 7.42
C CYS A 79 -9.47 -2.20 8.32
N VAL A 80 -10.02 -1.07 7.89
CA VAL A 80 -10.00 0.09 8.76
C VAL A 80 -11.25 0.12 9.63
N PRO A 81 -11.17 0.09 10.96
CA PRO A 81 -12.33 0.19 11.81
C PRO A 81 -12.94 1.57 11.65
N THR A 82 -14.26 1.65 11.65
CA THR A 82 -14.92 2.94 11.61
C THR A 82 -15.03 3.53 12.99
N ASP A 83 -15.30 4.82 13.03
CA ASP A 83 -15.57 5.50 14.28
C ASP A 83 -16.91 5.08 14.85
N PRO A 84 -17.01 4.78 16.16
CA PRO A 84 -18.25 4.43 16.85
C PRO A 84 -19.21 5.61 16.91
N ASN A 85 -18.65 6.81 16.79
CA ASN A 85 -19.41 8.03 16.84
C ASN A 85 -18.88 8.93 15.73
N PRO A 86 -19.19 8.63 14.45
CA PRO A 86 -18.61 9.24 13.28
C PRO A 86 -19.02 10.69 13.16
N GLN A 87 -18.21 11.46 12.48
CA GLN A 87 -18.45 12.87 12.31
C GLN A 87 -19.27 13.20 11.07
N GLU A 88 -20.11 14.20 11.25
CA GLU A 88 -20.92 14.80 10.22
C GLU A 88 -21.02 16.28 10.52
N ILE A 89 -20.88 17.10 9.50
CA ILE A 89 -20.97 18.54 9.64
C ILE A 89 -22.03 19.11 8.74
N HIS A 90 -22.97 19.84 9.27
CA HIS A 90 -23.99 20.41 8.42
C HIS A 90 -23.47 21.66 7.78
N LEU A 91 -23.68 21.85 6.48
CA LEU A 91 -23.20 23.07 5.88
C LEU A 91 -24.36 24.01 5.61
N GLU A 92 -24.50 25.08 6.37
CA GLU A 92 -25.65 25.90 6.06
C GLU A 92 -25.32 26.70 4.83
N ASN A 93 -26.36 27.07 4.03
CA ASN A 93 -26.29 27.91 2.83
C ASN A 93 -25.36 27.36 1.73
N VAL A 94 -25.33 26.02 1.53
CA VAL A 94 -24.56 25.37 0.47
C VAL A 94 -25.52 24.61 -0.39
N THR A 95 -25.53 24.94 -1.67
CA THR A 95 -26.37 24.23 -2.61
C THR A 95 -25.41 23.50 -3.49
N GLU A 96 -25.62 22.22 -3.65
CA GLU A 96 -24.70 21.40 -4.41
C GLU A 96 -25.47 20.54 -5.37
N GLU A 97 -25.01 20.43 -6.60
CA GLU A 97 -25.67 19.57 -7.57
C GLU A 97 -25.12 18.15 -7.57
N PHE A 98 -26.02 17.21 -7.36
CA PHE A 98 -25.69 15.79 -7.28
C PHE A 98 -26.19 15.07 -8.52
N ASN A 99 -25.46 14.05 -8.98
CA ASN A 99 -25.90 13.33 -10.17
C ASN A 99 -25.54 11.86 -10.12
N MET A 100 -26.53 11.00 -9.96
CA MET A 100 -26.29 9.58 -9.82
C MET A 100 -25.65 8.89 -11.00
N TRP A 101 -25.84 9.40 -12.19
CA TRP A 101 -25.33 8.66 -13.30
C TRP A 101 -23.96 9.11 -13.73
N LYS A 102 -23.41 10.04 -12.98
CA LYS A 102 -22.09 10.56 -13.23
C LYS A 102 -21.26 10.32 -11.98
N ASN A 103 -21.80 9.50 -11.09
CA ASN A 103 -21.19 9.26 -9.80
C ASN A 103 -20.16 8.17 -9.81
N ASN A 104 -18.90 8.57 -9.71
CA ASN A 104 -17.75 7.68 -9.78
C ASN A 104 -17.69 6.68 -8.63
N MET A 105 -18.41 6.97 -7.55
CA MET A 105 -18.38 6.07 -6.41
C MET A 105 -19.01 4.74 -6.79
N VAL A 106 -19.91 4.75 -7.78
CA VAL A 106 -20.57 3.53 -8.17
C VAL A 106 -19.58 2.69 -8.92
N GLU A 107 -18.81 3.30 -9.80
CA GLU A 107 -17.85 2.56 -10.58
C GLU A 107 -16.79 1.99 -9.65
N GLN A 108 -16.43 2.74 -8.60
CA GLN A 108 -15.43 2.23 -7.68
C GLN A 108 -15.98 1.03 -6.96
N MET A 109 -17.23 1.09 -6.52
CA MET A 109 -17.74 -0.05 -5.82
C MET A 109 -17.86 -1.24 -6.72
N HIS A 110 -18.30 -1.05 -7.97
CA HIS A 110 -18.46 -2.17 -8.85
C HIS A 110 -17.13 -2.84 -9.09
N THR A 111 -16.10 -2.02 -9.29
CA THR A 111 -14.78 -2.54 -9.54
C THR A 111 -14.27 -3.33 -8.33
N ASP A 112 -14.47 -2.81 -7.12
CA ASP A 112 -14.00 -3.50 -5.93
C ASP A 112 -14.67 -4.84 -5.76
N ILE A 113 -15.94 -4.94 -6.11
CA ILE A 113 -16.66 -6.19 -5.98
C ILE A 113 -16.06 -7.24 -6.87
N ILE A 114 -15.76 -6.88 -8.11
CA ILE A 114 -15.21 -7.86 -9.00
C ILE A 114 -13.87 -8.28 -8.47
N SER A 115 -13.08 -7.31 -8.04
CA SER A 115 -11.76 -7.64 -7.58
C SER A 115 -11.77 -8.59 -6.42
N LEU A 116 -12.63 -8.37 -5.42
CA LEU A 116 -12.62 -9.28 -4.29
C LEU A 116 -13.11 -10.64 -4.64
N TRP A 117 -14.12 -10.73 -5.48
CA TRP A 117 -14.62 -12.03 -5.81
C TRP A 117 -13.64 -12.82 -6.63
N ASP A 118 -12.91 -12.18 -7.52
CA ASP A 118 -11.93 -12.94 -8.26
C ASP A 118 -10.74 -13.27 -7.39
N GLN A 119 -10.34 -12.35 -6.53
CA GLN A 119 -9.17 -12.60 -5.70
C GLN A 119 -9.39 -13.74 -4.74
N SER A 120 -10.58 -13.86 -4.20
CA SER A 120 -10.86 -14.91 -3.23
C SER A 120 -10.87 -16.28 -3.86
N LEU A 121 -10.93 -16.39 -5.18
CA LEU A 121 -10.95 -17.68 -5.81
C LEU A 121 -9.59 -18.09 -6.28
N LYS A 122 -8.58 -17.24 -6.11
CA LYS A 122 -7.29 -17.64 -6.61
C LYS A 122 -6.73 -18.83 -5.82
N PRO A 123 -6.61 -18.78 -4.48
CA PRO A 123 -6.06 -19.87 -3.71
C PRO A 123 -7.08 -20.95 -3.39
N CYS A 124 -7.73 -21.53 -4.43
CA CYS A 124 -8.78 -22.55 -4.28
C CYS A 124 -8.60 -23.65 -5.30
N VAL A 125 -9.25 -24.76 -5.01
CA VAL A 125 -9.17 -25.93 -5.85
C VAL A 125 -9.89 -25.72 -7.15
N LYS A 126 -9.20 -26.02 -8.24
CA LYS A 126 -9.81 -25.90 -9.55
C LYS A 126 -10.50 -27.20 -9.83
N LEU A 127 -11.54 -27.15 -10.62
CA LEU A 127 -12.25 -28.37 -10.94
C LEU A 127 -12.05 -28.85 -12.35
N THR A 128 -10.94 -28.47 -12.96
CA THR A 128 -10.62 -28.94 -14.30
C THR A 128 -10.82 -30.46 -14.44
N PRO A 129 -10.38 -31.33 -13.48
CA PRO A 129 -10.53 -32.76 -13.50
C PRO A 129 -11.98 -33.25 -13.60
N LEU A 130 -12.97 -32.38 -13.38
CA LEU A 130 -14.35 -32.83 -13.54
C LEU A 130 -14.90 -32.72 -14.98
N CYS A 131 -14.18 -32.07 -15.93
CA CYS A 131 -14.66 -31.90 -17.31
C CYS A 131 -14.36 -33.16 -18.12
N VAL A 132 -15.11 -34.19 -17.76
CA VAL A 132 -15.08 -35.53 -18.31
C VAL A 132 -16.50 -35.92 -18.66
N THR A 133 -16.68 -36.97 -19.43
CA THR A 133 -18.04 -37.44 -19.69
C THR A 133 -18.59 -38.09 -18.43
N LEU A 134 -19.84 -37.81 -18.09
CA LEU A 134 -20.48 -38.41 -16.94
C LEU A 134 -21.62 -39.32 -17.34
N GLN A 135 -21.85 -40.37 -16.56
CA GLN A 135 -22.97 -41.30 -16.76
C GLN A 135 -24.12 -40.93 -15.83
N CYS A 136 -25.20 -40.32 -16.37
CA CYS A 136 -26.29 -39.77 -15.55
C CYS A 136 -27.63 -40.46 -15.78
N THR A 137 -28.32 -40.64 -14.68
CA THR A 137 -29.69 -41.13 -14.65
C THR A 137 -30.49 -40.18 -13.78
N ASN A 138 -31.85 -40.25 -13.81
CA ASN A 138 -32.73 -39.44 -12.97
C ASN A 138 -32.75 -39.93 -11.53
N VAL A 139 -32.91 -38.99 -10.57
CA VAL A 139 -33.17 -39.32 -9.16
C VAL A 139 -34.67 -39.53 -9.09
N THR A 140 -35.11 -40.66 -8.55
CA THR A 140 -36.55 -40.96 -8.46
C THR A 140 -37.01 -41.23 -7.02
N ASN A 141 -36.15 -40.96 -6.07
CA ASN A 141 -36.45 -41.28 -4.68
C ASN A 141 -37.21 -40.22 -3.92
N ASN A 142 -38.49 -40.47 -3.66
CA ASN A 142 -39.35 -39.54 -2.93
C ASN A 142 -39.42 -38.12 -3.50
N ILE A 143 -39.56 -38.03 -4.80
CA ILE A 143 -39.69 -36.75 -5.47
C ILE A 143 -41.11 -36.36 -5.73
N THR A 144 -41.45 -35.16 -5.29
CA THR A 144 -42.79 -34.63 -5.48
C THR A 144 -42.94 -34.14 -6.91
N ASP A 145 -44.16 -33.87 -7.35
CA ASP A 145 -44.34 -33.49 -8.75
C ASP A 145 -43.59 -32.23 -9.17
N ASP A 146 -43.45 -31.28 -8.28
CA ASP A 146 -42.79 -30.02 -8.59
C ASP A 146 -41.28 -30.17 -8.85
N MET A 147 -40.71 -31.28 -8.44
CA MET A 147 -39.31 -31.57 -8.62
C MET A 147 -39.00 -32.65 -9.65
N ARG A 148 -39.98 -33.06 -10.45
CA ARG A 148 -39.66 -34.12 -11.39
C ARG A 148 -38.60 -33.67 -12.37
N GLY A 149 -37.55 -34.45 -12.51
CA GLY A 149 -36.51 -34.17 -13.48
C GLY A 149 -35.45 -33.16 -13.05
N GLU A 150 -35.61 -32.58 -11.86
CA GLU A 150 -34.68 -31.56 -11.36
C GLU A 150 -33.35 -32.08 -10.89
N LEU A 151 -33.31 -33.31 -10.39
CA LEU A 151 -32.04 -33.82 -9.91
C LEU A 151 -31.57 -35.01 -10.71
N LYS A 152 -30.29 -34.98 -11.01
CA LYS A 152 -29.60 -36.02 -11.72
C LYS A 152 -28.62 -36.71 -10.78
N ASN A 153 -28.40 -38.02 -11.01
CA ASN A 153 -27.44 -38.88 -10.33
C ASN A 153 -26.36 -39.30 -11.33
N CYS A 154 -25.14 -38.71 -11.20
CA CYS A 154 -24.08 -38.88 -12.18
C CYS A 154 -22.83 -39.54 -11.61
N SER A 155 -22.30 -40.52 -12.34
CA SER A 155 -21.07 -41.17 -11.93
C SER A 155 -19.97 -40.88 -12.93
N PHE A 156 -18.74 -40.88 -12.45
CA PHE A 156 -17.60 -40.59 -13.29
C PHE A 156 -16.27 -41.13 -12.75
N ASN A 157 -15.23 -41.19 -13.62
CA ASN A 157 -13.86 -41.61 -13.30
C ASN A 157 -13.01 -40.36 -13.00
N MET A 158 -12.73 -40.13 -11.70
CA MET A 158 -12.04 -38.96 -11.14
C MET A 158 -10.58 -39.27 -10.81
N THR A 159 -9.76 -38.24 -10.77
CA THR A 159 -8.35 -38.38 -10.40
C THR A 159 -8.27 -38.59 -8.91
N THR A 160 -7.09 -38.98 -8.44
CA THR A 160 -6.87 -39.17 -7.02
C THR A 160 -5.48 -38.70 -6.58
N GLU A 161 -5.03 -39.17 -5.41
CA GLU A 161 -3.77 -38.74 -4.81
C GLU A 161 -2.53 -39.03 -5.65
N LEU A 162 -2.50 -40.18 -6.30
CA LEU A 162 -1.35 -40.57 -7.10
C LEU A 162 -1.69 -40.49 -8.56
N ARG A 163 -0.70 -40.19 -9.39
CA ARG A 163 -0.98 -40.05 -10.82
C ARG A 163 -1.28 -41.36 -11.53
N ASP A 164 -0.91 -42.48 -10.92
CA ASP A 164 -1.12 -43.77 -11.51
C ASP A 164 -2.43 -44.42 -11.07
N LYS A 165 -3.25 -43.69 -10.32
CA LYS A 165 -4.50 -44.24 -9.84
C LYS A 165 -5.71 -43.40 -10.26
N LYS A 166 -6.87 -44.06 -10.34
CA LYS A 166 -8.15 -43.41 -10.64
C LYS A 166 -9.21 -43.95 -9.71
N GLN A 167 -10.28 -43.19 -9.51
CA GLN A 167 -11.37 -43.65 -8.65
C GLN A 167 -12.75 -43.42 -9.26
N LYS A 168 -13.69 -44.31 -8.93
CA LYS A 168 -15.06 -44.13 -9.37
C LYS A 168 -15.85 -43.44 -8.28
N VAL A 169 -16.42 -42.31 -8.62
CA VAL A 169 -17.17 -41.51 -7.68
C VAL A 169 -18.49 -41.12 -8.27
N TYR A 170 -19.41 -40.65 -7.44
CA TYR A 170 -20.66 -40.15 -7.96
C TYR A 170 -21.13 -38.99 -7.14
N SER A 171 -22.02 -38.21 -7.73
CA SER A 171 -22.61 -37.06 -7.08
C SER A 171 -23.95 -36.70 -7.66
N LEU A 172 -24.69 -35.87 -6.93
CA LEU A 172 -25.93 -35.40 -7.50
C LEU A 172 -25.74 -34.01 -8.05
N PHE A 173 -26.45 -33.72 -9.12
CA PHE A 173 -26.44 -32.42 -9.76
C PHE A 173 -27.81 -31.88 -10.02
N TYR A 174 -27.91 -30.56 -10.03
CA TYR A 174 -29.14 -29.94 -10.41
C TYR A 174 -29.19 -29.90 -11.92
N ARG A 175 -30.37 -30.02 -12.48
CA ARG A 175 -30.58 -30.00 -13.93
C ARG A 175 -29.90 -28.86 -14.65
N LEU A 176 -29.90 -27.68 -14.06
CA LEU A 176 -29.36 -26.50 -14.71
C LEU A 176 -27.84 -26.53 -14.87
N ASP A 177 -27.18 -27.45 -14.18
CA ASP A 177 -25.73 -27.55 -14.23
C ASP A 177 -25.18 -28.61 -15.15
N VAL A 178 -26.02 -29.32 -15.90
CA VAL A 178 -25.48 -30.33 -16.81
C VAL A 178 -26.04 -30.13 -18.22
N VAL A 179 -25.31 -30.63 -19.24
CA VAL A 179 -25.67 -30.58 -20.67
C VAL A 179 -26.77 -31.62 -20.91
N LYS A 194 -27.86 -40.60 -21.56
CA LYS A 194 -27.15 -40.76 -20.28
C LYS A 194 -25.71 -40.17 -20.28
N GLU A 195 -25.23 -39.61 -21.43
CA GLU A 195 -23.88 -39.00 -21.56
C GLU A 195 -23.94 -37.49 -21.41
N TYR A 196 -23.47 -37.03 -20.27
CA TYR A 196 -23.50 -35.65 -19.86
C TYR A 196 -22.15 -35.04 -19.65
N ARG A 197 -22.14 -33.74 -19.72
CA ARG A 197 -20.97 -32.93 -19.44
C ARG A 197 -21.42 -31.87 -18.48
N LEU A 198 -20.50 -31.27 -17.73
CA LEU A 198 -20.93 -30.16 -16.90
C LEU A 198 -21.32 -29.08 -17.87
N ILE A 199 -22.28 -28.27 -17.47
CA ILE A 199 -22.83 -27.27 -18.37
C ILE A 199 -21.83 -26.28 -18.95
N ASN A 200 -20.77 -25.96 -18.23
CA ASN A 200 -19.87 -24.98 -18.79
C ASN A 200 -18.40 -25.38 -18.73
N CYS A 201 -17.97 -26.29 -19.64
CA CYS A 201 -16.55 -26.70 -19.81
C CYS A 201 -16.03 -26.23 -21.17
N ASN A 202 -16.89 -25.68 -22.02
CA ASN A 202 -16.45 -25.22 -23.32
C ASN A 202 -16.29 -23.70 -23.28
N THR A 203 -15.02 -23.22 -23.42
CA THR A 203 -14.53 -21.84 -23.30
C THR A 203 -14.68 -21.36 -21.86
N SER A 204 -14.30 -22.23 -20.93
CA SER A 204 -14.36 -21.90 -19.54
C SER A 204 -13.52 -22.76 -18.63
N ALA A 205 -13.30 -22.24 -17.44
CA ALA A 205 -12.71 -23.03 -16.39
C ALA A 205 -13.60 -22.88 -15.17
N ILE A 206 -13.70 -23.93 -14.38
CA ILE A 206 -14.53 -23.89 -13.20
C ILE A 206 -13.67 -23.97 -11.97
N THR A 207 -13.83 -23.01 -11.08
CA THR A 207 -13.09 -22.97 -9.83
C THR A 207 -14.01 -23.17 -8.65
N GLN A 208 -13.65 -24.04 -7.73
CA GLN A 208 -14.49 -24.25 -6.57
C GLN A 208 -14.26 -23.16 -5.59
N ALA A 209 -15.31 -22.57 -5.08
CA ALA A 209 -15.08 -21.58 -4.06
C ALA A 209 -14.64 -22.32 -2.82
N CYS A 210 -13.64 -21.79 -2.07
CA CYS A 210 -13.18 -22.39 -0.83
C CYS A 210 -14.33 -22.31 0.20
N PRO A 211 -14.74 -23.44 0.80
CA PRO A 211 -15.89 -23.58 1.66
C PRO A 211 -15.79 -22.79 2.94
N LYS A 212 -14.59 -22.39 3.30
CA LYS A 212 -14.38 -21.63 4.51
C LYS A 212 -14.70 -20.16 4.30
N VAL A 213 -14.79 -19.73 3.05
CA VAL A 213 -14.95 -18.31 2.78
C VAL A 213 -16.39 -17.91 2.77
N SER A 214 -16.67 -16.89 3.53
CA SER A 214 -18.01 -16.38 3.58
C SER A 214 -18.20 -15.20 2.67
N PHE A 215 -19.29 -15.23 1.95
CA PHE A 215 -19.65 -14.16 1.05
C PHE A 215 -20.83 -13.38 1.58
N GLU A 216 -21.14 -13.58 2.85
CA GLU A 216 -22.24 -12.87 3.47
C GLU A 216 -21.92 -11.39 3.39
N PRO A 217 -22.83 -10.53 2.96
CA PRO A 217 -22.59 -9.13 2.93
C PRO A 217 -22.56 -8.61 4.34
N ILE A 218 -21.68 -7.67 4.61
CA ILE A 218 -21.63 -7.00 5.88
C ILE A 218 -21.67 -5.55 5.49
N PRO A 219 -22.02 -4.59 6.34
CA PRO A 219 -21.99 -3.19 6.00
C PRO A 219 -20.58 -2.76 5.62
N ILE A 220 -20.49 -2.03 4.52
CA ILE A 220 -19.26 -1.50 3.97
C ILE A 220 -19.26 0.02 3.98
N HIS A 221 -18.22 0.63 4.50
CA HIS A 221 -18.18 2.09 4.50
C HIS A 221 -17.10 2.61 3.56
N TYR A 222 -17.46 3.43 2.57
CA TYR A 222 -16.43 4.00 1.70
C TYR A 222 -16.01 5.34 2.23
N CYS A 223 -14.70 5.50 2.58
CA CYS A 223 -14.18 6.67 3.27
C CYS A 223 -13.14 7.43 2.45
N ALA A 224 -13.18 8.77 2.56
CA ALA A 224 -12.29 9.62 1.78
C ALA A 224 -10.85 9.64 2.27
N PRO A 225 -9.86 9.73 1.38
CA PRO A 225 -8.45 9.94 1.63
C PRO A 225 -8.20 11.38 1.98
N ALA A 226 -7.06 11.68 2.57
CA ALA A 226 -6.75 13.05 2.89
C ALA A 226 -6.78 13.94 1.68
N GLY A 227 -7.36 15.12 1.86
CA GLY A 227 -7.50 16.11 0.82
C GLY A 227 -8.87 16.05 0.14
N PHE A 228 -9.63 15.03 0.44
CA PHE A 228 -10.96 14.82 -0.13
C PHE A 228 -12.04 14.76 0.90
N ALA A 229 -13.25 14.99 0.47
CA ALA A 229 -14.38 14.91 1.35
C ALA A 229 -15.59 14.38 0.64
N ILE A 230 -16.47 13.75 1.38
CA ILE A 230 -17.70 13.25 0.81
C ILE A 230 -18.86 14.10 1.26
N LEU A 231 -19.62 14.60 0.32
CA LEU A 231 -20.76 15.42 0.64
C LEU A 231 -21.99 14.58 0.55
N LYS A 232 -22.88 14.74 1.49
CA LYS A 232 -24.11 13.98 1.53
C LYS A 232 -25.34 14.86 1.40
N CYS A 233 -26.30 14.45 0.54
CA CYS A 233 -27.59 15.12 0.33
C CYS A 233 -28.63 14.54 1.28
N LYS A 234 -29.20 15.41 2.11
CA LYS A 234 -30.20 15.03 3.09
C LYS A 234 -31.63 15.39 2.69
N ASP A 235 -31.81 15.87 1.50
CA ASP A 235 -33.14 16.23 1.07
C ASP A 235 -33.96 14.96 0.87
N LYS A 236 -35.02 14.83 1.66
CA LYS A 236 -35.89 13.66 1.71
C LYS A 236 -36.62 13.43 0.41
N LYS A 237 -36.72 14.45 -0.41
CA LYS A 237 -37.41 14.33 -1.68
C LYS A 237 -36.43 14.22 -2.83
N PHE A 238 -35.14 14.13 -2.54
CA PHE A 238 -34.16 14.15 -3.62
C PHE A 238 -34.39 12.98 -4.56
N ASN A 239 -34.46 13.27 -5.88
CA ASN A 239 -34.72 12.31 -6.96
C ASN A 239 -33.53 12.12 -7.93
N GLY A 240 -32.30 12.57 -7.57
CA GLY A 240 -31.12 12.51 -8.44
C GLY A 240 -30.99 13.79 -9.25
N THR A 241 -30.06 13.76 -10.19
CA THR A 241 -29.67 14.85 -11.10
C THR A 241 -30.24 16.21 -10.75
N GLY A 242 -29.66 16.87 -9.77
CA GLY A 242 -30.17 18.18 -9.44
C GLY A 242 -29.59 18.74 -8.16
N PRO A 243 -29.90 20.01 -7.84
CA PRO A 243 -29.44 20.72 -6.68
C PRO A 243 -30.07 20.13 -5.45
N CYS A 244 -29.32 20.16 -4.34
CA CYS A 244 -29.75 19.74 -3.02
C CYS A 244 -29.36 20.86 -2.09
N THR A 245 -30.31 21.30 -1.29
CA THR A 245 -30.11 22.41 -0.37
C THR A 245 -29.77 22.07 1.09
N ASN A 246 -29.75 20.78 1.44
CA ASN A 246 -29.45 20.26 2.77
C ASN A 246 -28.26 19.31 2.63
N VAL A 247 -27.05 19.88 2.66
CA VAL A 247 -25.80 19.19 2.38
C VAL A 247 -24.93 19.19 3.59
N SER A 248 -24.41 18.01 3.90
CA SER A 248 -23.51 17.89 5.02
C SER A 248 -22.26 17.18 4.59
N THR A 249 -21.20 17.41 5.30
CA THR A 249 -19.95 16.74 4.99
C THR A 249 -19.80 15.60 5.91
N VAL A 250 -19.42 14.45 5.39
CA VAL A 250 -19.25 13.33 6.26
C VAL A 250 -17.88 12.77 6.11
N GLN A 251 -17.41 12.08 7.14
CA GLN A 251 -16.13 11.39 6.99
C GLN A 251 -16.19 10.29 5.93
N CYS A 252 -17.33 9.56 5.92
CA CYS A 252 -17.63 8.44 5.06
C CYS A 252 -19.09 8.08 5.02
N THR A 253 -19.41 7.15 4.15
CA THR A 253 -20.78 6.75 3.92
C THR A 253 -21.32 5.91 5.04
N HIS A 254 -22.62 5.71 5.01
CA HIS A 254 -23.30 4.85 5.94
C HIS A 254 -22.88 3.47 5.54
N GLY A 255 -23.14 2.48 6.36
CA GLY A 255 -22.74 1.19 5.90
C GLY A 255 -23.68 0.75 4.81
N ILE A 256 -23.12 0.22 3.76
CA ILE A 256 -23.86 -0.31 2.64
C ILE A 256 -23.65 -1.78 2.54
N LYS A 257 -24.71 -2.56 2.49
CA LYS A 257 -24.51 -3.99 2.36
C LYS A 257 -24.40 -4.34 0.87
N PRO A 258 -23.32 -4.96 0.41
CA PRO A 258 -23.07 -5.33 -0.96
C PRO A 258 -23.86 -6.55 -1.35
N VAL A 259 -25.16 -6.40 -1.36
CA VAL A 259 -26.06 -7.48 -1.70
C VAL A 259 -26.15 -7.56 -3.19
N VAL A 260 -25.98 -8.74 -3.74
CA VAL A 260 -26.07 -8.92 -5.17
C VAL A 260 -27.36 -9.60 -5.54
N SER A 261 -28.20 -8.92 -6.31
CA SER A 261 -29.49 -9.45 -6.72
C SER A 261 -30.01 -8.84 -8.00
N THR A 262 -31.03 -9.46 -8.56
CA THR A 262 -31.71 -8.89 -9.72
C THR A 262 -33.17 -8.68 -9.44
N GLN A 263 -33.81 -7.78 -10.21
CA GLN A 263 -35.24 -7.45 -10.15
C GLN A 263 -35.67 -6.76 -8.85
N LEU A 264 -35.48 -7.45 -7.74
CA LEU A 264 -35.81 -6.90 -6.45
C LEU A 264 -34.53 -6.61 -5.70
N LEU A 265 -34.48 -5.44 -5.10
CA LEU A 265 -33.35 -5.02 -4.31
C LEU A 265 -33.61 -5.47 -2.91
N LEU A 266 -32.67 -6.16 -2.33
CA LEU A 266 -32.86 -6.64 -0.98
C LEU A 266 -31.96 -5.95 0.02
N ASN A 267 -32.46 -5.80 1.27
CA ASN A 267 -31.79 -5.31 2.48
C ASN A 267 -31.11 -3.92 2.31
N GLY A 268 -31.75 -2.98 1.59
CA GLY A 268 -31.25 -1.62 1.37
C GLY A 268 -31.96 -0.63 2.27
N SER A 269 -31.80 0.63 1.95
CA SER A 269 -32.42 1.70 2.71
C SER A 269 -33.86 1.88 2.27
N LEU A 270 -34.64 2.55 3.11
CA LEU A 270 -36.02 2.90 2.79
C LEU A 270 -36.16 4.38 2.65
N ALA A 271 -37.10 4.80 1.83
CA ALA A 271 -37.38 6.22 1.64
C ALA A 271 -37.97 6.76 2.93
N GLU A 272 -37.67 7.99 3.28
CA GLU A 272 -38.21 8.53 4.52
C GLU A 272 -39.72 8.77 4.56
N GLU A 273 -40.29 9.26 3.47
CA GLU A 273 -41.71 9.62 3.48
C GLU A 273 -42.61 8.96 2.44
N GLU A 274 -42.09 8.75 1.25
CA GLU A 274 -42.89 8.27 0.15
C GLU A 274 -42.05 7.47 -0.81
N VAL A 275 -42.68 6.68 -1.65
CA VAL A 275 -41.95 5.94 -2.64
C VAL A 275 -41.30 6.87 -3.64
N ILE A 276 -40.03 6.66 -3.93
CA ILE A 276 -39.38 7.56 -4.86
C ILE A 276 -39.01 6.88 -6.16
N ILE A 277 -39.47 7.46 -7.25
CA ILE A 277 -39.21 6.95 -8.58
C ILE A 277 -38.04 7.70 -9.18
N ARG A 278 -36.94 7.02 -9.51
CA ARG A 278 -35.79 7.73 -10.04
C ARG A 278 -35.26 7.10 -11.32
N SER A 279 -34.87 7.93 -12.27
CA SER A 279 -34.29 7.42 -13.51
C SER A 279 -33.44 8.49 -14.15
N GLU A 280 -32.52 8.11 -15.02
CA GLU A 280 -31.69 9.11 -15.71
C GLU A 280 -32.51 10.04 -16.62
N ASN A 281 -33.49 9.47 -17.35
CA ASN A 281 -34.40 10.13 -18.29
C ASN A 281 -35.67 9.27 -18.36
N ILE A 282 -36.72 9.63 -17.58
CA ILE A 282 -37.93 8.80 -17.41
C ILE A 282 -38.76 8.54 -18.65
N THR A 283 -38.69 9.42 -19.64
CA THR A 283 -39.46 9.19 -20.84
C THR A 283 -38.72 8.31 -21.83
N ASN A 284 -37.46 8.00 -21.54
CA ASN A 284 -36.60 7.18 -22.39
C ASN A 284 -36.73 5.70 -22.01
N ASN A 285 -37.20 4.86 -22.92
CA ASN A 285 -37.42 3.44 -22.60
C ASN A 285 -36.12 2.67 -22.47
N ALA A 286 -35.02 3.30 -22.83
CA ALA A 286 -33.71 2.68 -22.76
C ALA A 286 -33.12 2.79 -21.36
N LYS A 287 -33.78 3.52 -20.47
CA LYS A 287 -33.25 3.71 -19.14
C LYS A 287 -34.08 2.95 -18.13
N ASN A 288 -33.44 2.50 -17.05
CA ASN A 288 -34.15 1.78 -16.00
C ASN A 288 -34.70 2.74 -14.98
N ILE A 289 -35.76 2.31 -14.31
CA ILE A 289 -36.36 3.05 -13.23
C ILE A 289 -36.08 2.37 -11.92
N LEU A 290 -35.49 3.08 -10.99
CA LEU A 290 -35.25 2.48 -9.71
C LEU A 290 -36.33 2.97 -8.80
N VAL A 291 -36.91 2.09 -8.03
CA VAL A 291 -37.94 2.50 -7.12
C VAL A 291 -37.52 2.25 -5.72
N GLN A 292 -37.46 3.30 -4.92
CA GLN A 292 -37.09 3.16 -3.52
C GLN A 292 -38.36 3.07 -2.71
N LEU A 293 -38.55 1.99 -1.97
CA LEU A 293 -39.80 1.86 -1.26
C LEU A 293 -39.79 2.64 0.04
N ASN A 294 -41.00 3.07 0.48
CA ASN A 294 -41.30 3.77 1.74
C ASN A 294 -41.28 2.84 2.96
N GLU A 295 -41.65 1.55 2.78
CA GLU A 295 -41.70 0.52 3.81
C GLU A 295 -41.19 -0.75 3.18
N SER A 296 -40.63 -1.63 3.97
CA SER A 296 -40.13 -2.89 3.46
C SER A 296 -41.23 -3.91 3.24
N VAL A 297 -40.96 -4.86 2.35
CA VAL A 297 -41.88 -5.97 2.18
C VAL A 297 -41.12 -7.21 2.58
N GLN A 298 -41.67 -7.96 3.52
CA GLN A 298 -40.92 -9.12 3.96
C GLN A 298 -41.17 -10.33 3.09
N ILE A 299 -40.06 -10.97 2.71
CA ILE A 299 -40.03 -12.19 1.91
C ILE A 299 -39.23 -13.32 2.64
N ASN A 300 -39.85 -14.52 2.79
CA ASN A 300 -39.29 -15.72 3.45
C ASN A 300 -38.91 -16.78 2.40
N CYS A 301 -37.60 -17.03 2.19
CA CYS A 301 -37.09 -17.96 1.17
C CYS A 301 -36.49 -19.21 1.78
N THR A 302 -36.76 -20.35 1.14
CA THR A 302 -36.19 -21.58 1.62
C THR A 302 -35.83 -22.59 0.57
N ARG A 303 -34.90 -23.44 0.98
CA ARG A 303 -34.43 -24.59 0.24
C ARG A 303 -34.68 -25.75 1.18
N PRO A 304 -35.88 -26.35 1.15
CA PRO A 304 -36.40 -27.29 2.12
C PRO A 304 -35.71 -28.64 2.19
N ASN A 305 -34.95 -28.98 1.17
CA ASN A 305 -34.30 -30.27 1.14
C ASN A 305 -33.10 -30.31 2.07
N ASN A 306 -32.99 -31.40 2.88
CA ASN A 306 -31.90 -31.64 3.82
C ASN A 306 -30.75 -32.35 3.10
N ASN A 307 -29.74 -31.56 2.69
CA ASN A 307 -28.60 -32.02 1.88
C ASN A 307 -27.42 -32.45 2.70
N THR A 308 -26.59 -33.26 2.10
CA THR A 308 -25.35 -33.58 2.75
C THR A 308 -24.19 -33.26 1.84
N ARG A 309 -23.01 -33.33 2.39
CA ARG A 309 -21.81 -33.01 1.64
C ARG A 309 -20.88 -34.20 1.53
N LYS A 310 -20.52 -34.55 0.31
CA LYS A 310 -19.64 -35.68 0.06
C LYS A 310 -18.25 -35.21 -0.33
N SER A 311 -17.30 -35.34 0.58
CA SER A 311 -15.96 -34.82 0.32
C SER A 311 -15.10 -35.82 -0.43
N ILE A 312 -14.61 -35.43 -1.60
CA ILE A 312 -13.79 -36.29 -2.43
C ILE A 312 -12.37 -35.76 -2.57
N ARG A 313 -11.38 -36.59 -2.25
CA ARG A 313 -10.00 -36.14 -2.42
C ARG A 313 -9.63 -36.41 -3.86
N ILE A 314 -9.24 -35.36 -4.58
CA ILE A 314 -8.93 -35.48 -6.02
C ILE A 314 -7.46 -35.28 -6.33
N GLY A 315 -6.69 -34.89 -5.33
CA GLY A 315 -5.25 -34.68 -5.48
C GLY A 315 -4.63 -34.39 -4.12
N PRO A 316 -3.36 -33.98 -4.05
CA PRO A 316 -2.58 -33.78 -2.84
C PRO A 316 -3.02 -32.57 -2.04
N GLY A 317 -4.12 -32.74 -1.33
CA GLY A 317 -4.75 -31.69 -0.53
C GLY A 317 -5.81 -30.96 -1.33
N GLN A 318 -6.16 -31.55 -2.45
CA GLN A 318 -7.14 -30.99 -3.34
C GLN A 318 -8.46 -31.68 -3.12
N TRP A 319 -9.43 -30.94 -2.61
CA TRP A 319 -10.72 -31.52 -2.32
C TRP A 319 -11.83 -30.94 -3.15
N PHE A 320 -12.72 -31.81 -3.54
CA PHE A 320 -13.94 -31.49 -4.25
C PHE A 320 -15.14 -31.76 -3.38
N TYR A 321 -16.05 -30.81 -3.29
CA TYR A 321 -17.22 -31.06 -2.46
C TYR A 321 -18.45 -31.32 -3.28
N ALA A 322 -18.89 -32.56 -3.25
CA ALA A 322 -19.99 -33.02 -4.05
C ALA A 322 -21.29 -33.04 -3.28
N THR A 323 -22.40 -32.92 -3.98
CA THR A 323 -23.69 -33.05 -3.31
C THR A 323 -23.99 -34.51 -3.07
N GLY A 324 -24.30 -34.87 -1.84
CA GLY A 324 -24.63 -36.26 -1.56
C GLY A 324 -26.14 -36.46 -1.51
N ASP A 325 -26.57 -37.63 -1.10
CA ASP A 325 -27.99 -37.95 -1.06
C ASP A 325 -28.79 -37.06 -0.14
N ILE A 326 -30.03 -36.81 -0.52
CA ILE A 326 -30.97 -36.03 0.26
C ILE A 326 -31.65 -36.89 1.30
N ILE A 327 -31.70 -36.37 2.50
CA ILE A 327 -32.32 -37.04 3.63
C ILE A 327 -33.76 -36.56 3.72
N GLY A 328 -34.71 -37.48 3.75
CA GLY A 328 -36.10 -37.07 3.76
C GLY A 328 -36.55 -36.92 2.31
N ASP A 329 -37.67 -36.26 2.06
CA ASP A 329 -38.14 -36.22 0.68
C ASP A 329 -37.60 -35.01 -0.06
N ILE A 330 -37.95 -34.91 -1.35
CA ILE A 330 -37.44 -33.84 -2.20
C ILE A 330 -38.53 -32.89 -2.69
N ARG A 331 -38.37 -31.62 -2.34
CA ARG A 331 -39.33 -30.55 -2.63
C ARG A 331 -38.69 -29.34 -3.31
N GLN A 332 -39.50 -28.55 -4.03
CA GLN A 332 -39.01 -27.34 -4.68
C GLN A 332 -38.77 -26.16 -3.74
N ALA A 333 -37.66 -25.45 -3.99
CA ALA A 333 -37.31 -24.25 -3.26
C ALA A 333 -38.33 -23.19 -3.57
N HIS A 334 -38.62 -22.33 -2.62
CA HIS A 334 -39.63 -21.30 -2.85
C HIS A 334 -39.49 -20.10 -1.91
N CYS A 335 -40.17 -18.97 -2.25
CA CYS A 335 -40.25 -17.75 -1.41
C CYS A 335 -41.70 -17.33 -1.16
N ASN A 336 -41.98 -16.97 0.08
CA ASN A 336 -43.28 -16.50 0.55
C ASN A 336 -43.29 -14.98 0.76
N VAL A 337 -44.07 -14.25 -0.07
CA VAL A 337 -44.19 -12.78 -0.05
C VAL A 337 -45.52 -12.42 0.58
N SER A 338 -45.52 -11.57 1.62
CA SER A 338 -46.84 -11.27 2.21
C SER A 338 -47.74 -10.67 1.14
N LYS A 339 -48.96 -11.22 0.99
CA LYS A 339 -49.81 -10.77 -0.10
C LYS A 339 -50.42 -9.42 0.10
N ALA A 340 -50.90 -9.14 1.30
CA ALA A 340 -51.53 -7.86 1.51
C ALA A 340 -50.51 -6.76 1.37
N THR A 341 -49.31 -7.01 1.86
CA THR A 341 -48.28 -5.99 1.80
C THR A 341 -47.93 -5.76 0.35
N TRP A 342 -47.76 -6.83 -0.43
CA TRP A 342 -47.41 -6.62 -1.80
C TRP A 342 -48.44 -5.81 -2.53
N ASN A 343 -49.73 -6.11 -2.34
CA ASN A 343 -50.73 -5.34 -3.07
C ASN A 343 -50.69 -3.87 -2.72
N GLU A 344 -50.53 -3.55 -1.44
CA GLU A 344 -50.49 -2.16 -1.05
C GLU A 344 -49.23 -1.50 -1.53
N THR A 345 -48.13 -2.23 -1.52
CA THR A 345 -46.85 -1.72 -1.94
C THR A 345 -46.88 -1.37 -3.39
N LEU A 346 -47.47 -2.25 -4.18
CA LEU A 346 -47.50 -2.00 -5.60
C LEU A 346 -48.41 -0.81 -5.85
N GLY A 347 -49.51 -0.70 -5.09
CA GLY A 347 -50.39 0.43 -5.27
C GLY A 347 -49.66 1.75 -5.00
N LYS A 348 -48.77 1.77 -3.98
CA LYS A 348 -48.00 2.99 -3.69
C LYS A 348 -47.10 3.35 -4.87
N VAL A 349 -46.51 2.34 -5.49
CA VAL A 349 -45.64 2.59 -6.62
C VAL A 349 -46.45 3.20 -7.74
N VAL A 350 -47.64 2.66 -7.98
CA VAL A 350 -48.50 3.17 -9.04
C VAL A 350 -48.89 4.61 -8.80
N LYS A 351 -49.23 4.97 -7.56
CA LYS A 351 -49.59 6.35 -7.32
C LYS A 351 -48.47 7.29 -7.69
N GLN A 352 -47.22 6.86 -7.49
CA GLN A 352 -46.10 7.72 -7.84
C GLN A 352 -45.83 7.66 -9.34
N LEU A 353 -46.05 6.51 -9.97
CA LEU A 353 -45.82 6.42 -11.40
C LEU A 353 -46.79 7.36 -12.10
N ARG A 354 -47.98 7.52 -11.55
CA ARG A 354 -49.02 8.39 -12.12
C ARG A 354 -48.71 9.88 -12.02
N LYS A 355 -47.58 10.25 -11.42
CA LYS A 355 -47.17 11.64 -11.42
C LYS A 355 -46.42 11.91 -12.72
N HIS A 356 -46.24 10.85 -13.50
CA HIS A 356 -45.59 10.83 -14.77
C HIS A 356 -46.50 10.04 -15.70
N PHE A 357 -46.38 10.24 -16.99
CA PHE A 357 -47.12 9.46 -17.99
C PHE A 357 -48.65 9.69 -18.03
N GLY A 358 -49.13 10.72 -17.34
CA GLY A 358 -50.55 11.06 -17.34
C GLY A 358 -51.26 10.71 -16.02
N ASN A 359 -52.15 11.63 -15.54
CA ASN A 359 -52.92 11.50 -14.29
C ASN A 359 -54.01 10.41 -14.35
N ASN A 360 -54.56 10.11 -15.56
CA ASN A 360 -55.62 9.12 -15.80
C ASN A 360 -55.22 8.19 -16.91
N THR A 361 -54.34 7.27 -16.59
CA THR A 361 -53.87 6.29 -17.54
C THR A 361 -53.93 4.94 -16.91
N ILE A 362 -53.62 3.93 -17.69
CA ILE A 362 -53.64 2.58 -17.15
C ILE A 362 -52.25 2.02 -17.02
N ILE A 363 -51.95 1.56 -15.83
CA ILE A 363 -50.64 0.99 -15.56
C ILE A 363 -50.69 -0.49 -15.35
N ARG A 364 -49.90 -1.20 -16.14
CA ARG A 364 -49.86 -2.64 -16.02
C ARG A 364 -48.50 -3.15 -15.64
N PHE A 365 -48.50 -4.23 -14.89
CA PHE A 365 -47.27 -4.91 -14.56
C PHE A 365 -47.29 -6.27 -15.17
N ALA A 366 -46.14 -6.63 -15.70
CA ALA A 366 -45.94 -7.89 -16.37
C ALA A 366 -44.53 -8.41 -16.12
N ASN A 367 -44.30 -9.71 -16.33
CA ASN A 367 -43.01 -10.38 -16.22
C ASN A 367 -42.21 -10.25 -17.53
N SER A 368 -40.88 -10.54 -17.46
CA SER A 368 -39.97 -10.53 -18.60
C SER A 368 -40.15 -11.79 -19.45
N LEU A 373 -31.66 -16.50 -17.82
CA LEU A 373 -32.12 -16.97 -16.51
C LEU A 373 -31.94 -15.88 -15.43
N GLU A 374 -30.71 -15.32 -15.30
CA GLU A 374 -30.34 -14.33 -14.29
C GLU A 374 -31.03 -12.98 -14.48
N VAL A 375 -31.66 -12.77 -15.61
CA VAL A 375 -32.38 -11.53 -15.84
C VAL A 375 -33.87 -11.73 -15.62
N THR A 376 -34.42 -12.83 -16.15
CA THR A 376 -35.85 -13.06 -16.08
C THR A 376 -36.30 -13.57 -14.72
N THR A 377 -35.39 -14.14 -13.95
CA THR A 377 -35.73 -14.56 -12.61
C THR A 377 -35.06 -13.65 -11.59
N HIS A 378 -35.49 -13.76 -10.36
CA HIS A 378 -34.93 -13.01 -9.25
C HIS A 378 -33.78 -13.78 -8.68
N SER A 379 -32.59 -13.31 -8.99
CA SER A 379 -31.39 -13.96 -8.55
C SER A 379 -30.94 -13.41 -7.24
N PHE A 380 -30.58 -14.28 -6.31
CA PHE A 380 -29.99 -13.85 -5.05
C PHE A 380 -29.24 -14.94 -4.34
N ASN A 381 -28.34 -14.56 -3.46
CA ASN A 381 -27.68 -15.50 -2.60
C ASN A 381 -28.48 -15.66 -1.31
N CYS A 382 -28.62 -16.90 -0.81
CA CYS A 382 -29.32 -17.23 0.44
C CYS A 382 -28.57 -18.32 1.19
N GLY A 383 -27.84 -17.91 2.21
CA GLY A 383 -27.08 -18.85 3.01
C GLY A 383 -25.85 -19.37 2.32
N GLY A 384 -25.45 -18.76 1.20
CA GLY A 384 -24.35 -19.24 0.42
C GLY A 384 -24.87 -20.00 -0.80
N GLU A 385 -26.16 -20.31 -0.83
CA GLU A 385 -26.75 -21.02 -1.95
C GLU A 385 -27.24 -20.01 -3.00
N PHE A 386 -27.33 -20.44 -4.25
CA PHE A 386 -27.81 -19.54 -5.31
C PHE A 386 -29.19 -19.84 -5.86
N PHE A 387 -30.10 -18.89 -5.62
CA PHE A 387 -31.51 -18.98 -5.99
C PHE A 387 -31.87 -18.17 -7.20
N TYR A 388 -32.75 -18.73 -7.99
CA TYR A 388 -33.35 -18.10 -9.18
C TYR A 388 -34.88 -18.24 -9.12
N CYS A 389 -35.59 -17.22 -8.55
CA CYS A 389 -37.02 -17.29 -8.25
C CYS A 389 -37.90 -16.65 -9.32
N ASN A 390 -39.07 -17.24 -9.51
CA ASN A 390 -40.08 -16.81 -10.47
C ASN A 390 -40.98 -15.73 -9.88
N THR A 391 -40.86 -14.48 -10.38
CA THR A 391 -41.55 -13.28 -9.91
C THR A 391 -42.76 -12.92 -10.74
N SER A 392 -43.18 -13.82 -11.62
CA SER A 392 -44.38 -13.55 -12.42
C SER A 392 -45.61 -13.55 -11.53
N GLY A 393 -45.48 -14.10 -10.33
CA GLY A 393 -46.56 -14.11 -9.38
C GLY A 393 -46.69 -12.78 -8.66
N LEU A 394 -45.72 -11.89 -8.87
CA LEU A 394 -45.75 -10.58 -8.23
C LEU A 394 -46.10 -9.50 -9.24
N PHE A 395 -45.47 -9.55 -10.40
CA PHE A 395 -45.71 -8.53 -11.42
C PHE A 395 -46.82 -8.92 -12.37
N ASN A 396 -48.04 -9.00 -11.83
CA ASN A 396 -49.27 -9.43 -12.52
C ASN A 396 -50.48 -8.59 -12.07
N SER A 397 -50.66 -7.38 -12.68
CA SER A 397 -51.78 -6.47 -12.31
C SER A 397 -52.08 -5.41 -13.34
N THR A 398 -53.31 -4.87 -13.28
CA THR A 398 -53.71 -3.71 -14.06
C THR A 398 -54.32 -2.67 -13.13
N TRP A 399 -53.81 -1.46 -13.21
CA TRP A 399 -54.29 -0.40 -12.36
C TRP A 399 -54.99 0.67 -13.18
N ILE A 400 -56.17 1.06 -12.74
CA ILE A 400 -57.00 2.04 -13.42
C ILE A 400 -57.39 3.16 -12.47
N SER A 401 -57.90 4.28 -12.99
CA SER A 401 -58.38 5.34 -12.11
C SER A 401 -59.58 4.79 -11.35
N ASN A 402 -59.72 5.15 -10.04
CA ASN A 402 -60.83 4.75 -9.14
C ASN A 402 -60.96 3.21 -9.08
N ASP A 415 -53.31 -15.01 2.07
CA ASP A 415 -52.40 -14.34 3.00
C ASP A 415 -50.99 -14.08 2.41
N SER A 416 -50.49 -14.97 1.54
CA SER A 416 -49.16 -14.92 0.93
C SER A 416 -49.13 -15.40 -0.50
N ILE A 417 -48.11 -14.97 -1.20
CA ILE A 417 -47.84 -15.36 -2.57
C ILE A 417 -46.64 -16.27 -2.58
N THR A 418 -46.75 -17.44 -3.19
CA THR A 418 -45.60 -18.33 -3.20
C THR A 418 -44.94 -18.32 -4.56
N LEU A 419 -43.65 -18.03 -4.55
CA LEU A 419 -42.85 -17.99 -5.75
C LEU A 419 -42.00 -19.26 -5.79
N PRO A 420 -42.09 -20.11 -6.81
CA PRO A 420 -41.28 -21.29 -6.92
C PRO A 420 -39.90 -20.76 -7.25
N CYS A 421 -38.83 -21.48 -6.82
CA CYS A 421 -37.43 -21.12 -7.08
C CYS A 421 -36.61 -22.30 -7.59
N ARG A 422 -35.63 -21.99 -8.43
CA ARG A 422 -34.67 -22.95 -8.89
C ARG A 422 -33.33 -22.72 -8.23
N ILE A 423 -32.54 -23.77 -8.15
CA ILE A 423 -31.20 -23.71 -7.59
C ILE A 423 -30.18 -24.02 -8.66
N LYS A 424 -29.11 -23.25 -8.71
CA LYS A 424 -28.07 -23.50 -9.70
C LYS A 424 -26.73 -23.48 -8.98
N GLN A 425 -25.88 -24.48 -9.25
CA GLN A 425 -24.59 -24.58 -8.56
C GLN A 425 -23.40 -23.95 -9.31
N ILE A 426 -23.40 -23.96 -10.65
CA ILE A 426 -22.30 -23.35 -11.40
C ILE A 426 -22.71 -21.94 -11.78
N ILE A 427 -21.95 -20.99 -11.28
CA ILE A 427 -22.27 -19.58 -11.34
C ILE A 427 -21.36 -18.68 -12.18
N ASN A 428 -21.98 -17.83 -12.99
CA ASN A 428 -21.30 -16.83 -13.81
C ASN A 428 -21.86 -15.47 -13.40
N MET A 429 -21.27 -14.88 -12.36
CA MET A 429 -21.90 -13.72 -11.71
C MET A 429 -22.03 -12.40 -12.45
N TRP A 430 -21.11 -12.04 -13.33
CA TRP A 430 -21.23 -10.73 -13.95
C TRP A 430 -21.11 -10.71 -15.44
N GLN A 431 -22.00 -11.38 -16.13
CA GLN A 431 -21.96 -11.39 -17.58
C GLN A 431 -20.60 -11.79 -18.16
N ARG A 432 -19.99 -12.84 -17.64
CA ARG A 432 -18.71 -13.30 -18.14
C ARG A 432 -18.88 -14.75 -18.50
N ILE A 433 -18.09 -15.22 -19.45
CA ILE A 433 -18.21 -16.59 -19.93
C ILE A 433 -17.21 -17.60 -19.36
N GLY A 434 -15.94 -17.23 -19.34
CA GLY A 434 -14.94 -18.22 -18.98
C GLY A 434 -14.60 -18.34 -17.51
N GLN A 435 -15.18 -17.51 -16.68
CA GLN A 435 -14.87 -17.56 -15.27
C GLN A 435 -16.06 -18.09 -14.51
N ALA A 436 -16.10 -19.38 -14.24
CA ALA A 436 -17.26 -19.91 -13.57
C ALA A 436 -16.88 -20.39 -12.21
N MET A 437 -17.77 -20.16 -11.27
CA MET A 437 -17.55 -20.59 -9.92
C MET A 437 -18.41 -21.77 -9.58
N TYR A 438 -17.85 -22.72 -8.86
CA TYR A 438 -18.65 -23.83 -8.39
C TYR A 438 -18.95 -23.67 -6.94
N ALA A 439 -20.21 -23.49 -6.61
CA ALA A 439 -20.59 -23.32 -5.24
C ALA A 439 -20.61 -24.68 -4.55
N PRO A 440 -19.90 -24.89 -3.44
CA PRO A 440 -19.93 -26.13 -2.71
C PRO A 440 -21.35 -26.29 -2.24
N PRO A 441 -21.84 -27.50 -2.06
CA PRO A 441 -23.15 -27.78 -1.53
C PRO A 441 -23.18 -27.41 -0.08
N ILE A 442 -24.33 -27.01 0.39
CA ILE A 442 -24.54 -26.67 1.77
C ILE A 442 -25.43 -27.65 2.47
N GLN A 443 -24.87 -28.23 3.52
CA GLN A 443 -25.48 -29.23 4.36
C GLN A 443 -26.63 -28.68 5.18
N GLY A 444 -27.68 -29.46 5.32
CA GLY A 444 -28.82 -29.03 6.11
C GLY A 444 -29.88 -28.38 5.25
N VAL A 445 -30.69 -27.55 5.89
CA VAL A 445 -31.85 -26.91 5.28
C VAL A 445 -31.66 -25.40 5.38
N ILE A 446 -31.94 -24.68 4.30
CA ILE A 446 -31.72 -23.23 4.28
C ILE A 446 -32.97 -22.40 4.35
N ARG A 447 -32.97 -21.45 5.27
CA ARG A 447 -34.05 -20.49 5.38
C ARG A 447 -33.46 -19.08 5.53
N CYS A 448 -33.94 -18.10 4.73
CA CYS A 448 -33.55 -16.69 4.77
C CYS A 448 -34.77 -15.81 4.91
N VAL A 449 -34.64 -14.79 5.71
CA VAL A 449 -35.68 -13.81 5.85
C VAL A 449 -35.09 -12.51 5.39
N SER A 450 -35.68 -11.88 4.41
CA SER A 450 -35.09 -10.66 3.90
C SER A 450 -36.13 -9.60 3.55
N ASN A 451 -35.66 -8.33 3.44
CA ASN A 451 -36.47 -7.16 3.14
C ASN A 451 -36.34 -6.73 1.69
N ILE A 452 -37.49 -6.55 0.99
CA ILE A 452 -37.53 -5.97 -0.35
C ILE A 452 -37.60 -4.49 -0.09
N THR A 453 -36.59 -3.76 -0.52
CA THR A 453 -36.50 -2.34 -0.22
C THR A 453 -36.58 -1.48 -1.46
N GLY A 454 -36.70 -2.13 -2.59
CA GLY A 454 -36.78 -1.42 -3.85
C GLY A 454 -36.92 -2.36 -5.02
N LEU A 455 -37.37 -1.78 -6.11
CA LEU A 455 -37.63 -2.51 -7.34
C LEU A 455 -36.82 -1.98 -8.49
N ILE A 456 -36.49 -2.81 -9.46
CA ILE A 456 -35.92 -2.28 -10.70
C ILE A 456 -36.93 -2.50 -11.81
N LEU A 457 -37.40 -1.44 -12.43
CA LEU A 457 -38.38 -1.57 -13.49
C LEU A 457 -37.95 -1.01 -14.83
N THR A 458 -38.48 -1.58 -15.90
CA THR A 458 -38.27 -0.98 -17.20
C THR A 458 -39.63 -0.73 -17.79
N ARG A 459 -39.71 0.13 -18.80
CA ARG A 459 -40.99 0.45 -19.41
C ARG A 459 -40.98 0.08 -20.89
N ASP A 460 -42.09 -0.54 -21.38
CA ASP A 460 -42.29 -0.95 -22.78
C ASP A 460 -42.25 0.26 -23.72
N THR A 468 -52.52 3.67 -21.88
CA THR A 468 -52.16 2.42 -21.25
C THR A 468 -50.65 2.16 -21.46
N GLU A 469 -49.92 1.87 -20.36
CA GLU A 469 -48.47 1.59 -20.33
C GLU A 469 -48.14 0.38 -19.45
N THR A 470 -47.06 -0.31 -19.81
CA THR A 470 -46.61 -1.52 -19.10
C THR A 470 -45.16 -1.48 -18.59
N PHE A 471 -45.01 -1.93 -17.35
CA PHE A 471 -43.72 -2.00 -16.68
C PHE A 471 -43.34 -3.44 -16.37
N ARG A 472 -42.04 -3.73 -16.45
CA ARG A 472 -41.55 -5.07 -16.19
C ARG A 472 -40.32 -5.07 -15.27
N PRO A 473 -40.09 -6.15 -14.51
CA PRO A 473 -38.97 -6.34 -13.62
C PRO A 473 -37.68 -6.68 -14.33
N GLY A 474 -37.04 -5.67 -14.88
CA GLY A 474 -35.78 -5.86 -15.60
C GLY A 474 -34.61 -5.82 -14.61
N GLY A 475 -33.37 -5.70 -15.11
CA GLY A 475 -32.22 -5.71 -14.21
C GLY A 475 -31.03 -6.46 -14.81
N GLY A 476 -30.07 -6.82 -13.95
CA GLY A 476 -28.86 -7.55 -14.35
C GLY A 476 -27.58 -6.72 -14.35
N ASP A 477 -27.70 -5.40 -14.42
CA ASP A 477 -26.51 -4.54 -14.35
C ASP A 477 -26.31 -4.21 -12.91
N MET A 478 -25.30 -4.80 -12.32
CA MET A 478 -25.09 -4.69 -10.88
C MET A 478 -24.83 -3.29 -10.43
N ARG A 479 -24.43 -2.41 -11.32
CA ARG A 479 -24.20 -1.08 -10.87
C ARG A 479 -25.45 -0.47 -10.31
N ASP A 480 -26.63 -0.85 -10.80
CA ASP A 480 -27.86 -0.27 -10.31
C ASP A 480 -28.10 -0.62 -8.86
N ASN A 481 -27.51 -1.72 -8.38
CA ASN A 481 -27.76 -2.11 -7.02
C ASN A 481 -26.95 -1.30 -6.05
N TRP A 482 -25.99 -0.55 -6.56
CA TRP A 482 -25.13 0.22 -5.71
C TRP A 482 -25.46 1.66 -5.94
N ARG A 483 -25.91 1.97 -7.14
CA ARG A 483 -26.32 3.30 -7.47
C ARG A 483 -27.48 3.68 -6.58
N SER A 484 -28.33 2.70 -6.25
CA SER A 484 -29.48 2.92 -5.39
C SER A 484 -29.13 3.28 -3.94
N GLU A 485 -27.90 3.02 -3.48
CA GLU A 485 -27.47 3.35 -2.11
C GLU A 485 -26.55 4.55 -2.07
N LEU A 486 -25.76 4.72 -3.11
CA LEU A 486 -24.76 5.77 -3.19
C LEU A 486 -25.27 7.05 -3.80
N TYR A 487 -26.55 7.11 -4.07
CA TYR A 487 -27.18 8.24 -4.72
C TYR A 487 -27.08 9.56 -4.01
N LYS A 488 -26.92 9.53 -2.72
CA LYS A 488 -26.86 10.74 -1.96
C LYS A 488 -25.44 11.21 -1.72
N TYR A 489 -24.44 10.52 -2.25
CA TYR A 489 -23.08 10.94 -1.97
C TYR A 489 -22.33 11.48 -3.17
N LYS A 490 -21.49 12.46 -2.91
CA LYS A 490 -20.61 13.02 -3.92
C LYS A 490 -19.19 13.22 -3.40
N VAL A 491 -18.19 12.98 -4.23
CA VAL A 491 -16.81 13.21 -3.79
C VAL A 491 -16.24 14.48 -4.33
N VAL A 492 -15.68 15.30 -3.45
CA VAL A 492 -15.07 16.53 -3.88
C VAL A 492 -13.65 16.63 -3.36
N LYS A 493 -12.84 17.44 -4.03
CA LYS A 493 -11.47 17.70 -3.63
C LYS A 493 -11.39 19.03 -2.95
N ILE A 494 -10.69 19.10 -1.85
CA ILE A 494 -10.58 20.34 -1.13
C ILE A 494 -9.40 21.10 -1.68
N GLU A 495 -9.61 22.36 -1.99
CA GLU A 495 -8.56 23.21 -2.57
C GLU A 495 -8.34 24.47 -1.76
N PRO A 496 -7.68 24.40 -0.61
CA PRO A 496 -7.60 25.43 0.39
C PRO A 496 -6.60 26.51 0.10
N LEU A 497 -6.65 27.11 -1.06
CA LEU A 497 -5.76 28.20 -1.36
C LEU A 497 -6.36 29.14 -2.35
N GLY A 498 -6.37 30.42 -2.02
CA GLY A 498 -6.91 31.39 -2.96
C GLY A 498 -6.55 32.80 -2.59
N VAL A 499 -7.01 33.72 -3.41
CA VAL A 499 -6.71 35.12 -3.19
C VAL A 499 -7.96 35.97 -3.22
N ALA A 500 -7.87 37.15 -2.62
CA ALA A 500 -8.94 38.12 -2.64
C ALA A 500 -8.33 39.50 -2.37
N PRO A 501 -8.93 40.61 -2.84
CA PRO A 501 -8.47 41.94 -2.57
C PRO A 501 -8.77 42.43 -1.18
N THR A 502 -7.89 43.25 -0.66
CA THR A 502 -8.14 43.96 0.58
C THR A 502 -7.26 45.17 0.81
N ARG A 503 -7.57 45.89 1.86
CA ARG A 503 -6.79 47.06 2.22
C ARG A 503 -5.61 46.68 3.12
N CYS A 504 -4.59 45.98 2.57
CA CYS A 504 -3.42 45.52 3.31
C CYS A 504 -2.20 45.45 2.39
N LYS A 505 -1.10 46.07 2.80
CA LYS A 505 0.09 46.02 1.95
C LYS A 505 1.29 45.52 2.74
N ARG A 506 2.08 44.65 2.13
CA ARG A 506 3.26 44.17 2.84
C ARG A 506 4.34 45.25 2.93
N ARG A 507 4.91 45.49 4.14
CA ARG A 507 5.95 46.48 4.42
C ARG A 507 7.31 45.98 3.94
N ALA B 1 -10.39 29.37 25.23
CA ALA B 1 -10.12 30.54 26.05
C ALA B 1 -10.94 30.59 27.36
N VAL B 2 -12.13 29.95 27.38
CA VAL B 2 -13.06 29.88 28.50
C VAL B 2 -13.31 28.45 28.88
N GLY B 3 -13.21 28.17 30.17
CA GLY B 3 -13.43 26.82 30.62
C GLY B 3 -12.19 26.02 30.35
N ILE B 4 -12.36 24.78 29.96
CA ILE B 4 -11.24 23.88 29.81
C ILE B 4 -10.26 24.32 28.73
N GLY B 5 -10.78 24.78 27.59
CA GLY B 5 -9.91 25.21 26.51
C GLY B 5 -10.69 25.67 25.29
N ALA B 6 -9.96 26.04 24.25
CA ALA B 6 -10.52 26.54 22.99
C ALA B 6 -11.32 25.50 22.24
N VAL B 7 -12.36 25.95 21.54
CA VAL B 7 -13.18 25.07 20.72
C VAL B 7 -13.18 25.61 19.30
N PHE B 8 -13.49 24.77 18.34
CA PHE B 8 -13.41 25.17 16.94
C PHE B 8 -14.58 24.68 16.14
N LEU B 9 -14.85 25.31 15.02
CA LEU B 9 -15.90 24.83 14.12
C LEU B 9 -15.37 23.62 13.40
N GLY B 10 -16.25 22.78 12.88
CA GLY B 10 -15.79 21.60 12.17
C GLY B 10 -15.32 21.95 10.78
N PHE B 11 -14.70 20.97 10.14
CA PHE B 11 -14.16 21.11 8.81
C PHE B 11 -15.23 21.48 7.82
N LEU B 12 -14.97 22.53 7.07
CA LEU B 12 -15.87 23.13 6.09
C LEU B 12 -17.14 23.69 6.68
N GLY B 13 -17.18 23.86 7.99
CA GLY B 13 -18.37 24.40 8.61
C GLY B 13 -18.70 25.78 8.09
N ALA B 14 -17.68 26.53 7.73
CA ALA B 14 -17.83 27.88 7.23
C ALA B 14 -18.03 27.94 5.74
N ALA B 15 -18.14 26.81 5.06
CA ALA B 15 -18.24 26.82 3.60
C ALA B 15 -19.37 27.67 3.06
N GLY B 16 -20.50 27.74 3.74
CA GLY B 16 -21.59 28.57 3.22
C GLY B 16 -21.63 29.98 3.83
N SER B 17 -20.66 30.29 4.68
CA SER B 17 -20.63 31.57 5.35
C SER B 17 -19.94 32.58 4.46
N THR B 18 -20.12 33.86 4.72
CA THR B 18 -19.44 34.77 3.85
C THR B 18 -17.97 34.80 4.14
N MET B 19 -17.23 35.34 3.20
CA MET B 19 -15.78 35.38 3.25
C MET B 19 -15.27 36.08 4.49
N GLY B 20 -15.94 37.13 4.92
CA GLY B 20 -15.53 37.89 6.09
C GLY B 20 -15.66 37.10 7.39
N ALA B 21 -16.40 36.00 7.37
CA ALA B 21 -16.56 35.16 8.55
C ALA B 21 -15.69 33.94 8.43
N ALA B 22 -15.68 33.36 7.24
CA ALA B 22 -14.99 32.14 6.92
C ALA B 22 -13.50 32.29 7.07
N SER B 23 -12.99 33.50 6.88
CA SER B 23 -11.59 33.77 7.01
C SER B 23 -11.11 33.58 8.44
N MET B 24 -12.01 33.48 9.41
CA MET B 24 -11.61 33.28 10.78
C MET B 24 -11.47 31.81 11.18
N THR B 25 -11.73 30.89 10.25
CA THR B 25 -11.67 29.45 10.54
C THR B 25 -10.58 28.78 9.71
N LEU B 26 -9.60 29.56 9.28
CA LEU B 26 -8.56 29.02 8.42
C LEU B 26 -7.77 27.94 9.13
N THR B 27 -7.66 28.02 10.45
CA THR B 27 -6.91 27.03 11.20
C THR B 27 -7.62 25.72 11.29
N VAL B 28 -8.91 25.69 10.97
CA VAL B 28 -9.59 24.42 11.01
C VAL B 28 -9.28 23.73 9.70
N GLN B 29 -9.42 24.48 8.64
CA GLN B 29 -9.27 23.91 7.34
C GLN B 29 -7.84 23.50 7.08
N ALA B 30 -6.90 24.24 7.64
CA ALA B 30 -5.49 23.99 7.45
C ALA B 30 -4.94 22.95 8.41
N ARG B 31 -5.76 22.47 9.33
CA ARG B 31 -5.34 21.49 10.31
C ARG B 31 -5.74 20.12 9.86
N ASN B 32 -6.92 20.03 9.29
CA ASN B 32 -7.51 18.77 8.86
C ASN B 32 -6.90 18.21 7.61
N LEU B 33 -5.99 18.96 7.02
CA LEU B 33 -5.31 18.52 5.82
C LEU B 33 -4.18 17.59 6.20
N LEU B 34 -3.77 17.63 7.47
CA LEU B 34 -2.62 16.86 7.89
C LEU B 34 -3.01 15.44 8.29
N SER B 35 -3.46 14.66 7.29
CA SER B 35 -3.95 13.28 7.34
C SER B 35 -4.51 12.87 8.71
N TRP B 60 -5.23 -2.67 -3.26
CA TRP B 60 -3.99 -3.37 -2.97
C TRP B 60 -2.94 -2.37 -2.41
N GLY B 61 -1.72 -2.88 -2.08
CA GLY B 61 -0.62 -2.12 -1.47
C GLY B 61 -0.10 -0.98 -2.32
N ILE B 62 -0.09 -1.18 -3.63
CA ILE B 62 0.41 -0.13 -4.49
C ILE B 62 -0.58 1.00 -4.53
N LYS B 63 -1.87 0.68 -4.49
CA LYS B 63 -2.88 1.72 -4.57
C LYS B 63 -2.84 2.59 -3.34
N GLN B 64 -2.63 1.98 -2.17
CA GLN B 64 -2.59 2.80 -0.98
C GLN B 64 -1.32 3.63 -0.92
N LEU B 65 -0.19 3.09 -1.38
CA LEU B 65 0.99 3.93 -1.37
C LEU B 65 0.82 5.07 -2.36
N GLN B 66 0.19 4.84 -3.50
CA GLN B 66 0.00 5.91 -4.44
C GLN B 66 -0.91 6.97 -3.85
N ALA B 67 -1.95 6.57 -3.11
CA ALA B 67 -2.84 7.55 -2.51
C ALA B 67 -2.12 8.42 -1.48
N ARG B 68 -1.22 7.80 -0.71
CA ARG B 68 -0.48 8.53 0.31
C ARG B 68 0.56 9.44 -0.30
N VAL B 69 1.24 8.96 -1.33
CA VAL B 69 2.25 9.77 -1.96
C VAL B 69 1.59 10.94 -2.62
N LEU B 70 0.46 10.74 -3.26
CA LEU B 70 -0.20 11.84 -3.89
C LEU B 70 -0.63 12.88 -2.87
N ALA B 71 -1.19 12.47 -1.73
CA ALA B 71 -1.61 13.48 -0.78
C ALA B 71 -0.44 14.33 -0.34
N VAL B 72 0.73 13.71 -0.17
CA VAL B 72 1.89 14.48 0.20
C VAL B 72 2.30 15.41 -0.91
N GLU B 73 2.34 14.93 -2.14
CA GLU B 73 2.74 15.78 -3.23
C GLU B 73 1.83 16.97 -3.41
N ARG B 74 0.53 16.77 -3.27
CA ARG B 74 -0.37 17.88 -3.45
C ARG B 74 -0.16 18.90 -2.35
N TYR B 75 0.02 18.40 -1.13
CA TYR B 75 0.22 19.27 -0.01
C TYR B 75 1.47 20.12 -0.19
N LEU B 76 2.56 19.47 -0.58
CA LEU B 76 3.80 20.20 -0.74
C LEU B 76 3.76 21.14 -1.89
N ARG B 77 3.01 20.84 -2.94
CA ARG B 77 3.00 21.76 -4.04
C ARG B 77 2.39 23.07 -3.58
N ASP B 78 1.33 23.01 -2.77
CA ASP B 78 0.73 24.24 -2.27
C ASP B 78 1.66 24.97 -1.30
N GLN B 79 2.38 24.23 -0.46
CA GLN B 79 3.28 24.91 0.47
C GLN B 79 4.45 25.54 -0.26
N GLN B 80 4.92 24.89 -1.31
CA GLN B 80 6.01 25.39 -2.11
C GLN B 80 5.62 26.70 -2.73
N LEU B 81 4.39 26.77 -3.21
CA LEU B 81 3.90 27.95 -3.85
C LEU B 81 3.79 29.09 -2.84
N LEU B 82 3.32 28.81 -1.63
CA LEU B 82 3.27 29.90 -0.69
C LEU B 82 4.67 30.39 -0.38
N GLY B 83 5.63 29.48 -0.27
CA GLY B 83 6.98 29.90 0.02
C GLY B 83 7.59 30.77 -1.06
N ILE B 84 7.38 30.43 -2.32
CA ILE B 84 7.99 31.21 -3.38
C ILE B 84 7.42 32.62 -3.44
N TRP B 85 6.20 32.83 -2.92
CA TRP B 85 5.57 34.14 -2.85
C TRP B 85 5.93 34.91 -1.57
N GLY B 86 6.71 34.28 -0.68
CA GLY B 86 7.04 34.87 0.62
C GLY B 86 5.95 34.73 1.72
N CYS B 87 5.04 33.74 1.58
CA CYS B 87 3.90 33.47 2.45
C CYS B 87 4.09 32.20 3.27
N SER B 88 5.28 31.66 3.28
CA SER B 88 5.45 30.45 4.06
C SER B 88 5.27 30.76 5.51
N GLY B 89 4.56 29.89 6.21
CA GLY B 89 4.37 30.04 7.64
C GLY B 89 3.18 30.90 8.03
N LYS B 90 2.45 31.43 7.06
CA LYS B 90 1.31 32.29 7.40
C LYS B 90 0.04 31.77 6.78
N LEU B 91 -1.09 31.90 7.48
CA LEU B 91 -2.34 31.53 6.82
C LEU B 91 -2.90 32.73 6.07
N ILE B 92 -2.58 33.92 6.54
CA ILE B 92 -3.00 35.15 5.89
C ILE B 92 -1.73 35.90 5.51
N CYS B 93 -1.52 36.18 4.21
CA CYS B 93 -0.32 36.84 3.68
C CYS B 93 -0.64 38.03 2.79
N CYS B 94 -0.20 39.19 3.23
CA CYS B 94 -0.41 40.40 2.47
C CYS B 94 0.76 40.46 1.51
N THR B 95 0.54 40.98 0.32
CA THR B 95 1.60 41.03 -0.67
C THR B 95 1.74 42.43 -1.21
N ASN B 96 2.62 42.59 -2.20
CA ASN B 96 2.85 43.88 -2.83
C ASN B 96 2.30 43.96 -4.25
N VAL B 97 1.40 43.07 -4.61
CA VAL B 97 0.79 43.11 -5.92
C VAL B 97 -0.56 43.78 -5.81
N PRO B 98 -0.84 44.88 -6.53
CA PRO B 98 -2.08 45.62 -6.49
C PRO B 98 -3.14 44.80 -7.17
N TRP B 99 -4.37 45.01 -6.79
CA TRP B 99 -5.49 44.34 -7.41
C TRP B 99 -5.95 45.12 -8.65
N ASN B 100 -6.14 44.42 -9.77
CA ASN B 100 -6.64 44.97 -11.04
C ASN B 100 -8.18 44.91 -11.06
N SER B 101 -8.83 46.01 -11.47
CA SER B 101 -10.28 46.14 -11.60
C SER B 101 -10.81 45.25 -12.70
N THR B 102 -9.92 44.79 -13.58
CA THR B 102 -10.35 43.92 -14.64
C THR B 102 -10.43 42.49 -14.16
N TRP B 103 -9.84 42.14 -13.01
CA TRP B 103 -9.97 40.79 -12.51
C TRP B 103 -11.35 40.75 -11.89
N SER B 104 -11.68 41.83 -11.17
CA SER B 104 -12.98 41.99 -10.57
C SER B 104 -13.26 43.41 -10.10
N ASN B 105 -14.14 44.10 -10.81
CA ASN B 105 -14.43 45.49 -10.50
C ASN B 105 -15.56 45.56 -9.49
N ARG B 106 -15.25 45.19 -8.25
CA ARG B 106 -16.26 45.13 -7.21
C ARG B 106 -15.83 45.84 -5.91
N ASN B 107 -16.84 46.24 -5.09
CA ASN B 107 -16.69 46.85 -3.77
C ASN B 107 -16.27 45.80 -2.75
N LEU B 108 -15.42 46.18 -1.76
CA LEU B 108 -14.99 45.26 -0.70
C LEU B 108 -16.14 44.84 0.18
N SER B 109 -17.11 45.72 0.39
CA SER B 109 -18.21 45.32 1.23
C SER B 109 -19.00 44.22 0.57
N GLU B 110 -19.06 44.20 -0.74
CA GLU B 110 -19.79 43.14 -1.36
C GLU B 110 -18.99 41.86 -1.29
N ILE B 111 -17.69 41.98 -1.53
CA ILE B 111 -16.86 40.80 -1.56
C ILE B 111 -16.76 40.12 -0.22
N TRP B 112 -16.51 40.87 0.82
CA TRP B 112 -16.34 40.24 2.10
C TRP B 112 -17.62 40.00 2.90
N ASP B 113 -18.65 40.85 2.75
CA ASP B 113 -19.85 40.64 3.53
C ASP B 113 -21.01 39.94 2.83
N ASN B 114 -21.09 39.96 1.49
CA ASN B 114 -22.26 39.38 0.85
C ASN B 114 -21.92 38.29 -0.15
N MET B 115 -20.82 37.60 0.07
CA MET B 115 -20.41 36.53 -0.82
C MET B 115 -19.61 35.46 -0.09
N THR B 116 -19.76 34.20 -0.51
CA THR B 116 -19.03 33.05 0.05
C THR B 116 -17.75 32.79 -0.72
N TRP B 117 -16.87 31.94 -0.17
CA TRP B 117 -15.64 31.62 -0.89
C TRP B 117 -15.88 30.78 -2.10
N LEU B 118 -16.93 29.96 -2.09
CA LEU B 118 -17.21 29.14 -3.25
C LEU B 118 -17.61 30.05 -4.41
N GLN B 119 -18.41 31.07 -4.11
CA GLN B 119 -18.84 31.98 -5.16
C GLN B 119 -17.68 32.80 -5.69
N TRP B 120 -16.82 33.24 -4.79
CA TRP B 120 -15.67 34.01 -5.18
C TRP B 120 -14.75 33.20 -6.06
N ASP B 121 -14.53 31.94 -5.70
CA ASP B 121 -13.65 31.09 -6.48
C ASP B 121 -14.20 30.90 -7.89
N LYS B 122 -15.51 30.79 -8.03
CA LYS B 122 -16.06 30.66 -9.37
C LYS B 122 -15.81 31.93 -10.18
N GLU B 123 -15.97 33.10 -9.55
CA GLU B 123 -15.75 34.35 -10.26
C GLU B 123 -14.30 34.61 -10.64
N ILE B 124 -13.35 34.25 -9.77
CA ILE B 124 -11.96 34.48 -10.11
C ILE B 124 -11.29 33.17 -10.45
N SER B 125 -11.53 32.64 -11.64
CA SER B 125 -10.83 31.42 -12.05
C SER B 125 -9.90 31.59 -13.26
N ASN B 126 -10.11 32.65 -14.07
CA ASN B 126 -9.35 32.94 -15.29
C ASN B 126 -8.16 33.89 -15.03
N TYR B 127 -7.94 34.31 -13.76
CA TYR B 127 -6.92 35.26 -13.34
C TYR B 127 -5.95 34.68 -12.35
N THR B 128 -6.05 33.40 -12.02
CA THR B 128 -5.18 32.94 -10.95
C THR B 128 -3.79 32.71 -11.44
N GLN B 129 -3.62 32.45 -12.73
CA GLN B 129 -2.27 32.24 -13.24
C GLN B 129 -1.59 33.58 -13.33
N ILE B 130 -2.37 34.61 -13.63
CA ILE B 130 -1.86 35.95 -13.74
C ILE B 130 -1.40 36.41 -12.38
N ILE B 131 -2.26 36.21 -11.40
CA ILE B 131 -1.95 36.66 -10.07
C ILE B 131 -0.76 35.90 -9.54
N TYR B 132 -0.69 34.60 -9.73
CA TYR B 132 0.42 33.87 -9.18
C TYR B 132 1.72 34.32 -9.83
N GLY B 133 1.73 34.58 -11.13
CA GLY B 133 2.96 35.02 -11.76
C GLY B 133 3.42 36.35 -11.18
N LEU B 134 2.48 37.26 -10.94
CA LEU B 134 2.83 38.55 -10.39
C LEU B 134 3.41 38.42 -8.99
N LEU B 135 2.85 37.51 -8.21
CA LEU B 135 3.33 37.32 -6.86
C LEU B 135 4.76 36.77 -6.85
N GLU B 136 5.07 35.86 -7.78
CA GLU B 136 6.41 35.29 -7.85
C GLU B 136 7.46 36.35 -8.22
N GLU B 137 7.08 37.25 -9.13
CA GLU B 137 8.00 38.30 -9.54
C GLU B 137 8.25 39.27 -8.42
N SER B 138 7.19 39.63 -7.69
CA SER B 138 7.35 40.58 -6.62
C SER B 138 8.27 40.04 -5.57
N GLN B 139 8.13 38.76 -5.20
CA GLN B 139 8.98 38.22 -4.17
C GLN B 139 10.42 38.16 -4.60
N ASN B 140 10.69 37.84 -5.86
CA ASN B 140 12.07 37.78 -6.27
C ASN B 140 12.72 39.15 -6.13
N GLN B 141 12.00 40.20 -6.50
CA GLN B 141 12.56 41.53 -6.38
C GLN B 141 12.77 41.90 -4.94
N GLN B 142 11.83 41.54 -4.06
CA GLN B 142 12.00 41.89 -2.68
C GLN B 142 13.20 41.22 -2.05
N GLU B 143 13.47 39.94 -2.35
CA GLU B 143 14.62 39.32 -1.70
C GLU B 143 15.91 39.96 -2.16
N LYS B 144 16.01 40.33 -3.43
CA LYS B 144 17.23 40.98 -3.85
C LYS B 144 17.38 42.31 -3.14
N ASN B 145 16.28 43.05 -2.97
CA ASN B 145 16.39 44.33 -2.31
C ASN B 145 16.83 44.16 -0.86
N GLU B 146 16.36 43.12 -0.19
CA GLU B 146 16.75 42.91 1.19
C GLU B 146 18.24 42.64 1.29
N GLN B 147 18.80 41.86 0.36
CA GLN B 147 20.22 41.56 0.40
C GLN B 147 21.03 42.84 0.22
N ASP B 148 20.57 43.71 -0.69
CA ASP B 148 21.28 44.96 -0.95
C ASP B 148 21.28 45.88 0.25
N LEU B 149 20.23 45.84 1.07
CA LEU B 149 20.20 46.71 2.24
C LEU B 149 21.03 46.12 3.38
N LEU B 150 21.04 44.79 3.51
CA LEU B 150 21.84 44.16 4.56
C LEU B 150 23.31 44.42 4.33
N ALA B 151 23.66 44.53 3.05
CA ALA B 151 25.02 44.83 2.61
C ALA B 151 25.56 46.21 3.09
N LEU B 152 24.68 47.19 3.44
CA LEU B 152 25.06 48.54 3.87
C LEU B 152 25.56 48.49 5.31
N PHE C 11 14.59 27.68 -17.57
CA PHE C 11 14.93 26.79 -16.46
C PHE C 11 16.44 26.80 -16.22
N LEU C 12 17.26 26.02 -16.97
CA LEU C 12 18.72 25.96 -16.77
C LEU C 12 19.45 26.90 -17.68
N GLY C 13 18.75 27.79 -18.38
CA GLY C 13 19.43 28.69 -19.30
C GLY C 13 20.53 29.48 -18.60
N ALA C 14 20.32 29.80 -17.34
CA ALA C 14 21.25 30.56 -16.51
C ALA C 14 22.54 29.81 -16.27
N ALA C 15 22.58 28.52 -16.54
CA ALA C 15 23.75 27.70 -16.35
C ALA C 15 24.93 28.23 -17.13
N GLY C 16 24.67 28.90 -18.25
CA GLY C 16 25.76 29.43 -19.06
C GLY C 16 26.15 30.84 -18.65
N SER C 17 25.50 31.41 -17.65
CA SER C 17 25.77 32.77 -17.24
C SER C 17 26.63 32.80 -16.00
N THR C 18 27.11 33.98 -15.64
CA THR C 18 27.92 34.09 -14.45
C THR C 18 27.06 34.04 -13.21
N MET C 19 27.69 33.83 -12.07
CA MET C 19 26.98 33.71 -10.81
C MET C 19 26.16 34.95 -10.51
N GLY C 20 26.70 36.10 -10.86
CA GLY C 20 26.04 37.38 -10.60
C GLY C 20 24.79 37.60 -11.44
N ALA C 21 24.60 36.79 -12.47
CA ALA C 21 23.42 36.90 -13.29
C ALA C 21 22.45 35.80 -12.92
N ALA C 22 22.99 34.61 -12.71
CA ALA C 22 22.23 33.41 -12.41
C ALA C 22 21.46 33.55 -11.12
N SER C 23 21.98 34.34 -10.19
CA SER C 23 21.33 34.56 -8.91
C SER C 23 19.98 35.26 -9.08
N MET C 24 19.71 35.83 -10.25
CA MET C 24 18.45 36.49 -10.51
C MET C 24 17.40 35.54 -11.09
N THR C 25 17.76 34.28 -11.32
CA THR C 25 16.87 33.31 -11.93
C THR C 25 16.78 32.08 -11.05
N LEU C 26 16.52 32.27 -9.77
CA LEU C 26 16.45 31.14 -8.86
C LEU C 26 15.03 30.59 -8.78
N THR C 27 14.06 31.46 -8.96
CA THR C 27 12.67 31.09 -8.83
C THR C 27 12.28 30.10 -9.89
N VAL C 28 12.86 30.27 -11.06
CA VAL C 28 12.51 29.43 -12.17
C VAL C 28 12.99 28.01 -11.98
N GLN C 29 13.95 27.81 -11.09
CA GLN C 29 14.42 26.46 -10.90
C GLN C 29 13.71 25.86 -9.73
N ALA C 30 13.43 26.66 -8.72
CA ALA C 30 12.78 26.15 -7.53
C ALA C 30 11.41 25.58 -7.87
N ARG C 31 10.71 26.19 -8.82
CA ARG C 31 9.37 25.77 -9.20
C ARG C 31 9.34 24.43 -9.90
N ASN C 32 10.48 23.99 -10.40
CA ASN C 32 10.57 22.77 -11.15
C ASN C 32 11.17 21.61 -10.36
N LEU C 33 11.29 21.77 -9.04
CA LEU C 33 11.86 20.68 -8.27
C LEU C 33 10.79 19.65 -7.90
N LEU C 34 9.53 20.07 -7.86
CA LEU C 34 8.41 19.17 -7.60
C LEU C 34 7.58 19.12 -8.87
N SER C 35 6.99 17.95 -9.21
CA SER C 35 6.12 17.71 -10.39
C SER C 35 6.69 18.35 -11.68
N TRP C 60 7.99 -3.32 -12.64
CA TRP C 60 6.57 -2.96 -12.79
C TRP C 60 6.42 -1.41 -12.54
N GLY C 61 5.36 -0.94 -11.83
CA GLY C 61 5.08 0.48 -11.54
C GLY C 61 5.79 1.00 -10.29
N ILE C 62 6.40 0.10 -9.55
CA ILE C 62 7.07 0.45 -8.31
C ILE C 62 8.22 1.37 -8.58
N LYS C 63 8.96 1.13 -9.64
CA LYS C 63 10.07 2.01 -9.92
C LYS C 63 9.64 3.47 -10.14
N GLN C 64 8.41 3.72 -10.63
CA GLN C 64 8.03 5.10 -10.85
C GLN C 64 7.56 5.68 -9.54
N LEU C 65 6.99 4.83 -8.69
CA LEU C 65 6.54 5.27 -7.40
C LEU C 65 7.76 5.64 -6.56
N GLN C 66 8.85 4.86 -6.70
CA GLN C 66 10.07 5.16 -5.98
C GLN C 66 10.65 6.47 -6.43
N ALA C 67 10.60 6.77 -7.74
CA ALA C 67 11.12 8.04 -8.22
C ALA C 67 10.34 9.21 -7.62
N ARG C 68 9.03 9.06 -7.49
CA ARG C 68 8.22 10.13 -6.91
C ARG C 68 8.54 10.35 -5.46
N VAL C 69 8.73 9.26 -4.73
CA VAL C 69 9.07 9.37 -3.32
C VAL C 69 10.41 10.02 -3.17
N LEU C 70 11.37 9.65 -3.99
CA LEU C 70 12.67 10.26 -3.88
C LEU C 70 12.62 11.73 -4.15
N ALA C 71 11.87 12.16 -5.16
CA ALA C 71 11.84 13.60 -5.41
C ALA C 71 11.33 14.34 -4.18
N VAL C 72 10.35 13.77 -3.49
CA VAL C 72 9.88 14.41 -2.30
C VAL C 72 10.94 14.43 -1.23
N GLU C 73 11.63 13.31 -1.01
CA GLU C 73 12.64 13.30 0.03
C GLU C 73 13.77 14.27 -0.27
N ARG C 74 14.19 14.40 -1.51
CA ARG C 74 15.27 15.31 -1.79
C ARG C 74 14.82 16.74 -1.56
N TYR C 75 13.60 17.06 -1.96
CA TYR C 75 13.09 18.39 -1.76
C TYR C 75 13.07 18.75 -0.30
N LEU C 76 12.53 17.85 0.51
CA LEU C 76 12.42 18.15 1.90
C LEU C 76 13.75 18.24 2.57
N ARG C 77 14.73 17.44 2.14
CA ARG C 77 16.01 17.54 2.79
C ARG C 77 16.63 18.90 2.54
N ASP C 78 16.50 19.44 1.33
CA ASP C 78 17.08 20.76 1.09
C ASP C 78 16.35 21.81 1.91
N GLN C 79 15.04 21.67 2.04
CA GLN C 79 14.32 22.65 2.82
C GLN C 79 14.68 22.53 4.28
N GLN C 80 14.92 21.31 4.76
CA GLN C 80 15.29 21.14 6.14
C GLN C 80 16.59 21.85 6.42
N LEU C 81 17.54 21.76 5.50
CA LEU C 81 18.80 22.44 5.75
C LEU C 81 18.62 23.95 5.76
N LEU C 82 17.81 24.50 4.87
CA LEU C 82 17.67 25.93 4.92
C LEU C 82 17.02 26.33 6.22
N GLY C 83 16.08 25.54 6.68
CA GLY C 83 15.43 25.84 7.92
C GLY C 83 16.35 25.79 9.13
N ILE C 84 17.11 24.73 9.24
CA ILE C 84 17.95 24.56 10.41
C ILE C 84 19.05 25.62 10.45
N TRP C 85 19.45 26.16 9.30
CA TRP C 85 20.44 27.23 9.20
C TRP C 85 19.84 28.62 9.39
N GLY C 86 18.52 28.71 9.55
CA GLY C 86 17.82 29.99 9.70
C GLY C 86 17.42 30.75 8.42
N CYS C 87 17.33 30.05 7.26
CA CYS C 87 17.00 30.61 5.94
C CYS C 87 15.69 30.04 5.40
N SER C 88 14.84 29.53 6.26
CA SER C 88 13.61 28.96 5.74
C SER C 88 12.82 29.99 4.97
N GLY C 89 12.33 29.59 3.80
CA GLY C 89 11.49 30.45 2.99
C GLY C 89 12.23 31.43 2.10
N LYS C 90 13.56 31.39 2.10
CA LYS C 90 14.30 32.35 1.29
C LYS C 90 15.08 31.66 0.18
N LEU C 91 15.25 32.32 -0.96
CA LEU C 91 16.08 31.75 -2.02
C LEU C 91 17.45 32.34 -1.84
N ILE C 92 17.48 33.56 -1.32
CA ILE C 92 18.73 34.23 -1.04
C ILE C 92 18.75 34.62 0.43
N CYS C 93 19.81 34.27 1.19
CA CYS C 93 19.95 34.68 2.60
C CYS C 93 21.42 34.91 2.91
N CYS C 94 21.65 35.60 4.02
CA CYS C 94 22.99 35.91 4.49
C CYS C 94 23.15 35.33 5.88
N THR C 95 24.35 34.88 6.21
CA THR C 95 24.58 34.43 7.57
C THR C 95 25.73 35.10 8.27
N ASN C 96 25.94 34.71 9.51
CA ASN C 96 26.98 35.29 10.34
C ASN C 96 28.27 34.48 10.39
N VAL C 97 28.38 33.49 9.55
CA VAL C 97 29.60 32.73 9.46
C VAL C 97 30.47 33.52 8.49
N PRO C 98 31.68 33.94 8.86
CA PRO C 98 32.60 34.70 8.05
C PRO C 98 33.16 33.83 6.98
N TRP C 99 33.58 34.40 5.87
CA TRP C 99 34.22 33.60 4.85
C TRP C 99 35.70 33.38 5.19
N ASN C 100 36.15 32.12 5.10
CA ASN C 100 37.52 31.65 5.31
C ASN C 100 38.26 31.65 3.97
N SER C 101 39.39 32.39 3.87
CA SER C 101 40.20 32.54 2.63
C SER C 101 40.77 31.21 2.17
N THR C 102 40.80 30.23 3.07
CA THR C 102 41.23 28.90 2.76
C THR C 102 40.26 28.29 1.76
N TRP C 103 38.96 28.54 1.96
CA TRP C 103 37.95 27.95 1.13
C TRP C 103 38.12 28.50 -0.28
N SER C 104 38.35 29.81 -0.33
CA SER C 104 38.62 30.52 -1.58
C SER C 104 39.34 31.82 -1.36
N ASN C 105 40.36 32.06 -2.19
CA ASN C 105 41.18 33.26 -2.17
C ASN C 105 40.88 34.21 -3.32
N ARG C 106 39.74 34.04 -3.99
CA ARG C 106 39.38 34.89 -5.12
C ARG C 106 38.67 36.18 -4.71
N ASN C 107 38.75 37.18 -5.57
CA ASN C 107 38.07 38.44 -5.35
C ASN C 107 36.62 38.36 -5.81
N LEU C 108 35.75 39.23 -5.30
CA LEU C 108 34.35 39.16 -5.73
C LEU C 108 34.21 39.45 -7.22
N SER C 109 35.11 40.27 -7.75
CA SER C 109 35.09 40.62 -9.16
C SER C 109 35.44 39.42 -10.04
N GLU C 110 36.00 38.37 -9.45
CA GLU C 110 36.31 37.18 -10.18
C GLU C 110 35.17 36.18 -9.97
N ILE C 111 34.73 36.04 -8.72
CA ILE C 111 33.72 35.04 -8.39
C ILE C 111 32.35 35.34 -8.95
N TRP C 112 31.89 36.56 -8.80
CA TRP C 112 30.55 36.85 -9.25
C TRP C 112 30.46 37.28 -10.71
N ASP C 113 31.50 37.91 -11.23
CA ASP C 113 31.49 38.42 -12.60
C ASP C 113 32.16 37.56 -13.67
N ASN C 114 33.18 36.76 -13.35
CA ASN C 114 33.90 36.01 -14.36
C ASN C 114 33.84 34.50 -14.18
N MET C 115 32.88 34.04 -13.41
CA MET C 115 32.74 32.62 -13.14
C MET C 115 31.27 32.22 -13.06
N THR C 116 30.96 30.97 -13.44
CA THR C 116 29.61 30.45 -13.30
C THR C 116 29.48 29.52 -12.12
N TRP C 117 28.26 29.07 -11.86
CA TRP C 117 28.02 28.22 -10.70
C TRP C 117 28.57 26.83 -10.82
N LEU C 118 28.67 26.30 -12.02
CA LEU C 118 29.20 24.96 -12.18
C LEU C 118 30.65 24.96 -11.77
N GLN C 119 31.36 26.03 -12.14
CA GLN C 119 32.77 26.16 -11.83
C GLN C 119 32.99 26.36 -10.36
N TRP C 120 32.15 27.19 -9.77
CA TRP C 120 32.26 27.46 -8.36
C TRP C 120 32.04 26.20 -7.57
N ASP C 121 31.04 25.40 -7.94
CA ASP C 121 30.77 24.19 -7.21
C ASP C 121 31.92 23.21 -7.34
N LYS C 122 32.51 23.10 -8.53
CA LYS C 122 33.63 22.20 -8.66
C LYS C 122 34.78 22.64 -7.78
N GLU C 123 34.97 23.95 -7.66
CA GLU C 123 36.05 24.49 -6.85
C GLU C 123 35.86 24.29 -5.35
N ILE C 124 34.66 24.53 -4.81
CA ILE C 124 34.48 24.40 -3.36
C ILE C 124 33.98 23.00 -3.03
N SER C 125 34.81 22.01 -3.31
CA SER C 125 34.43 20.61 -3.08
C SER C 125 34.86 19.99 -1.74
N ASN C 126 35.92 20.54 -1.12
CA ASN C 126 36.50 20.06 0.14
C ASN C 126 35.96 20.83 1.37
N TYR C 127 35.07 21.84 1.16
CA TYR C 127 34.58 22.72 2.22
C TYR C 127 33.08 22.69 2.40
N THR C 128 32.35 21.95 1.60
CA THR C 128 30.91 22.00 1.73
C THR C 128 30.42 21.52 3.08
N GLN C 129 30.97 20.44 3.58
CA GLN C 129 30.51 19.88 4.84
C GLN C 129 30.94 20.75 6.00
N ILE C 130 32.09 21.38 5.87
CA ILE C 130 32.60 22.25 6.91
C ILE C 130 31.70 23.45 7.04
N ILE C 131 31.37 24.05 5.91
CA ILE C 131 30.55 25.22 5.96
C ILE C 131 29.20 24.86 6.50
N TYR C 132 28.62 23.76 6.05
CA TYR C 132 27.31 23.43 6.55
C TYR C 132 27.32 23.22 8.06
N GLY C 133 28.35 22.56 8.60
CA GLY C 133 28.39 22.38 10.04
C GLY C 133 28.43 23.72 10.76
N LEU C 134 29.20 24.65 10.22
CA LEU C 134 29.31 25.96 10.83
C LEU C 134 27.99 26.71 10.77
N LEU C 135 27.24 26.53 9.69
CA LEU C 135 25.99 27.25 9.58
C LEU C 135 25.02 26.77 10.67
N GLU C 136 25.00 25.45 10.95
CA GLU C 136 24.10 24.94 11.99
C GLU C 136 24.50 25.43 13.37
N GLU C 137 25.80 25.52 13.62
CA GLU C 137 26.26 25.96 14.92
C GLU C 137 25.92 27.41 15.15
N SER C 138 26.08 28.23 14.11
CA SER C 138 25.77 29.62 14.27
C SER C 138 24.32 29.83 14.57
N GLN C 139 23.44 29.12 13.85
CA GLN C 139 22.04 29.33 14.11
C GLN C 139 21.64 28.89 15.48
N ASN C 140 22.21 27.80 15.99
CA ASN C 140 21.82 27.35 17.30
C ASN C 140 22.17 28.41 18.35
N GLN C 141 23.32 29.05 18.19
CA GLN C 141 23.67 30.09 19.15
C GLN C 141 22.77 31.31 18.99
N GLN C 142 22.43 31.68 17.76
CA GLN C 142 21.59 32.83 17.54
C GLN C 142 20.20 32.62 18.10
N GLU C 143 19.68 31.42 17.95
CA GLU C 143 18.35 31.14 18.41
C GLU C 143 18.27 31.22 19.93
N LYS C 144 19.27 30.71 20.63
CA LYS C 144 19.23 30.85 22.07
C LYS C 144 19.32 32.32 22.46
N ASN C 145 20.15 33.10 21.77
CA ASN C 145 20.28 34.49 22.14
C ASN C 145 18.97 35.24 21.93
N GLU C 146 18.22 34.89 20.88
CA GLU C 146 16.94 35.55 20.64
C GLU C 146 15.99 35.27 21.79
N GLN C 147 15.95 34.03 22.28
CA GLN C 147 15.05 33.71 23.37
C GLN C 147 15.40 34.50 24.63
N ASP C 148 16.70 34.63 24.92
CA ASP C 148 17.08 35.36 26.13
C ASP C 148 16.72 36.83 26.02
N LEU C 149 16.83 37.38 24.82
CA LEU C 149 16.46 38.78 24.63
C LEU C 149 14.96 38.99 24.78
N LEU C 150 14.15 38.09 24.24
CA LEU C 150 12.70 38.24 24.34
C LEU C 150 12.24 38.19 25.78
N ALA C 151 12.93 37.42 26.59
CA ALA C 151 12.65 37.31 28.02
C ALA C 151 12.90 38.62 28.82
N LEU C 152 13.66 39.61 28.27
CA LEU C 152 14.02 40.86 28.93
C LEU C 152 13.46 42.01 28.12
N LEU D 39 34.41 39.29 4.11
CA LEU D 39 33.27 38.73 3.40
C LEU D 39 32.62 37.68 4.29
N TRP D 40 31.31 37.47 4.10
CA TRP D 40 30.43 36.57 4.85
C TRP D 40 29.91 35.48 3.97
N VAL D 41 29.60 34.34 4.56
CA VAL D 41 29.02 33.27 3.81
C VAL D 41 27.58 33.61 3.46
N THR D 42 27.21 33.44 2.22
CA THR D 42 25.84 33.62 1.76
C THR D 42 25.36 32.32 1.16
N VAL D 43 24.08 32.05 1.34
CA VAL D 43 23.52 30.79 0.89
C VAL D 43 22.46 30.99 -0.18
N TYR D 44 22.61 30.25 -1.28
CA TYR D 44 21.67 30.34 -2.38
C TYR D 44 20.99 29.04 -2.72
N TYR D 45 19.69 29.15 -2.96
CA TYR D 45 18.89 28.01 -3.35
C TYR D 45 18.22 28.28 -4.68
N GLY D 46 18.30 27.32 -5.61
CA GLY D 46 17.78 27.53 -6.96
C GLY D 46 18.95 27.71 -7.96
N VAL D 47 20.13 27.38 -7.50
CA VAL D 47 21.38 27.44 -8.24
C VAL D 47 21.48 26.42 -9.40
N PRO D 48 21.82 26.83 -10.64
CA PRO D 48 21.89 25.97 -11.83
C PRO D 48 23.11 25.08 -11.91
N VAL D 49 23.19 24.13 -11.00
CA VAL D 49 24.29 23.18 -10.90
C VAL D 49 23.86 21.73 -10.92
N TRP D 50 24.60 20.90 -11.63
CA TRP D 50 24.29 19.50 -11.72
C TRP D 50 25.50 18.58 -11.78
N LYS D 51 25.26 17.31 -11.47
CA LYS D 51 26.24 16.25 -11.56
C LYS D 51 25.70 15.02 -12.29
N ASP D 52 26.58 14.20 -12.84
CA ASP D 52 26.13 13.00 -13.55
C ASP D 52 25.34 12.11 -12.63
N ALA D 53 24.25 11.52 -13.14
CA ALA D 53 23.46 10.66 -12.28
C ALA D 53 22.73 9.56 -13.01
N GLU D 54 22.40 8.52 -12.27
CA GLU D 54 21.65 7.43 -12.85
C GLU D 54 20.32 7.27 -12.14
N THR D 55 19.24 7.46 -12.88
CA THR D 55 17.92 7.35 -12.27
C THR D 55 16.94 6.65 -13.14
N THR D 56 15.73 6.52 -12.62
CA THR D 56 14.63 5.91 -13.31
C THR D 56 14.00 6.93 -14.21
N LEU D 57 13.83 6.60 -15.47
CA LEU D 57 13.19 7.50 -16.40
C LEU D 57 11.81 7.00 -16.65
N PHE D 58 10.90 7.87 -17.04
CA PHE D 58 9.56 7.39 -17.34
C PHE D 58 9.36 7.52 -18.84
N CYS D 59 8.44 6.69 -19.39
CA CYS D 59 8.17 6.64 -20.83
C CYS D 59 6.88 7.38 -21.18
N ALA D 60 6.98 8.22 -22.20
CA ALA D 60 5.86 8.97 -22.76
C ALA D 60 5.64 8.60 -24.21
N SER D 61 4.41 8.77 -24.67
CA SER D 61 4.02 8.48 -26.07
C SER D 61 3.10 9.56 -26.61
N ASP D 62 3.41 10.09 -27.82
CA ASP D 62 2.69 11.17 -28.51
C ASP D 62 1.37 10.64 -29.09
N HIS D 71 -3.95 -2.08 -29.66
CA HIS D 71 -3.44 -2.94 -28.58
C HIS D 71 -1.90 -3.09 -28.64
N ASN D 72 -1.20 -1.97 -28.95
CA ASN D 72 0.27 -1.84 -29.01
C ASN D 72 0.88 -1.86 -27.62
N VAL D 73 1.90 -2.68 -27.43
CA VAL D 73 2.50 -2.82 -26.11
C VAL D 73 3.16 -1.55 -25.59
N TRP D 74 3.74 -0.73 -26.46
CA TRP D 74 4.36 0.47 -25.93
C TRP D 74 3.33 1.52 -25.77
N ALA D 75 2.32 1.52 -26.61
CA ALA D 75 1.29 2.53 -26.44
C ALA D 75 0.58 2.32 -25.11
N THR D 76 0.40 1.05 -24.75
CA THR D 76 -0.26 0.66 -23.53
C THR D 76 0.62 0.97 -22.33
N HIS D 77 1.90 0.62 -22.41
CA HIS D 77 2.83 0.87 -21.32
C HIS D 77 3.10 2.36 -21.06
N CYS D 78 3.45 3.13 -22.11
CA CYS D 78 3.89 4.51 -22.04
C CYS D 78 2.64 5.40 -21.99
N CYS D 79 1.88 5.26 -20.91
CA CYS D 79 0.62 5.97 -20.75
C CYS D 79 0.82 7.33 -20.10
N VAL D 80 1.66 8.10 -20.74
CA VAL D 80 2.01 9.45 -20.35
C VAL D 80 1.99 10.31 -21.61
N PRO D 81 1.28 11.43 -21.65
CA PRO D 81 1.20 12.33 -22.77
C PRO D 81 2.50 13.11 -22.93
N THR D 82 2.76 13.61 -24.14
CA THR D 82 3.90 14.45 -24.51
C THR D 82 3.52 15.92 -24.43
N GLN D 87 9.64 20.51 -25.07
CA GLN D 87 10.26 21.79 -24.75
C GLN D 87 11.78 21.59 -24.82
N GLU D 88 12.54 22.68 -25.13
CA GLU D 88 14.01 22.70 -25.20
C GLU D 88 14.60 24.05 -24.86
N ILE D 89 15.65 24.04 -24.03
CA ILE D 89 16.37 25.25 -23.63
C ILE D 89 17.85 25.24 -23.95
N HIS D 90 18.31 26.17 -24.77
CA HIS D 90 19.71 26.19 -25.14
C HIS D 90 20.61 26.69 -24.01
N LEU D 91 21.76 26.07 -23.78
CA LEU D 91 22.68 26.58 -22.77
C LEU D 91 23.88 27.22 -23.51
N GLU D 92 23.91 28.55 -23.57
CA GLU D 92 24.86 29.24 -24.44
C GLU D 92 26.36 29.03 -24.27
N ASN D 93 26.87 28.92 -23.02
CA ASN D 93 28.29 28.75 -22.72
C ASN D 93 28.59 27.46 -21.94
N VAL D 94 27.73 26.41 -22.07
CA VAL D 94 27.95 25.14 -21.37
C VAL D 94 28.67 24.14 -22.23
N THR D 95 29.77 23.64 -21.71
CA THR D 95 30.52 22.59 -22.36
C THR D 95 30.30 21.42 -21.45
N GLU D 96 29.93 20.29 -22.01
CA GLU D 96 29.61 19.13 -21.20
C GLU D 96 30.29 17.90 -21.77
N GLU D 97 30.53 16.90 -20.93
CA GLU D 97 31.20 15.69 -21.43
C GLU D 97 30.30 14.48 -21.51
N PHE D 98 30.22 13.93 -22.70
CA PHE D 98 29.34 12.81 -23.00
C PHE D 98 30.12 11.52 -23.26
N ASN D 99 29.49 10.38 -22.97
CA ASN D 99 30.09 9.08 -23.29
C ASN D 99 29.03 8.04 -23.56
N MET D 100 28.76 7.76 -24.83
CA MET D 100 27.68 6.86 -25.22
C MET D 100 27.90 5.41 -24.82
N TRP D 101 29.13 5.06 -24.50
CA TRP D 101 29.45 3.69 -24.22
C TRP D 101 29.26 3.37 -22.75
N LYS D 102 29.02 4.40 -21.94
CA LYS D 102 28.88 4.24 -20.51
C LYS D 102 27.56 4.86 -20.09
N ASN D 103 26.69 5.05 -21.05
CA ASN D 103 25.43 5.74 -20.87
C ASN D 103 24.34 4.84 -20.31
N ASN D 104 23.94 5.12 -19.08
CA ASN D 104 22.96 4.31 -18.36
C ASN D 104 21.59 4.30 -19.02
N MET D 105 21.30 5.24 -19.90
CA MET D 105 19.99 5.28 -20.54
C MET D 105 19.83 4.07 -21.46
N VAL D 106 20.95 3.52 -21.92
CA VAL D 106 20.97 2.40 -22.83
C VAL D 106 20.62 1.16 -22.06
N GLU D 107 21.21 1.05 -20.89
CA GLU D 107 20.97 -0.08 -20.01
C GLU D 107 19.51 -0.04 -19.57
N GLN D 108 18.96 1.16 -19.39
CA GLN D 108 17.56 1.26 -19.02
C GLN D 108 16.70 0.74 -20.17
N MET D 109 17.00 1.07 -21.44
CA MET D 109 16.14 0.51 -22.50
C MET D 109 16.24 -0.99 -22.57
N HIS D 110 17.38 -1.55 -22.22
CA HIS D 110 17.48 -2.99 -22.36
C HIS D 110 17.02 -3.70 -21.11
N THR D 111 16.38 -2.96 -20.23
CA THR D 111 15.77 -3.52 -19.08
C THR D 111 14.27 -3.38 -19.31
N ASP D 112 13.84 -2.22 -19.83
CA ASP D 112 12.44 -1.91 -20.04
C ASP D 112 11.85 -2.67 -21.21
N ILE D 113 12.61 -2.80 -22.30
CA ILE D 113 12.08 -3.47 -23.47
C ILE D 113 11.88 -4.92 -23.16
N ILE D 114 12.83 -5.53 -22.48
CA ILE D 114 12.68 -6.93 -22.18
C ILE D 114 11.59 -7.15 -21.16
N SER D 115 11.55 -6.34 -20.11
CA SER D 115 10.52 -6.55 -19.12
C SER D 115 9.15 -6.42 -19.76
N LEU D 116 8.95 -5.41 -20.61
CA LEU D 116 7.67 -5.23 -21.24
C LEU D 116 7.33 -6.40 -22.12
N TRP D 117 8.30 -6.87 -22.89
CA TRP D 117 8.08 -7.97 -23.79
C TRP D 117 7.59 -9.19 -23.00
N ASP D 118 8.31 -9.52 -21.92
CA ASP D 118 7.94 -10.68 -21.14
C ASP D 118 6.61 -10.51 -20.47
N GLN D 119 6.29 -9.32 -20.00
CA GLN D 119 5.00 -9.15 -19.38
C GLN D 119 3.89 -9.36 -20.39
N SER D 120 4.05 -8.83 -21.60
CA SER D 120 3.01 -8.92 -22.61
C SER D 120 2.72 -10.35 -23.00
N LEU D 121 3.75 -11.19 -23.00
CA LEU D 121 3.57 -12.58 -23.36
C LEU D 121 3.21 -13.47 -22.20
N LYS D 122 3.14 -12.93 -21.00
CA LYS D 122 2.89 -13.82 -19.90
C LYS D 122 1.49 -14.41 -19.91
N PRO D 123 0.39 -13.62 -19.92
CA PRO D 123 -0.96 -14.12 -19.86
C PRO D 123 -1.47 -14.60 -21.21
N CYS D 124 -0.82 -15.63 -21.78
CA CYS D 124 -1.13 -16.17 -23.11
C CYS D 124 -1.14 -17.68 -23.08
N VAL D 125 -1.66 -18.28 -24.13
CA VAL D 125 -1.75 -19.72 -24.20
C VAL D 125 -0.40 -20.35 -24.31
N LYS D 126 -0.13 -21.30 -23.43
CA LYS D 126 1.12 -22.01 -23.48
C LYS D 126 0.93 -23.15 -24.43
N LEU D 127 1.97 -23.50 -25.16
CA LEU D 127 1.85 -24.57 -26.12
C LEU D 127 2.47 -25.87 -25.67
N THR D 128 2.66 -26.02 -24.36
CA THR D 128 3.21 -27.25 -23.82
C THR D 128 2.55 -28.52 -24.41
N PRO D 129 1.21 -28.61 -24.60
CA PRO D 129 0.52 -29.76 -25.16
C PRO D 129 1.02 -30.15 -26.55
N LEU D 130 1.73 -29.27 -27.25
CA LEU D 130 2.24 -29.60 -28.58
C LEU D 130 3.61 -30.32 -28.57
N CYS D 131 4.25 -30.50 -27.38
CA CYS D 131 5.54 -31.16 -27.24
C CYS D 131 5.36 -32.67 -27.27
N VAL D 132 5.08 -33.13 -28.48
CA VAL D 132 4.78 -34.50 -28.83
C VAL D 132 5.62 -34.93 -29.97
N THR D 133 5.66 -36.21 -30.26
CA THR D 133 6.34 -36.59 -31.47
C THR D 133 5.35 -36.42 -32.62
N LEU D 134 5.77 -35.69 -33.64
CA LEU D 134 4.94 -35.41 -34.80
C LEU D 134 5.20 -36.45 -35.87
N GLN D 135 4.17 -36.78 -36.64
CA GLN D 135 4.29 -37.65 -37.81
C GLN D 135 4.31 -36.66 -38.94
N CYS D 136 5.46 -36.45 -39.65
CA CYS D 136 5.56 -35.31 -40.56
C CYS D 136 6.36 -35.59 -41.83
N THR D 137 5.85 -35.05 -42.93
CA THR D 137 6.40 -35.14 -44.28
C THR D 137 6.66 -33.79 -44.91
N ASN D 138 7.12 -33.81 -46.17
CA ASN D 138 7.40 -32.56 -46.89
C ASN D 138 6.23 -32.04 -47.68
N VAL D 139 6.19 -30.72 -47.82
CA VAL D 139 5.23 -30.14 -48.72
C VAL D 139 5.87 -30.16 -50.09
N THR D 140 5.21 -30.80 -51.05
CA THR D 140 5.79 -30.90 -52.38
C THR D 140 5.00 -30.18 -53.46
N ASN D 141 3.78 -29.78 -53.16
CA ASN D 141 2.94 -29.14 -54.16
C ASN D 141 3.27 -27.68 -54.36
N ASN D 142 3.26 -27.25 -55.61
CA ASN D 142 3.42 -25.85 -55.99
C ASN D 142 4.69 -25.20 -55.46
N ILE D 143 5.79 -25.94 -55.41
CA ILE D 143 7.04 -25.41 -54.86
C ILE D 143 7.80 -24.56 -55.86
N THR D 144 7.91 -25.03 -57.10
CA THR D 144 8.67 -24.31 -58.14
C THR D 144 10.08 -23.91 -57.67
N ASP D 145 10.75 -24.87 -57.05
CA ASP D 145 12.12 -24.83 -56.51
C ASP D 145 12.40 -23.77 -55.45
N ASP D 146 13.64 -23.80 -54.92
CA ASP D 146 14.20 -22.87 -53.94
C ASP D 146 13.46 -22.82 -52.58
N MET D 147 12.57 -23.78 -52.40
CA MET D 147 11.73 -23.99 -51.23
C MET D 147 11.58 -25.47 -50.96
N ARG D 148 12.49 -26.27 -51.51
CA ARG D 148 12.34 -27.71 -51.38
C ARG D 148 12.84 -28.18 -50.06
N GLY D 149 11.90 -28.73 -49.30
CA GLY D 149 12.17 -29.19 -47.96
C GLY D 149 12.03 -28.05 -46.96
N GLU D 150 11.63 -26.86 -47.45
CA GLU D 150 11.51 -25.69 -46.59
C GLU D 150 10.25 -25.78 -45.73
N LEU D 151 9.18 -26.36 -46.29
CA LEU D 151 7.93 -26.47 -45.57
C LEU D 151 7.61 -27.90 -45.28
N LYS D 152 7.17 -28.12 -44.07
CA LYS D 152 6.80 -29.42 -43.55
C LYS D 152 5.28 -29.48 -43.31
N ASN D 153 4.69 -30.67 -43.52
CA ASN D 153 3.27 -30.98 -43.29
C ASN D 153 3.15 -32.04 -42.19
N CYS D 154 2.81 -31.59 -40.95
CA CYS D 154 2.87 -32.42 -39.74
C CYS D 154 1.49 -32.72 -39.15
N SER D 155 1.31 -33.98 -38.75
CA SER D 155 0.09 -34.45 -38.09
C SER D 155 0.42 -34.96 -36.71
N PHE D 156 -0.48 -34.73 -35.77
CA PHE D 156 -0.25 -35.21 -34.42
C PHE D 156 -1.50 -35.41 -33.56
N ASN D 157 -1.35 -36.17 -32.45
CA ASN D 157 -2.39 -36.44 -31.45
C ASN D 157 -2.35 -35.37 -30.34
N MET D 158 -3.32 -34.45 -30.38
CA MET D 158 -3.50 -33.28 -29.52
C MET D 158 -4.58 -33.54 -28.45
N THR D 159 -4.47 -32.89 -27.28
CA THR D 159 -5.46 -32.96 -26.20
C THR D 159 -6.66 -32.06 -26.54
N THR D 160 -7.77 -32.16 -25.76
CA THR D 160 -8.98 -31.33 -25.91
C THR D 160 -9.85 -31.38 -24.66
N LEU D 162 -13.11 -31.98 -23.61
CA LEU D 162 -13.03 -32.85 -22.45
C LEU D 162 -11.62 -33.48 -22.30
N ARG D 163 -11.26 -33.76 -21.02
CA ARG D 163 -9.97 -34.35 -20.60
C ARG D 163 -9.78 -35.80 -21.01
N ASP D 164 -10.87 -36.47 -21.33
CA ASP D 164 -10.86 -37.86 -21.69
C ASP D 164 -10.94 -38.08 -23.21
N LYS D 165 -10.76 -37.00 -23.98
CA LYS D 165 -10.79 -37.10 -25.43
C LYS D 165 -9.50 -36.57 -26.03
N LYS D 166 -9.16 -37.06 -27.22
CA LYS D 166 -8.01 -36.57 -27.98
C LYS D 166 -8.42 -36.37 -29.42
N GLN D 167 -7.67 -35.56 -30.14
CA GLN D 167 -7.98 -35.28 -31.54
C GLN D 167 -6.76 -35.32 -32.46
N LYS D 168 -6.97 -35.69 -33.72
CA LYS D 168 -5.90 -35.63 -34.70
C LYS D 168 -5.98 -34.36 -35.49
N VAL D 169 -4.89 -33.61 -35.50
CA VAL D 169 -4.84 -32.36 -36.22
C VAL D 169 -3.61 -32.31 -37.09
N TYR D 170 -3.60 -31.38 -38.04
CA TYR D 170 -2.37 -31.23 -38.81
C TYR D 170 -2.14 -29.77 -39.09
N SER D 171 -0.89 -29.44 -39.38
CA SER D 171 -0.50 -28.08 -39.72
C SER D 171 0.79 -27.94 -40.50
N LEU D 172 1.03 -26.75 -41.04
CA LEU D 172 2.30 -26.53 -41.71
C LEU D 172 3.29 -25.83 -40.83
N PHE D 173 4.55 -26.19 -41.01
CA PHE D 173 5.69 -25.60 -40.33
C PHE D 173 6.85 -25.27 -41.24
N TYR D 174 7.62 -24.27 -40.85
CA TYR D 174 8.84 -23.99 -41.57
C TYR D 174 9.89 -24.93 -41.01
N ARG D 175 10.81 -25.39 -41.84
CA ARG D 175 11.79 -26.36 -41.35
C ARG D 175 12.68 -25.87 -40.23
N LEU D 176 12.86 -24.58 -40.07
CA LEU D 176 13.74 -24.07 -39.04
C LEU D 176 13.22 -24.36 -37.63
N ASP D 177 11.92 -24.61 -37.51
CA ASP D 177 11.27 -24.85 -36.23
C ASP D 177 11.09 -26.32 -35.91
N VAL D 178 11.48 -27.20 -36.84
CA VAL D 178 11.19 -28.61 -36.67
C VAL D 178 12.46 -29.46 -36.64
N VAL D 179 12.61 -30.27 -35.61
CA VAL D 179 13.81 -31.08 -35.49
C VAL D 179 13.52 -32.57 -35.57
N GLN D 180 14.30 -33.29 -36.37
CA GLN D 180 14.07 -34.72 -36.49
C GLN D 180 14.64 -35.47 -35.27
N ILE D 181 13.85 -36.40 -34.70
CA ILE D 181 14.21 -37.27 -33.57
C ILE D 181 14.25 -38.71 -34.06
N LYS D 194 10.19 -40.34 -40.00
CA LYS D 194 9.25 -39.21 -40.09
C LYS D 194 8.80 -38.68 -38.70
N GLU D 195 9.62 -38.88 -37.64
CA GLU D 195 9.39 -38.43 -36.26
C GLU D 195 10.08 -37.11 -35.97
N TYR D 196 9.29 -36.10 -35.65
CA TYR D 196 9.83 -34.75 -35.41
C TYR D 196 9.31 -34.10 -34.14
N ARG D 197 10.09 -33.17 -33.61
CA ARG D 197 9.68 -32.40 -32.43
C ARG D 197 9.77 -30.92 -32.72
N LEU D 198 9.11 -30.11 -31.91
CA LEU D 198 9.32 -28.69 -32.07
C LEU D 198 10.73 -28.47 -31.52
N ILE D 199 11.49 -27.61 -32.18
CA ILE D 199 12.88 -27.41 -31.80
C ILE D 199 13.17 -27.04 -30.36
N ASN D 200 12.31 -26.26 -29.74
CA ASN D 200 12.64 -25.88 -28.36
C ASN D 200 12.02 -26.65 -27.18
N CYS D 201 11.28 -27.77 -27.41
CA CYS D 201 10.62 -28.53 -26.32
C CYS D 201 11.63 -29.26 -25.44
N ASN D 202 12.84 -29.41 -25.93
CA ASN D 202 13.88 -30.07 -25.15
C ASN D 202 14.41 -29.17 -24.01
N THR D 203 14.32 -27.81 -24.14
CA THR D 203 14.86 -26.84 -23.18
C THR D 203 13.78 -26.03 -22.46
N SER D 204 12.75 -25.58 -23.15
CA SER D 204 11.74 -24.75 -22.49
C SER D 204 10.38 -24.73 -23.16
N ALA D 205 9.34 -24.59 -22.35
CA ALA D 205 8.00 -24.50 -22.90
C ALA D 205 7.88 -23.29 -23.79
N ILE D 206 7.15 -23.46 -24.87
CA ILE D 206 6.94 -22.41 -25.84
C ILE D 206 5.62 -21.75 -25.58
N THR D 207 5.60 -20.43 -25.47
CA THR D 207 4.35 -19.71 -25.20
C THR D 207 3.88 -19.04 -26.47
N GLN D 208 2.61 -19.17 -26.82
CA GLN D 208 2.12 -18.52 -28.02
C GLN D 208 1.88 -17.08 -27.75
N ALA D 209 2.35 -16.22 -28.61
CA ALA D 209 2.08 -14.82 -28.42
C ALA D 209 0.61 -14.61 -28.64
N CYS D 210 -0.06 -13.74 -27.86
CA CYS D 210 -1.46 -13.40 -28.03
C CYS D 210 -1.59 -12.59 -29.35
N PRO D 211 -2.41 -13.05 -30.32
CA PRO D 211 -2.54 -12.47 -31.65
C PRO D 211 -3.13 -11.08 -31.65
N LYS D 212 -3.76 -10.71 -30.55
CA LYS D 212 -4.36 -9.40 -30.44
C LYS D 212 -3.36 -8.37 -29.98
N VAL D 213 -2.14 -8.79 -29.64
CA VAL D 213 -1.14 -7.89 -29.12
C VAL D 213 -0.17 -7.46 -30.19
N SER D 214 -0.01 -6.16 -30.31
CA SER D 214 0.90 -5.63 -31.30
C SER D 214 2.24 -5.22 -30.75
N PHE D 215 3.27 -5.72 -31.39
CA PHE D 215 4.63 -5.42 -31.00
C PHE D 215 5.25 -4.47 -32.00
N GLU D 216 4.42 -3.80 -32.78
CA GLU D 216 4.92 -2.83 -33.74
C GLU D 216 5.64 -1.74 -32.95
N PRO D 217 6.85 -1.33 -33.28
CA PRO D 217 7.52 -0.27 -32.60
C PRO D 217 6.84 1.04 -32.94
N ILE D 218 6.71 1.89 -31.96
CA ILE D 218 6.19 3.23 -32.15
C ILE D 218 7.26 4.09 -31.51
N PRO D 219 7.39 5.39 -31.79
CA PRO D 219 8.35 6.21 -31.11
C PRO D 219 8.00 6.29 -29.65
N ILE D 220 8.98 6.21 -28.78
CA ILE D 220 8.72 6.42 -27.38
C ILE D 220 9.68 7.46 -26.85
N HIS D 221 9.30 8.15 -25.80
CA HIS D 221 10.16 9.19 -25.29
C HIS D 221 10.56 8.93 -23.86
N TYR D 222 11.84 9.06 -23.58
CA TYR D 222 12.31 8.90 -22.20
C TYR D 222 12.40 10.25 -21.56
N CYS D 223 11.71 10.42 -20.40
CA CYS D 223 11.55 11.69 -19.69
C CYS D 223 12.14 11.64 -18.29
N ALA D 224 12.81 12.72 -17.91
CA ALA D 224 13.40 12.80 -16.58
C ALA D 224 12.35 13.08 -15.50
N PRO D 225 12.51 12.52 -14.28
CA PRO D 225 11.72 12.81 -13.10
C PRO D 225 12.10 14.17 -12.57
N ALA D 226 11.23 14.79 -11.79
CA ALA D 226 11.58 16.10 -11.25
C ALA D 226 12.88 16.06 -10.48
N GLY D 227 13.71 17.07 -10.71
CA GLY D 227 15.01 17.21 -10.08
C GLY D 227 16.13 16.75 -11.00
N PHE D 228 15.77 16.11 -12.09
CA PHE D 228 16.70 15.63 -13.08
C PHE D 228 16.46 16.29 -14.41
N ALA D 229 17.47 16.29 -15.23
CA ALA D 229 17.33 16.86 -16.55
C ALA D 229 18.10 16.05 -17.57
N ILE D 230 17.65 16.08 -18.82
CA ILE D 230 18.40 15.37 -19.83
C ILE D 230 19.13 16.38 -20.68
N LEU D 231 20.42 16.23 -20.78
CA LEU D 231 21.15 17.17 -21.58
C LEU D 231 21.39 16.55 -22.93
N LYS D 232 21.20 17.35 -23.96
CA LYS D 232 21.36 16.91 -25.34
C LYS D 232 22.53 17.59 -26.06
N CYS D 233 23.37 16.78 -26.72
CA CYS D 233 24.54 17.21 -27.51
C CYS D 233 24.11 17.51 -28.95
N LYS D 234 24.40 18.72 -29.44
CA LYS D 234 24.05 19.11 -30.80
C LYS D 234 25.22 19.17 -31.74
N ASP D 235 26.35 18.69 -31.33
CA ASP D 235 27.48 18.74 -32.21
C ASP D 235 27.31 17.69 -33.30
N LYS D 236 27.16 18.15 -34.53
CA LYS D 236 26.89 17.30 -35.70
C LYS D 236 28.05 16.37 -36.01
N LYS D 237 29.22 16.67 -35.46
CA LYS D 237 30.39 15.83 -35.66
C LYS D 237 30.67 14.97 -34.45
N PHE D 238 29.77 14.97 -33.47
CA PHE D 238 30.07 14.21 -32.27
C PHE D 238 30.16 12.72 -32.58
N ASN D 239 31.29 12.10 -32.13
CA ASN D 239 31.65 10.70 -32.35
C ASN D 239 31.34 9.78 -31.16
N GLY D 240 30.49 10.23 -30.22
CA GLY D 240 30.02 9.47 -29.04
C GLY D 240 30.74 9.73 -27.75
N THR D 241 31.93 10.29 -27.78
CA THR D 241 32.63 10.57 -26.53
C THR D 241 33.28 11.93 -26.51
N GLY D 242 33.51 12.43 -25.31
CA GLY D 242 34.28 13.63 -25.12
C GLY D 242 33.41 14.87 -24.99
N PRO D 243 34.00 16.05 -24.95
CA PRO D 243 33.34 17.30 -24.71
C PRO D 243 32.44 17.61 -25.88
N CYS D 244 31.34 18.31 -25.60
CA CYS D 244 30.35 18.79 -26.54
C CYS D 244 29.94 20.19 -26.15
N THR D 245 29.90 21.05 -27.16
CA THR D 245 29.47 22.43 -27.03
C THR D 245 28.07 22.41 -27.60
N ASN D 246 27.32 23.54 -27.56
CA ASN D 246 25.94 23.61 -28.08
C ASN D 246 24.99 22.57 -27.40
N VAL D 247 25.10 22.46 -26.07
CA VAL D 247 24.31 21.57 -25.24
C VAL D 247 22.99 22.22 -24.87
N SER D 248 21.90 21.50 -24.98
CA SER D 248 20.61 22.04 -24.60
C SER D 248 19.94 21.15 -23.60
N THR D 249 19.03 21.71 -22.84
CA THR D 249 18.30 20.94 -21.87
C THR D 249 16.94 20.59 -22.37
N VAL D 250 16.58 19.32 -22.24
CA VAL D 250 15.28 18.90 -22.65
C VAL D 250 14.62 18.14 -21.53
N GLN D 251 13.32 18.03 -21.60
CA GLN D 251 12.63 17.22 -20.62
C GLN D 251 12.53 15.74 -20.98
N CYS D 252 12.47 15.43 -22.32
CA CYS D 252 12.31 14.09 -22.87
C CYS D 252 13.17 13.93 -24.11
N THR D 253 13.45 12.68 -24.49
CA THR D 253 14.18 12.38 -25.73
C THR D 253 13.26 12.58 -26.94
N HIS D 254 13.84 12.55 -28.13
CA HIS D 254 13.16 12.84 -29.40
C HIS D 254 12.13 11.88 -29.92
N GLY D 255 12.12 10.69 -29.38
CA GLY D 255 11.20 9.68 -29.83
C GLY D 255 11.97 8.63 -30.58
N ILE D 256 12.17 7.53 -29.92
CA ILE D 256 12.94 6.44 -30.45
C ILE D 256 12.07 5.27 -30.72
N LYS D 257 12.10 4.78 -31.94
CA LYS D 257 11.32 3.60 -32.24
C LYS D 257 12.17 2.42 -31.82
N PRO D 258 11.72 1.55 -30.93
CA PRO D 258 12.46 0.42 -30.43
C PRO D 258 12.45 -0.70 -31.43
N VAL D 259 13.08 -0.47 -32.57
CA VAL D 259 13.13 -1.46 -33.61
C VAL D 259 14.16 -2.48 -33.21
N VAL D 260 13.80 -3.73 -33.31
CA VAL D 260 14.69 -4.81 -32.93
C VAL D 260 15.24 -5.50 -34.17
N SER D 261 16.55 -5.37 -34.41
CA SER D 261 17.18 -5.96 -35.59
C SER D 261 18.66 -6.25 -35.41
N THR D 262 19.20 -7.05 -36.33
CA THR D 262 20.64 -7.29 -36.35
C THR D 262 21.25 -6.86 -37.69
N GLN D 263 22.56 -6.59 -37.69
CA GLN D 263 23.38 -6.17 -38.86
C GLN D 263 23.02 -4.79 -39.39
N LEU D 264 21.78 -4.61 -39.80
CA LEU D 264 21.35 -3.31 -40.27
C LEU D 264 20.40 -2.70 -39.28
N LEU D 265 20.59 -1.42 -39.07
CA LEU D 265 19.74 -0.64 -38.20
C LEU D 265 18.72 0.02 -39.06
N LEU D 266 17.47 -0.31 -38.79
CA LEU D 266 16.37 0.21 -39.57
C LEU D 266 15.60 1.28 -38.82
N ASN D 267 15.03 2.24 -39.58
CA ASN D 267 14.12 3.33 -39.17
C ASN D 267 14.65 4.19 -38.00
N GLY D 268 15.97 4.51 -37.97
CA GLY D 268 16.60 5.34 -36.94
C GLY D 268 16.82 6.75 -37.46
N SER D 269 17.66 7.47 -36.77
CA SER D 269 17.97 8.83 -37.15
C SER D 269 19.11 8.87 -38.15
N LEU D 270 19.17 9.91 -38.95
CA LEU D 270 20.28 10.10 -39.87
C LEU D 270 21.23 11.15 -39.34
N ALA D 271 22.47 11.05 -39.77
CA ALA D 271 23.52 12.02 -39.46
C ALA D 271 23.21 13.31 -40.20
N GLU D 272 23.56 14.46 -39.67
CA GLU D 272 23.29 15.68 -40.42
C GLU D 272 24.09 15.71 -41.71
N GLU D 273 25.33 15.24 -41.66
CA GLU D 273 26.18 15.23 -42.83
C GLU D 273 27.15 14.05 -42.80
N GLU D 274 27.60 13.67 -43.98
CA GLU D 274 28.57 12.61 -44.21
C GLU D 274 28.18 11.28 -43.53
N VAL D 275 29.17 10.59 -42.97
CA VAL D 275 28.97 9.34 -42.27
C VAL D 275 29.69 9.43 -40.96
N ILE D 276 29.03 9.11 -39.87
CA ILE D 276 29.71 9.20 -38.62
C ILE D 276 30.02 7.82 -38.12
N ILE D 277 31.28 7.53 -37.93
CA ILE D 277 31.71 6.23 -37.51
C ILE D 277 32.09 6.27 -36.05
N ARG D 278 31.41 5.48 -35.24
CA ARG D 278 31.64 5.53 -33.81
C ARG D 278 31.97 4.16 -33.24
N SER D 279 32.88 4.13 -32.29
CA SER D 279 33.18 2.88 -31.58
C SER D 279 33.78 3.26 -30.25
N GLU D 280 33.78 2.34 -29.30
CA GLU D 280 34.44 2.63 -28.02
C GLU D 280 35.96 2.86 -28.17
N ASN D 281 36.61 2.08 -29.06
CA ASN D 281 38.04 2.11 -29.41
C ASN D 281 38.17 1.61 -30.85
N ILE D 282 38.47 2.51 -31.83
CA ILE D 282 38.50 2.16 -33.27
C ILE D 282 39.60 1.16 -33.63
N THR D 283 40.66 1.12 -32.84
CA THR D 283 41.75 0.20 -33.10
C THR D 283 41.57 -1.15 -32.39
N ASN D 284 40.47 -1.32 -31.66
CA ASN D 284 40.20 -2.55 -30.94
C ASN D 284 39.27 -3.47 -31.75
N ASN D 285 39.78 -4.61 -32.20
CA ASN D 285 38.97 -5.49 -33.05
C ASN D 285 37.87 -6.19 -32.27
N ALA D 286 37.89 -6.08 -30.95
CA ALA D 286 36.88 -6.71 -30.11
C ALA D 286 35.66 -5.81 -29.93
N LYS D 287 35.70 -4.60 -30.48
CA LYS D 287 34.59 -3.68 -30.32
C LYS D 287 33.85 -3.55 -31.63
N ASN D 288 32.54 -3.26 -31.56
CA ASN D 288 31.78 -3.06 -32.79
C ASN D 288 31.89 -1.63 -33.25
N ILE D 289 31.73 -1.44 -34.53
CA ILE D 289 31.72 -0.13 -35.13
C ILE D 289 30.31 0.21 -35.56
N LEU D 290 29.79 1.30 -35.05
CA LEU D 290 28.44 1.68 -35.38
C LEU D 290 28.51 2.81 -36.40
N VAL D 291 27.94 2.58 -37.57
CA VAL D 291 28.05 3.56 -38.61
C VAL D 291 26.74 4.22 -38.94
N GLN D 292 26.67 5.53 -38.77
CA GLN D 292 25.43 6.25 -39.05
C GLN D 292 25.50 7.00 -40.37
N LEU D 293 24.51 6.80 -41.20
CA LEU D 293 24.48 7.41 -42.52
C LEU D 293 23.73 8.73 -42.48
N ASN D 294 24.02 9.66 -43.42
CA ASN D 294 23.25 10.89 -43.51
C ASN D 294 22.15 10.80 -44.55
N GLU D 295 22.06 9.64 -45.16
CA GLU D 295 21.06 9.33 -46.18
C GLU D 295 20.57 7.95 -45.92
N SER D 296 19.30 7.72 -46.14
CA SER D 296 18.76 6.39 -45.98
C SER D 296 18.94 5.54 -47.22
N VAL D 297 18.95 4.23 -47.02
CA VAL D 297 18.94 3.31 -48.15
C VAL D 297 17.58 2.67 -48.11
N GLN D 298 16.84 2.76 -49.19
CA GLN D 298 15.49 2.24 -49.15
C GLN D 298 15.51 0.75 -49.39
N ILE D 299 14.94 -0.02 -48.48
CA ILE D 299 14.83 -1.47 -48.59
C ILE D 299 13.35 -1.88 -48.42
N ASN D 300 12.85 -2.83 -49.26
CA ASN D 300 11.47 -3.33 -49.17
C ASN D 300 11.46 -4.87 -49.27
N CYS D 301 10.87 -5.50 -48.23
CA CYS D 301 10.85 -6.95 -47.98
C CYS D 301 9.45 -7.53 -48.11
N THR D 302 9.39 -8.70 -48.71
CA THR D 302 8.14 -9.40 -48.93
C THR D 302 8.16 -10.88 -48.56
N ARG D 303 7.01 -11.32 -48.06
CA ARG D 303 6.72 -12.72 -47.85
C ARG D 303 5.54 -12.91 -48.80
N PRO D 304 5.80 -13.38 -50.03
CA PRO D 304 4.88 -13.44 -51.15
C PRO D 304 3.73 -14.42 -51.08
N ASN D 305 3.82 -15.39 -50.19
CA ASN D 305 2.82 -16.42 -50.11
C ASN D 305 1.55 -15.88 -49.47
N ASN D 306 0.36 -16.30 -49.97
CA ASN D 306 -0.94 -15.95 -49.40
C ASN D 306 -1.33 -17.02 -48.37
N ASN D 307 -1.14 -16.69 -47.07
CA ASN D 307 -1.34 -17.63 -45.96
C ASN D 307 -2.68 -17.53 -45.28
N THR D 308 -3.05 -18.64 -44.67
CA THR D 308 -4.26 -18.78 -43.88
C THR D 308 -3.89 -19.34 -42.52
N ARG D 309 -4.85 -19.29 -41.60
CA ARG D 309 -4.66 -19.82 -40.26
C ARG D 309 -5.68 -20.87 -39.94
N LYS D 310 -5.25 -21.84 -39.18
CA LYS D 310 -6.10 -22.91 -38.72
C LYS D 310 -6.23 -22.81 -37.23
N SER D 311 -7.39 -22.37 -36.77
CA SER D 311 -7.56 -22.15 -35.35
C SER D 311 -8.04 -23.41 -34.67
N ILE D 312 -7.19 -23.94 -33.80
CA ILE D 312 -7.45 -25.20 -33.15
C ILE D 312 -7.69 -25.04 -31.66
N ARG D 313 -8.80 -25.55 -31.18
CA ARG D 313 -9.02 -25.45 -29.74
C ARG D 313 -8.25 -26.59 -29.12
N ILE D 314 -7.38 -26.27 -28.15
CA ILE D 314 -6.52 -27.26 -27.52
C ILE D 314 -6.92 -27.52 -26.08
N GLY D 315 -7.89 -26.75 -25.62
CA GLY D 315 -8.34 -26.76 -24.25
C GLY D 315 -9.46 -25.75 -24.06
N PRO D 316 -9.82 -25.42 -22.82
CA PRO D 316 -10.96 -24.59 -22.45
C PRO D 316 -10.85 -23.12 -22.78
N GLY D 317 -10.96 -22.83 -24.07
CA GLY D 317 -10.85 -21.46 -24.58
C GLY D 317 -9.43 -21.16 -24.96
N GLN D 318 -8.65 -22.20 -25.04
CA GLN D 318 -7.25 -22.09 -25.39
C GLN D 318 -7.09 -22.41 -26.84
N TRP D 319 -6.68 -21.45 -27.62
CA TRP D 319 -6.56 -21.68 -29.02
C TRP D 319 -5.14 -21.62 -29.49
N PHE D 320 -4.82 -22.49 -30.39
CA PHE D 320 -3.54 -22.56 -31.06
C PHE D 320 -3.72 -22.12 -32.49
N TYR D 321 -2.90 -21.20 -32.92
CA TYR D 321 -3.03 -20.74 -34.28
C TYR D 321 -1.97 -21.34 -35.13
N ALA D 322 -2.38 -22.28 -35.96
CA ALA D 322 -1.47 -23.01 -36.79
C ALA D 322 -1.44 -22.46 -38.19
N THR D 323 -0.35 -22.63 -38.89
CA THR D 323 -0.35 -22.28 -40.31
C THR D 323 -1.30 -23.25 -40.96
N GLY D 324 -2.20 -22.74 -41.79
CA GLY D 324 -3.20 -23.56 -42.45
C GLY D 324 -2.67 -24.15 -43.75
N ASP D 325 -2.81 -23.43 -44.84
CA ASP D 325 -2.30 -23.89 -46.12
C ASP D 325 -1.93 -22.71 -46.98
N ILE D 326 -1.43 -22.96 -48.19
CA ILE D 326 -1.01 -21.87 -49.04
C ILE D 326 -1.93 -21.72 -50.23
N ILE D 327 -2.37 -20.49 -50.45
CA ILE D 327 -3.21 -20.19 -51.58
C ILE D 327 -2.33 -19.64 -52.68
N GLY D 328 -2.36 -20.29 -53.83
CA GLY D 328 -1.51 -19.90 -54.93
C GLY D 328 -0.17 -20.58 -54.80
N ASP D 329 0.77 -20.13 -55.61
CA ASP D 329 2.07 -20.78 -55.65
C ASP D 329 2.89 -20.45 -54.41
N ILE D 330 3.83 -21.33 -54.08
CA ILE D 330 4.76 -21.08 -52.98
C ILE D 330 6.03 -20.42 -53.48
N ARG D 331 6.44 -19.35 -52.83
CA ARG D 331 7.63 -18.60 -53.17
C ARG D 331 8.52 -18.30 -51.96
N GLN D 332 9.79 -18.06 -52.25
CA GLN D 332 10.80 -17.70 -51.27
C GLN D 332 10.67 -16.24 -50.84
N ALA D 333 10.81 -15.98 -49.54
CA ALA D 333 10.79 -14.62 -49.02
C ALA D 333 12.05 -13.90 -49.49
N HIS D 334 11.94 -12.60 -49.74
CA HIS D 334 13.11 -11.84 -50.21
C HIS D 334 13.01 -10.32 -49.95
N CYS D 335 14.17 -9.60 -50.01
CA CYS D 335 14.27 -8.12 -49.87
C CYS D 335 15.02 -7.45 -51.02
N ASN D 336 14.50 -6.33 -51.50
CA ASN D 336 15.13 -5.58 -52.59
C ASN D 336 15.83 -4.32 -52.07
N VAL D 337 17.07 -4.09 -52.56
CA VAL D 337 17.96 -2.93 -52.30
C VAL D 337 18.42 -2.37 -53.65
N SER D 338 18.32 -1.05 -53.90
CA SER D 338 18.77 -0.55 -55.22
C SER D 338 20.29 -0.66 -55.35
N LYS D 339 20.80 -0.84 -56.58
CA LYS D 339 22.24 -1.00 -56.76
C LYS D 339 23.08 0.22 -56.51
N ALA D 340 22.66 1.35 -57.07
CA ALA D 340 23.48 2.53 -56.93
C ALA D 340 23.47 3.06 -55.53
N THR D 341 22.32 2.95 -54.87
CA THR D 341 22.18 3.54 -53.56
C THR D 341 23.13 2.82 -52.66
N TRP D 342 23.12 1.49 -52.74
CA TRP D 342 24.00 0.72 -51.91
C TRP D 342 25.48 0.95 -52.22
N ASN D 343 25.86 1.03 -53.53
CA ASN D 343 27.24 1.25 -53.98
C ASN D 343 27.79 2.61 -53.48
N GLU D 344 26.95 3.69 -53.53
CA GLU D 344 27.31 5.02 -53.04
C GLU D 344 27.43 4.99 -51.54
N THR D 345 26.54 4.26 -50.88
CA THR D 345 26.57 4.18 -49.45
C THR D 345 27.84 3.54 -48.98
N LEU D 346 28.25 2.43 -49.58
CA LEU D 346 29.47 1.85 -49.08
C LEU D 346 30.65 2.73 -49.43
N GLY D 347 30.63 3.39 -50.59
CA GLY D 347 31.75 4.24 -50.92
C GLY D 347 31.91 5.37 -49.89
N LYS D 348 30.78 5.92 -49.43
CA LYS D 348 30.82 6.98 -48.42
C LYS D 348 31.36 6.45 -47.10
N VAL D 349 30.98 5.21 -46.76
CA VAL D 349 31.47 4.61 -45.54
C VAL D 349 32.96 4.45 -45.63
N VAL D 350 33.45 4.01 -46.79
CA VAL D 350 34.88 3.84 -46.93
C VAL D 350 35.60 5.18 -46.84
N LYS D 351 35.10 6.20 -47.51
CA LYS D 351 35.75 7.50 -47.48
C LYS D 351 35.98 8.00 -46.06
N GLN D 352 35.00 7.80 -45.17
CA GLN D 352 35.12 8.26 -43.79
C GLN D 352 35.77 7.26 -42.88
N LEU D 353 36.09 6.08 -43.40
CA LEU D 353 36.65 4.98 -42.63
C LEU D 353 38.15 5.01 -42.80
N ARG D 354 38.60 5.37 -44.00
CA ARG D 354 40.04 5.46 -44.30
C ARG D 354 40.70 6.45 -43.34
N LYS D 355 39.95 7.44 -42.89
CA LYS D 355 40.47 8.46 -41.97
C LYS D 355 41.03 7.88 -40.68
N HIS D 356 40.62 6.67 -40.31
CA HIS D 356 41.09 6.02 -39.11
C HIS D 356 42.16 4.96 -39.37
N PHE D 357 42.39 4.62 -40.63
CA PHE D 357 43.30 3.53 -40.97
C PHE D 357 44.46 3.89 -41.90
N GLY D 358 44.32 4.97 -42.65
CA GLY D 358 45.32 5.39 -43.62
C GLY D 358 44.80 5.22 -45.04
N ASN D 359 45.46 5.90 -46.01
CA ASN D 359 45.11 5.92 -47.44
C ASN D 359 46.02 4.95 -48.21
N THR D 361 46.04 1.81 -49.08
CA THR D 361 45.32 0.87 -48.23
C THR D 361 44.07 0.36 -48.99
N ILE D 362 43.61 -0.86 -48.64
CA ILE D 362 42.40 -1.50 -49.23
C ILE D 362 41.36 -1.85 -48.19
N ILE D 363 40.14 -1.36 -48.40
CA ILE D 363 39.04 -1.67 -47.50
C ILE D 363 38.01 -2.58 -48.10
N ARG D 364 37.95 -3.77 -47.56
CA ARG D 364 37.07 -4.79 -48.05
C ARG D 364 35.87 -5.04 -47.17
N PHE D 365 34.75 -5.25 -47.82
CA PHE D 365 33.53 -5.66 -47.16
C PHE D 365 33.35 -7.11 -47.53
N ALA D 366 32.95 -7.88 -46.55
CA ALA D 366 32.74 -9.30 -46.76
C ALA D 366 31.52 -9.74 -45.99
N ASN D 367 31.09 -10.96 -46.21
CA ASN D 367 29.89 -11.42 -45.55
C ASN D 367 30.13 -11.87 -44.13
N SER D 368 29.05 -12.28 -43.51
CA SER D 368 29.04 -12.71 -42.14
C SER D 368 29.59 -14.13 -41.96
N SER D 369 29.89 -14.50 -40.69
CA SER D 369 30.36 -15.83 -40.30
C SER D 369 30.07 -16.00 -38.80
N LEU D 373 22.39 -18.06 -36.63
CA LEU D 373 21.31 -17.60 -37.51
C LEU D 373 21.01 -16.11 -37.29
N GLU D 374 20.72 -15.71 -36.03
CA GLU D 374 20.33 -14.35 -35.61
C GLU D 374 21.42 -13.32 -35.91
N VAL D 375 22.66 -13.73 -35.80
CA VAL D 375 23.78 -12.84 -36.05
C VAL D 375 24.24 -12.90 -37.49
N THR D 376 24.28 -14.10 -38.09
CA THR D 376 24.80 -14.22 -39.43
C THR D 376 23.85 -13.72 -40.49
N THR D 377 22.56 -13.67 -40.18
CA THR D 377 21.60 -13.12 -41.11
C THR D 377 21.08 -11.81 -40.56
N HIS D 378 20.37 -11.08 -41.38
CA HIS D 378 19.73 -9.84 -40.97
C HIS D 378 18.39 -10.17 -40.41
N SER D 379 18.28 -10.09 -39.10
CA SER D 379 17.04 -10.42 -38.45
C SER D 379 16.17 -9.19 -38.26
N PHE D 380 14.91 -9.31 -38.63
CA PHE D 380 13.96 -8.22 -38.42
C PHE D 380 12.52 -8.71 -38.39
N ASN D 381 11.64 -7.90 -37.82
CA ASN D 381 10.22 -8.23 -37.79
C ASN D 381 9.45 -7.39 -38.83
N CYS D 382 9.03 -8.03 -39.93
CA CYS D 382 8.33 -7.41 -41.06
C CYS D 382 6.85 -7.72 -40.90
N GLY D 383 6.05 -6.71 -40.70
CA GLY D 383 4.68 -7.06 -40.40
C GLY D 383 4.75 -7.83 -39.09
N GLY D 384 4.18 -9.03 -39.07
CA GLY D 384 4.19 -9.86 -37.86
C GLY D 384 5.14 -11.06 -37.94
N GLU D 385 6.00 -11.14 -38.95
CA GLU D 385 6.85 -12.31 -39.07
C GLU D 385 8.33 -12.03 -39.03
N PHE D 386 9.05 -12.95 -38.41
CA PHE D 386 10.48 -12.82 -38.26
C PHE D 386 11.27 -13.39 -39.40
N PHE D 387 11.96 -12.48 -40.09
CA PHE D 387 12.77 -12.74 -41.25
C PHE D 387 14.21 -12.85 -40.87
N TYR D 388 14.90 -13.75 -41.56
CA TYR D 388 16.33 -13.98 -41.43
C TYR D 388 16.98 -13.93 -42.83
N CYS D 389 17.37 -12.71 -43.29
CA CYS D 389 17.80 -12.45 -44.66
C CYS D 389 19.32 -12.54 -44.85
N ASN D 390 19.70 -13.05 -46.01
CA ASN D 390 21.09 -13.25 -46.40
C ASN D 390 21.68 -11.99 -47.05
N THR D 391 22.62 -11.32 -46.35
CA THR D 391 23.29 -10.07 -46.70
C THR D 391 24.64 -10.33 -47.36
N SER D 392 24.93 -11.59 -47.69
CA SER D 392 26.22 -11.89 -48.30
C SER D 392 26.36 -11.20 -49.64
N GLY D 393 25.24 -10.97 -50.34
CA GLY D 393 25.28 -10.33 -51.64
C GLY D 393 25.22 -8.81 -51.52
N LEU D 394 25.20 -8.33 -50.29
CA LEU D 394 25.09 -6.92 -50.01
C LEU D 394 26.50 -6.40 -49.63
N PHE D 395 27.14 -7.09 -48.71
CA PHE D 395 28.47 -6.71 -48.27
C PHE D 395 29.57 -7.42 -49.05
N ASN D 396 29.73 -7.02 -50.31
CA ASN D 396 30.69 -7.71 -51.16
C ASN D 396 31.48 -6.78 -52.09
N SER D 397 32.61 -6.25 -51.59
CA SER D 397 33.44 -5.30 -52.37
C SER D 397 34.84 -5.14 -51.80
N THR D 398 35.84 -4.92 -52.65
CA THR D 398 37.20 -4.66 -52.11
C THR D 398 37.67 -3.19 -52.12
N TRP D 399 36.88 -2.25 -52.68
CA TRP D 399 37.15 -0.79 -52.79
C TRP D 399 38.65 -0.43 -52.92
N ASP D 415 19.21 -2.77 -62.17
CA ASP D 415 19.05 -1.58 -61.33
C ASP D 415 18.92 -1.87 -59.81
N SER D 416 18.66 -3.15 -59.43
CA SER D 416 18.48 -3.59 -58.03
C SER D 416 19.03 -4.99 -57.78
N ILE D 417 19.23 -5.29 -56.50
CA ILE D 417 19.68 -6.60 -56.08
C ILE D 417 18.70 -7.14 -55.06
N THR D 418 18.70 -8.45 -54.86
CA THR D 418 17.86 -9.00 -53.83
C THR D 418 18.58 -9.89 -52.87
N LEU D 419 18.03 -9.95 -51.68
CA LEU D 419 18.50 -10.78 -50.61
C LEU D 419 17.47 -11.89 -50.38
N PRO D 420 17.80 -13.16 -50.47
CA PRO D 420 16.88 -14.25 -50.21
C PRO D 420 16.67 -14.23 -48.72
N CYS D 421 15.49 -14.65 -48.22
CA CYS D 421 15.17 -14.67 -46.79
C CYS D 421 14.49 -15.96 -46.32
N ARG D 422 14.76 -16.32 -45.07
CA ARG D 422 14.08 -17.42 -44.40
C ARG D 422 13.15 -16.86 -43.34
N ILE D 423 12.11 -17.61 -42.99
CA ILE D 423 11.17 -17.21 -41.94
C ILE D 423 11.05 -18.27 -40.87
N LYS D 424 11.05 -17.85 -39.61
CA LYS D 424 10.96 -18.80 -38.50
C LYS D 424 9.79 -18.40 -37.60
N GLN D 425 9.09 -19.39 -36.98
CA GLN D 425 8.00 -19.11 -36.03
C GLN D 425 8.34 -19.27 -34.55
N ILE D 426 9.33 -20.09 -34.19
CA ILE D 426 9.63 -20.21 -32.77
C ILE D 426 10.83 -19.34 -32.50
N ILE D 427 10.61 -18.30 -31.75
CA ILE D 427 11.61 -17.29 -31.57
C ILE D 427 12.18 -17.27 -30.17
N ASN D 428 13.51 -17.27 -30.08
CA ASN D 428 14.18 -17.18 -28.80
C ASN D 428 14.78 -15.80 -28.70
N MET D 429 14.14 -14.90 -27.98
CA MET D 429 14.62 -13.53 -27.97
C MET D 429 15.59 -13.17 -26.88
N TRP D 430 16.31 -12.10 -27.16
CA TRP D 430 17.25 -11.42 -26.28
C TRP D 430 18.41 -12.31 -25.87
N GLN D 431 18.69 -13.29 -26.72
CA GLN D 431 19.76 -14.27 -26.58
C GLN D 431 19.61 -15.16 -25.35
N ARG D 432 18.38 -15.32 -24.88
CA ARG D 432 18.11 -16.19 -23.77
C ARG D 432 17.72 -17.55 -24.34
N ILE D 433 17.88 -18.62 -23.57
CA ILE D 433 17.44 -19.92 -24.07
C ILE D 433 16.33 -20.56 -23.24
N GLY D 434 15.98 -19.97 -22.10
CA GLY D 434 14.99 -20.56 -21.20
C GLY D 434 13.56 -20.17 -21.54
N GLN D 435 13.41 -19.37 -22.57
CA GLN D 435 12.13 -18.88 -23.02
C GLN D 435 12.04 -19.07 -24.51
N ALA D 436 10.82 -19.24 -25.00
CA ALA D 436 10.59 -19.30 -26.42
C ALA D 436 9.20 -18.78 -26.68
N MET D 437 9.05 -18.10 -27.79
CA MET D 437 7.77 -17.56 -28.20
C MET D 437 7.31 -18.16 -29.49
N TYR D 438 6.03 -18.47 -29.59
CA TYR D 438 5.53 -18.91 -30.88
C TYR D 438 4.82 -17.76 -31.53
N ALA D 439 5.28 -17.39 -32.69
CA ALA D 439 4.67 -16.31 -33.41
C ALA D 439 3.56 -16.89 -34.26
N PRO D 440 2.30 -16.51 -34.07
CA PRO D 440 1.20 -17.08 -34.80
C PRO D 440 1.39 -16.59 -36.22
N PRO D 441 0.90 -17.28 -37.24
CA PRO D 441 1.00 -16.92 -38.64
C PRO D 441 0.25 -15.67 -38.98
N ILE D 442 0.72 -14.96 -39.98
CA ILE D 442 -0.01 -13.79 -40.45
C ILE D 442 -0.76 -14.12 -41.73
N GLN D 443 -2.04 -13.79 -41.77
CA GLN D 443 -2.84 -14.08 -42.93
C GLN D 443 -2.57 -13.09 -44.04
N GLY D 444 -2.77 -13.52 -45.27
CA GLY D 444 -2.55 -12.62 -46.38
C GLY D 444 -1.09 -12.67 -46.79
N VAL D 445 -0.62 -11.60 -47.41
CA VAL D 445 0.71 -11.48 -47.98
C VAL D 445 1.40 -10.32 -47.26
N ILE D 446 2.66 -10.50 -46.86
CA ILE D 446 3.32 -9.43 -46.11
C ILE D 446 4.28 -8.64 -46.94
N ARG D 447 4.09 -7.34 -46.95
CA ARG D 447 5.02 -6.46 -47.61
C ARG D 447 5.30 -5.28 -46.67
N CYS D 448 6.59 -4.96 -46.42
CA CYS D 448 7.03 -3.85 -45.58
C CYS D 448 8.11 -3.06 -46.31
N VAL D 449 8.06 -1.76 -46.10
CA VAL D 449 8.99 -0.82 -46.67
C VAL D 449 9.70 -0.11 -45.55
N SER D 450 11.02 -0.15 -45.52
CA SER D 450 11.77 0.45 -44.42
C SER D 450 13.08 1.11 -44.85
N ASN D 451 13.64 1.97 -43.96
CA ASN D 451 14.88 2.71 -44.19
C ASN D 451 16.07 2.12 -43.44
N ILE D 452 17.22 1.93 -44.13
CA ILE D 452 18.47 1.54 -43.49
C ILE D 452 19.13 2.84 -43.12
N THR D 453 19.34 3.04 -41.83
CA THR D 453 19.88 4.29 -41.33
C THR D 453 21.28 4.09 -40.78
N GLY D 454 21.65 2.85 -40.56
CA GLY D 454 23.01 2.60 -40.09
C GLY D 454 23.39 1.14 -40.16
N LEU D 455 24.68 0.90 -40.03
CA LEU D 455 25.25 -0.44 -40.11
C LEU D 455 25.97 -0.83 -38.83
N ILE D 456 26.00 -2.12 -38.52
CA ILE D 456 26.87 -2.58 -37.45
C ILE D 456 27.96 -3.38 -38.09
N LEU D 457 29.19 -2.92 -37.98
CA LEU D 457 30.32 -3.61 -38.58
C LEU D 457 31.37 -4.03 -37.58
N THR D 458 32.10 -5.08 -37.88
CA THR D 458 33.23 -5.44 -37.05
C THR D 458 34.44 -5.48 -37.95
N ARG D 459 35.62 -5.46 -37.36
CA ARG D 459 36.84 -5.45 -38.14
C ARG D 459 37.76 -6.59 -37.71
N ASP D 460 38.41 -7.27 -38.70
CA ASP D 460 39.41 -8.34 -38.51
C ASP D 460 39.84 -8.86 -39.88
N SER D 466 50.08 -6.35 -42.97
CA SER D 466 48.77 -6.17 -43.57
C SER D 466 48.57 -4.68 -43.95
N THR D 467 48.26 -4.44 -45.25
CA THR D 467 47.97 -3.14 -45.87
C THR D 467 46.50 -3.06 -46.25
N THR D 468 45.79 -4.14 -45.94
CA THR D 468 44.40 -4.26 -46.28
C THR D 468 43.67 -4.65 -45.04
N GLU D 469 42.37 -4.44 -45.04
CA GLU D 469 41.57 -4.88 -43.91
C GLU D 469 40.15 -5.27 -44.33
N THR D 470 39.54 -6.17 -43.55
CA THR D 470 38.17 -6.62 -43.84
C THR D 470 37.14 -6.29 -42.76
N PHE D 471 36.03 -5.74 -43.24
CA PHE D 471 34.90 -5.37 -42.43
C PHE D 471 33.75 -6.35 -42.67
N ARG D 472 33.15 -6.78 -41.59
CA ARG D 472 32.09 -7.77 -41.62
C ARG D 472 30.84 -7.23 -40.94
N PRO D 473 29.64 -7.56 -41.37
CA PRO D 473 28.43 -7.26 -40.65
C PRO D 473 28.51 -7.90 -39.28
N GLY D 474 28.09 -7.18 -38.26
CA GLY D 474 28.07 -7.68 -36.89
C GLY D 474 26.65 -7.74 -36.37
N GLY D 475 26.49 -8.01 -35.08
CA GLY D 475 25.14 -8.09 -34.55
C GLY D 475 25.14 -8.76 -33.20
N GLY D 476 23.94 -8.87 -32.62
CA GLY D 476 23.80 -9.48 -31.32
C GLY D 476 23.83 -8.40 -30.25
N ASP D 477 23.69 -8.81 -28.99
CA ASP D 477 23.63 -7.95 -27.79
C ASP D 477 22.34 -7.14 -27.70
N MET D 478 22.10 -6.36 -28.73
CA MET D 478 20.96 -5.48 -29.00
C MET D 478 21.00 -4.17 -28.23
N ARG D 479 22.02 -3.90 -27.41
CA ARG D 479 22.09 -2.60 -26.78
C ARG D 479 22.69 -1.59 -27.70
N ASP D 480 23.49 -2.06 -28.65
CA ASP D 480 24.12 -1.17 -29.60
C ASP D 480 23.08 -0.53 -30.49
N ASN D 481 21.94 -1.18 -30.59
CA ASN D 481 20.86 -0.68 -31.39
C ASN D 481 20.26 0.56 -30.78
N TRP D 482 20.42 0.73 -29.47
CA TRP D 482 19.85 1.85 -28.78
C TRP D 482 20.92 2.88 -28.51
N ARG D 483 22.18 2.44 -28.43
CA ARG D 483 23.26 3.40 -28.22
C ARG D 483 23.24 4.37 -29.39
N SER D 484 22.91 3.86 -30.56
CA SER D 484 22.88 4.64 -31.78
C SER D 484 21.86 5.77 -31.78
N GLU D 485 20.87 5.73 -30.89
CA GLU D 485 19.90 6.82 -30.79
C GLU D 485 20.15 7.64 -29.53
N LEU D 486 20.60 6.99 -28.47
CA LEU D 486 20.81 7.64 -27.20
C LEU D 486 22.18 8.27 -26.98
N TYR D 487 23.06 8.13 -27.94
CA TYR D 487 24.42 8.67 -27.81
C TYR D 487 24.50 10.15 -27.52
N LYS D 488 23.48 10.92 -27.87
CA LYS D 488 23.55 12.35 -27.66
C LYS D 488 22.93 12.79 -26.34
N TYR D 489 22.46 11.85 -25.51
CA TYR D 489 21.83 12.28 -24.28
C TYR D 489 22.52 11.81 -23.01
N LYS D 490 22.48 12.65 -21.98
CA LYS D 490 22.94 12.21 -20.67
C LYS D 490 22.02 12.73 -19.59
N VAL D 491 21.90 11.99 -18.50
CA VAL D 491 21.07 12.41 -17.39
C VAL D 491 21.87 13.01 -16.28
N VAL D 492 21.43 14.18 -15.81
CA VAL D 492 22.13 14.81 -14.70
C VAL D 492 21.18 15.14 -13.59
N LYS D 493 21.71 15.15 -12.38
CA LYS D 493 20.95 15.48 -11.18
C LYS D 493 21.22 16.89 -10.76
N ILE D 494 20.17 17.65 -10.56
CA ILE D 494 20.32 19.04 -10.18
C ILE D 494 20.43 19.13 -8.67
N GLU D 495 21.42 19.89 -8.22
CA GLU D 495 21.70 20.09 -6.80
C GLU D 495 21.66 21.57 -6.48
N PRO D 496 20.49 22.19 -6.39
CA PRO D 496 20.28 23.62 -6.36
C PRO D 496 20.52 24.24 -5.01
N LEU D 497 21.67 24.00 -4.42
CA LEU D 497 21.97 24.59 -3.13
C LEU D 497 23.46 24.75 -2.96
N GLY D 498 23.89 25.94 -2.60
CA GLY D 498 25.30 26.13 -2.39
C GLY D 498 25.62 27.46 -1.73
N VAL D 499 26.90 27.68 -1.52
CA VAL D 499 27.33 28.88 -0.82
C VAL D 499 28.36 29.63 -1.61
N ALA D 500 28.53 30.89 -1.26
CA ALA D 500 29.51 31.78 -1.87
C ALA D 500 29.82 32.91 -0.88
N PRO D 501 30.94 33.62 -0.95
CA PRO D 501 31.22 34.81 -0.18
C PRO D 501 30.47 36.03 -0.68
N THR D 502 30.13 36.93 0.23
CA THR D 502 29.57 38.23 -0.16
C THR D 502 29.65 39.33 0.87
N ARG D 503 29.36 40.54 0.42
CA ARG D 503 29.29 41.70 1.30
C ARG D 503 27.90 41.84 1.93
N CYS D 504 27.53 40.93 2.85
CA CYS D 504 26.20 40.87 3.50
C CYS D 504 26.21 40.07 4.81
N LYS D 505 25.69 40.67 5.87
CA LYS D 505 25.60 40.06 7.20
C LYS D 505 24.16 40.18 7.71
N ARG D 506 23.73 39.27 8.57
CA ARG D 506 22.38 39.38 9.13
C ARG D 506 22.28 40.58 10.07
N ARG D 507 21.06 41.17 10.18
CA ARG D 507 20.71 42.30 11.06
C ARG D 507 21.48 43.55 10.63
N PHE E 11 23.17 11.80 19.13
CA PHE E 11 21.78 11.78 18.71
C PHE E 11 20.93 12.02 19.97
N LEU E 12 20.67 10.98 20.78
CA LEU E 12 19.93 11.00 22.04
C LEU E 12 20.86 11.14 23.21
N GLY E 13 22.10 11.46 22.97
CA GLY E 13 23.06 11.57 24.07
C GLY E 13 22.59 12.51 25.17
N ALA E 14 21.84 13.55 24.83
CA ALA E 14 21.36 14.51 25.82
C ALA E 14 20.10 14.03 26.55
N ALA E 15 19.59 12.86 26.22
CA ALA E 15 18.36 12.35 26.79
C ALA E 15 18.40 12.21 28.29
N GLY E 16 19.55 11.93 28.88
CA GLY E 16 19.56 11.80 30.33
C GLY E 16 19.90 13.11 31.03
N SER E 17 20.13 14.18 30.28
CA SER E 17 20.53 15.45 30.84
C SER E 17 19.32 16.28 31.23
N THR E 18 19.53 17.34 31.99
CA THR E 18 18.40 18.13 32.37
C THR E 18 17.90 18.93 31.19
N MET E 19 16.67 19.42 31.30
CA MET E 19 16.05 20.17 30.22
C MET E 19 16.84 21.40 29.84
N GLY E 20 17.42 22.05 30.84
CA GLY E 20 18.19 23.27 30.61
C GLY E 20 19.51 23.02 29.91
N ALA E 21 19.94 21.77 29.82
CA ALA E 21 21.18 21.44 29.15
C ALA E 21 20.87 20.93 27.76
N ALA E 22 19.85 20.08 27.68
CA ALA E 22 19.44 19.40 26.47
C ALA E 22 18.84 20.35 25.45
N SER E 23 18.38 21.52 25.90
CA SER E 23 17.78 22.48 24.99
C SER E 23 18.82 23.03 24.03
N MET E 24 20.10 22.86 24.31
CA MET E 24 21.12 23.37 23.41
C MET E 24 21.55 22.35 22.36
N THR E 25 20.92 21.19 22.33
CA THR E 25 21.30 20.16 21.37
C THR E 25 20.15 19.86 20.45
N LEU E 26 19.36 20.86 20.05
CA LEU E 26 18.17 20.60 19.24
C LEU E 26 18.41 20.55 17.75
N THR E 27 19.63 20.79 17.29
CA THR E 27 19.86 20.69 15.86
C THR E 27 20.04 19.22 15.55
N VAL E 28 20.46 18.51 16.56
CA VAL E 28 20.67 17.09 16.52
C VAL E 28 19.29 16.57 16.82
N GLN E 29 18.87 15.50 16.15
CA GLN E 29 17.51 14.99 16.32
C GLN E 29 16.50 15.93 15.72
N ALA E 30 16.96 16.68 14.76
CA ALA E 30 16.18 17.54 13.92
C ALA E 30 16.69 17.15 12.56
N ARG E 31 18.00 17.31 12.40
CA ARG E 31 18.67 16.99 11.16
C ARG E 31 18.74 15.49 10.94
N ASN E 32 18.46 14.73 11.98
CA ASN E 32 18.50 13.28 11.97
C ASN E 32 17.13 12.62 11.94
N LEU E 33 16.06 13.40 11.75
CA LEU E 33 14.72 12.82 11.76
C LEU E 33 14.16 12.45 10.40
N LEU E 34 14.67 13.06 9.35
CA LEU E 34 14.10 12.86 8.02
C LEU E 34 14.80 11.79 7.15
N SER E 35 16.12 11.53 7.38
CA SER E 35 16.93 10.60 6.60
C SER E 35 17.95 9.93 7.50
N TRP E 60 9.98 -7.77 2.15
CA TRP E 60 10.77 -7.85 0.93
C TRP E 60 10.87 -6.50 0.20
N GLY E 61 9.77 -6.07 -0.47
CA GLY E 61 9.71 -4.93 -1.38
C GLY E 61 9.22 -3.64 -0.78
N ILE E 62 7.90 -3.48 -0.77
CA ILE E 62 7.25 -2.24 -0.37
C ILE E 62 7.49 -1.86 1.07
N LYS E 63 8.06 -2.74 1.88
CA LYS E 63 8.37 -2.36 3.24
C LYS E 63 9.27 -1.12 3.21
N GLN E 64 10.20 -1.03 2.25
CA GLN E 64 11.04 0.16 2.24
C GLN E 64 10.25 1.39 1.81
N LEU E 65 9.30 1.26 0.87
CA LEU E 65 8.51 2.43 0.52
C LEU E 65 7.67 2.85 1.68
N GLN E 66 7.15 1.90 2.44
CA GLN E 66 6.33 2.27 3.56
C GLN E 66 7.19 3.01 4.58
N ALA E 67 8.43 2.56 4.78
CA ALA E 67 9.31 3.26 5.71
C ALA E 67 9.63 4.68 5.25
N ARG E 68 9.83 4.87 3.94
CA ARG E 68 10.14 6.19 3.43
C ARG E 68 8.95 7.11 3.52
N VAL E 69 7.78 6.60 3.18
CA VAL E 69 6.59 7.40 3.20
C VAL E 69 6.26 7.76 4.62
N LEU E 70 6.37 6.82 5.55
CA LEU E 70 6.08 7.14 6.93
C LEU E 70 7.00 8.22 7.43
N ALA E 71 8.29 8.15 7.15
CA ALA E 71 9.16 9.18 7.67
C ALA E 71 8.75 10.54 7.15
N VAL E 72 8.36 10.62 5.89
CA VAL E 72 7.95 11.89 5.34
C VAL E 72 6.66 12.38 5.93
N GLU E 73 5.66 11.52 6.05
CA GLU E 73 4.41 11.99 6.59
C GLU E 73 4.57 12.45 8.02
N ARG E 74 5.36 11.75 8.82
CA ARG E 74 5.49 12.21 10.19
C ARG E 74 6.22 13.53 10.26
N TYR E 75 7.25 13.69 9.45
CA TYR E 75 8.00 14.92 9.44
C TYR E 75 7.09 16.07 9.12
N LEU E 76 6.29 15.94 8.08
CA LEU E 76 5.44 17.04 7.72
C LEU E 76 4.37 17.31 8.74
N ARG E 77 3.82 16.31 9.40
CA ARG E 77 2.79 16.65 10.37
C ARG E 77 3.40 17.55 11.44
N ASP E 78 4.63 17.25 11.87
CA ASP E 78 5.24 18.08 12.90
C ASP E 78 5.66 19.45 12.40
N GLN E 79 6.14 19.57 11.17
CA GLN E 79 6.53 20.88 10.68
C GLN E 79 5.33 21.75 10.43
N GLN E 80 4.25 21.14 9.97
CA GLN E 80 3.07 21.90 9.68
C GLN E 80 2.36 22.31 10.94
N LEU E 81 2.49 21.51 11.99
CA LEU E 81 1.91 21.88 13.24
C LEU E 81 2.68 23.09 13.77
N LEU E 82 4.00 23.10 13.65
CA LEU E 82 4.68 24.29 14.12
C LEU E 82 4.25 25.48 13.31
N GLY E 83 4.05 25.30 12.01
CA GLY E 83 3.63 26.41 11.18
C GLY E 83 2.27 26.96 11.57
N ILE E 84 1.31 26.11 11.86
CA ILE E 84 -0.03 26.59 12.20
C ILE E 84 -0.02 27.36 13.51
N TRP E 85 0.96 27.09 14.38
CA TRP E 85 1.13 27.82 15.63
C TRP E 85 1.97 29.09 15.46
N GLY E 86 2.45 29.35 14.24
CA GLY E 86 3.31 30.50 13.95
C GLY E 86 4.81 30.34 14.25
N CYS E 87 5.33 29.09 14.30
CA CYS E 87 6.72 28.77 14.65
C CYS E 87 7.46 28.11 13.48
N SER E 88 7.01 28.36 12.26
CA SER E 88 7.70 27.73 11.15
C SER E 88 9.12 28.20 11.07
N GLY E 89 10.03 27.26 10.86
CA GLY E 89 11.45 27.59 10.69
C GLY E 89 12.22 27.78 11.97
N LYS E 90 11.61 27.52 13.11
CA LYS E 90 12.30 27.72 14.38
C LYS E 90 12.37 26.43 15.19
N LEU E 91 13.42 26.27 15.99
CA LEU E 91 13.51 25.11 16.87
C LEU E 91 12.99 25.51 18.22
N ILE E 92 13.17 26.79 18.57
CA ILE E 92 12.65 27.30 19.83
C ILE E 92 11.82 28.54 19.52
N CYS E 93 10.52 28.57 19.90
CA CYS E 93 9.68 29.75 19.65
C CYS E 93 8.89 30.15 20.88
N CYS E 94 8.81 31.43 21.05
CA CYS E 94 8.07 32.00 22.15
C CYS E 94 6.65 32.24 21.65
N THR E 95 5.69 32.14 22.55
CA THR E 95 4.29 32.32 22.17
C THR E 95 3.66 33.36 23.05
N ASN E 96 2.37 33.62 22.81
CA ASN E 96 1.62 34.55 23.62
C ASN E 96 0.66 33.84 24.56
N VAL E 97 0.84 32.54 24.76
CA VAL E 97 -0.04 31.79 25.64
C VAL E 97 0.63 31.68 27.00
N PRO E 98 0.02 32.16 28.08
CA PRO E 98 0.56 32.15 29.43
C PRO E 98 0.53 30.75 29.95
N TRP E 99 1.42 30.44 30.86
CA TRP E 99 1.42 29.15 31.51
C TRP E 99 0.46 29.16 32.70
N ASN E 100 -0.43 28.16 32.78
CA ASN E 100 -1.38 27.92 33.86
C ASN E 100 -0.75 26.97 34.89
N SER E 101 -0.71 27.39 36.18
CA SER E 101 -0.09 26.64 37.29
C SER E 101 -0.75 25.30 37.54
N THR E 102 -1.93 25.13 36.98
CA THR E 102 -2.67 23.89 37.01
C THR E 102 -1.96 22.84 36.19
N TRP E 103 -1.42 23.23 35.04
CA TRP E 103 -0.78 22.28 34.15
C TRP E 103 0.43 21.74 34.86
N SER E 104 1.12 22.67 35.51
CA SER E 104 2.28 22.38 36.32
C SER E 104 2.53 23.50 37.27
N ASN E 105 2.64 23.16 38.55
CA ASN E 105 2.86 24.16 39.57
C ASN E 105 4.29 24.24 40.02
N ARG E 106 5.19 23.68 39.25
CA ARG E 106 6.59 23.77 39.58
C ARG E 106 7.17 25.07 39.05
N ASN E 107 8.19 25.62 39.73
CA ASN E 107 8.91 26.82 39.27
C ASN E 107 9.97 26.44 38.24
N LEU E 108 10.61 27.46 37.62
CA LEU E 108 11.60 27.28 36.57
C LEU E 108 12.85 26.60 37.07
N SER E 109 13.21 26.81 38.32
CA SER E 109 14.41 26.17 38.77
C SER E 109 14.22 24.67 38.78
N GLU E 110 13.09 24.18 39.27
CA GLU E 110 12.95 22.73 39.23
C GLU E 110 12.82 22.19 37.81
N ILE E 111 12.04 22.87 36.99
CA ILE E 111 11.80 22.36 35.66
C ILE E 111 13.02 22.34 34.79
N TRP E 112 13.80 23.40 34.78
CA TRP E 112 14.92 23.39 33.90
C TRP E 112 16.20 22.77 34.48
N ASP E 113 16.41 22.83 35.80
CA ASP E 113 17.62 22.27 36.36
C ASP E 113 17.53 20.86 36.95
N ASN E 114 16.36 20.40 37.44
CA ASN E 114 16.34 19.07 38.02
C ASN E 114 15.80 18.02 37.08
N MET E 115 14.75 18.35 36.35
CA MET E 115 14.12 17.37 35.46
C MET E 115 14.73 17.27 34.08
N THR E 116 14.54 16.09 33.48
CA THR E 116 14.88 15.86 32.07
C THR E 116 13.63 15.88 31.23
N TRP E 117 13.79 15.73 29.92
CA TRP E 117 12.66 15.83 29.02
C TRP E 117 11.69 14.69 29.08
N LEU E 118 12.15 13.51 29.44
CA LEU E 118 11.24 12.39 29.51
C LEU E 118 10.35 12.57 30.70
N GLN E 119 10.90 13.10 31.78
CA GLN E 119 10.15 13.31 33.00
C GLN E 119 9.14 14.40 32.81
N TRP E 120 9.54 15.46 32.15
CA TRP E 120 8.64 16.55 31.91
C TRP E 120 7.50 16.11 31.05
N ASP E 121 7.79 15.38 30.00
CA ASP E 121 6.75 14.94 29.12
C ASP E 121 5.72 14.13 29.89
N LYS E 122 6.15 13.27 30.80
CA LYS E 122 5.16 12.53 31.56
C LYS E 122 4.34 13.45 32.46
N GLU E 123 4.99 14.41 33.11
CA GLU E 123 4.30 15.27 34.07
C GLU E 123 3.18 16.09 33.50
N ILE E 124 3.30 16.52 32.26
CA ILE E 124 2.22 17.31 31.67
C ILE E 124 1.56 16.60 30.51
N SER E 125 1.69 15.29 30.41
CA SER E 125 1.14 14.62 29.25
C SER E 125 -0.35 14.88 29.01
N ASN E 126 -1.17 14.87 30.07
CA ASN E 126 -2.63 15.00 30.01
C ASN E 126 -3.11 16.43 29.66
N TYR E 127 -2.21 17.44 29.59
CA TYR E 127 -2.53 18.83 29.27
C TYR E 127 -2.01 19.22 27.92
N THR E 128 -1.38 18.28 27.21
CA THR E 128 -0.82 18.64 25.93
C THR E 128 -1.83 19.08 24.91
N GLN E 129 -2.96 18.41 24.84
CA GLN E 129 -3.92 18.77 23.82
C GLN E 129 -4.55 20.11 24.10
N ILE E 130 -4.67 20.47 25.37
CA ILE E 130 -5.25 21.75 25.69
C ILE E 130 -4.31 22.83 25.26
N ILE E 131 -3.03 22.63 25.55
CA ILE E 131 -2.05 23.63 25.19
C ILE E 131 -2.00 23.78 23.70
N TYR E 132 -2.01 22.69 22.95
CA TYR E 132 -1.94 22.84 21.53
C TYR E 132 -3.14 23.60 20.99
N GLY E 133 -4.34 23.33 21.50
CA GLY E 133 -5.49 24.07 20.99
C GLY E 133 -5.35 25.56 21.27
N LEU E 134 -4.83 25.91 22.44
CA LEU E 134 -4.68 27.31 22.76
C LEU E 134 -3.65 27.97 21.87
N LEU E 135 -2.60 27.26 21.50
CA LEU E 135 -1.60 27.84 20.63
C LEU E 135 -2.20 28.15 19.27
N GLU E 136 -3.05 27.26 18.75
CA GLU E 136 -3.67 27.53 17.45
C GLU E 136 -4.60 28.72 17.52
N GLU E 137 -5.35 28.84 18.61
CA GLU E 137 -6.26 29.95 18.76
C GLU E 137 -5.51 31.26 18.81
N SER E 138 -4.39 31.27 19.53
CA SER E 138 -3.57 32.45 19.65
C SER E 138 -3.04 32.91 18.32
N GLN E 139 -2.54 31.97 17.50
CA GLN E 139 -2.02 32.39 16.21
C GLN E 139 -3.10 32.95 15.35
N ASN E 140 -4.28 32.36 15.38
CA ASN E 140 -5.32 32.88 14.53
C ASN E 140 -5.62 34.32 14.87
N GLN E 141 -5.58 34.66 16.16
CA GLN E 141 -5.84 36.03 16.53
C GLN E 141 -4.68 36.93 16.15
N GLN E 142 -3.45 36.46 16.30
CA GLN E 142 -2.35 37.31 15.93
C GLN E 142 -2.35 37.61 14.46
N GLU E 143 -2.64 36.63 13.63
CA GLU E 143 -2.59 36.90 12.20
C GLU E 143 -3.63 37.91 11.79
N LYS E 144 -4.82 37.83 12.37
CA LYS E 144 -5.80 38.81 11.99
C LYS E 144 -5.36 40.19 12.45
N ASN E 145 -4.76 40.29 13.64
CA ASN E 145 -4.34 41.59 14.10
C ASN E 145 -3.23 42.18 13.24
N GLU E 146 -2.31 41.36 12.77
CA GLU E 146 -1.27 41.90 11.92
C GLU E 146 -1.85 42.35 10.60
N GLN E 147 -2.83 41.61 10.06
CA GLN E 147 -3.43 42.02 8.80
C GLN E 147 -4.05 43.39 8.95
N ASP E 148 -4.68 43.67 10.09
CA ASP E 148 -5.24 44.99 10.27
C ASP E 148 -4.17 46.07 10.47
N LEU E 149 -3.08 45.81 11.18
CA LEU E 149 -2.08 46.87 11.34
C LEU E 149 -1.44 47.25 10.01
N LEU E 150 -1.28 46.28 9.14
CA LEU E 150 -0.69 46.50 7.83
C LEU E 150 -1.62 47.28 6.91
N ALA E 151 -2.86 47.47 7.33
CA ALA E 151 -3.84 48.26 6.58
C ALA E 151 -3.67 49.79 6.78
N LEU E 152 -2.91 50.23 7.81
CA LEU E 152 -2.68 51.61 8.20
C LEU E 152 -1.53 52.16 7.38
N ASN F 38 4.41 34.82 36.03
CA ASN F 38 4.11 35.31 34.68
C ASN F 38 5.02 34.60 33.65
N LEU F 39 4.85 33.27 33.52
CA LEU F 39 5.57 32.39 32.60
C LEU F 39 4.75 32.15 31.38
N TRP F 40 5.42 31.85 30.29
CA TRP F 40 4.80 31.65 28.98
C TRP F 40 5.14 30.32 28.36
N VAL F 41 4.25 29.81 27.52
CA VAL F 41 4.49 28.55 26.84
C VAL F 41 5.52 28.71 25.73
N THR F 42 6.56 27.91 25.75
CA THR F 42 7.57 27.90 24.69
C THR F 42 7.66 26.54 24.08
N VAL F 43 7.69 26.54 22.76
CA VAL F 43 7.68 25.30 22.02
C VAL F 43 9.08 24.94 21.59
N TYR F 44 9.48 23.70 21.87
CA TYR F 44 10.78 23.19 21.51
C TYR F 44 10.68 22.01 20.55
N TYR F 45 11.42 22.09 19.45
CA TYR F 45 11.44 21.00 18.46
C TYR F 45 12.84 20.41 18.38
N GLY F 46 12.94 19.09 18.38
CA GLY F 46 14.26 18.42 18.38
C GLY F 46 14.58 17.86 19.77
N VAL F 47 13.55 17.84 20.61
CA VAL F 47 13.56 17.37 21.99
C VAL F 47 13.85 15.87 22.14
N PRO F 48 14.80 15.45 22.99
CA PRO F 48 15.21 14.08 23.18
C PRO F 48 14.24 13.23 23.97
N VAL F 49 13.06 13.00 23.41
CA VAL F 49 12.02 12.23 24.09
C VAL F 49 11.50 11.14 23.18
N TRP F 50 11.10 10.00 23.74
CA TRP F 50 10.58 8.90 22.96
C TRP F 50 9.51 8.09 23.64
N LYS F 51 8.81 7.31 22.83
CA LYS F 51 7.77 6.38 23.28
C LYS F 51 7.96 5.00 22.69
N ASP F 52 7.48 3.98 23.38
CA ASP F 52 7.58 2.63 22.84
C ASP F 52 6.81 2.54 21.54
N ALA F 53 7.35 1.81 20.56
CA ALA F 53 6.62 1.72 19.31
C ALA F 53 6.90 0.46 18.53
N GLU F 54 5.99 0.16 17.62
CA GLU F 54 6.18 -0.96 16.73
C GLU F 54 6.22 -0.45 15.31
N THR F 55 7.31 -0.72 14.62
CA THR F 55 7.45 -0.26 13.25
C THR F 55 8.06 -1.31 12.39
N THR F 56 8.27 -0.94 11.14
CA THR F 56 8.90 -1.78 10.16
C THR F 56 10.39 -1.56 10.15
N LEU F 57 11.15 -2.62 10.32
CA LEU F 57 12.59 -2.50 10.30
C LEU F 57 13.05 -3.01 8.96
N PHE F 58 14.17 -2.53 8.47
CA PHE F 58 14.68 -3.02 7.20
C PHE F 58 15.99 -3.73 7.46
N CYS F 59 16.45 -4.62 6.54
CA CYS F 59 17.68 -5.38 6.74
C CYS F 59 18.87 -4.81 5.95
N ALA F 60 19.96 -4.74 6.68
CA ALA F 60 21.25 -4.37 6.19
C ALA F 60 22.21 -5.53 6.37
N SER F 61 23.31 -5.49 5.63
CA SER F 61 24.34 -6.51 5.75
C SER F 61 25.75 -5.99 5.50
N ASP F 62 26.74 -6.81 5.88
CA ASP F 62 28.14 -6.46 5.69
C ASP F 62 28.63 -6.95 4.31
N ALA F 63 28.79 -6.01 3.35
CA ALA F 63 29.14 -6.27 1.94
C ALA F 63 30.64 -6.56 1.83
N HIS F 71 22.81 -17.70 -5.53
CA HIS F 71 23.53 -17.08 -4.45
C HIS F 71 22.62 -17.21 -3.19
N ASN F 72 23.08 -16.67 -2.03
CA ASN F 72 22.44 -16.70 -0.71
C ASN F 72 21.15 -15.90 -0.63
N VAL F 73 20.12 -16.51 -0.05
CA VAL F 73 18.84 -15.83 0.02
C VAL F 73 18.84 -14.56 0.87
N TRP F 74 19.63 -14.52 1.93
CA TRP F 74 19.62 -13.34 2.74
C TRP F 74 20.53 -12.31 2.16
N ALA F 75 21.58 -12.75 1.49
CA ALA F 75 22.47 -11.76 0.89
C ALA F 75 21.68 -10.95 -0.12
N THR F 76 20.76 -11.62 -0.83
CA THR F 76 19.92 -10.95 -1.80
C THR F 76 18.93 -10.03 -1.09
N HIS F 77 18.29 -10.52 -0.03
CA HIS F 77 17.31 -9.72 0.71
C HIS F 77 17.87 -8.46 1.41
N CYS F 78 18.97 -8.60 2.16
CA CYS F 78 19.59 -7.57 2.99
C CYS F 78 20.49 -6.69 2.14
N CYS F 79 19.81 -5.94 1.29
CA CYS F 79 20.44 -5.08 0.30
C CYS F 79 21.13 -3.83 0.84
N VAL F 80 20.80 -3.36 2.04
CA VAL F 80 21.45 -2.15 2.48
C VAL F 80 22.81 -2.46 3.11
N PRO F 81 23.92 -1.89 2.67
CA PRO F 81 25.20 -2.16 3.26
C PRO F 81 25.26 -1.46 4.62
N THR F 82 26.04 -2.02 5.57
CA THR F 82 26.31 -1.44 6.89
C THR F 82 27.64 -0.67 6.78
N GLU F 88 27.25 3.63 17.97
CA GLU F 88 26.63 3.45 19.28
C GLU F 88 26.83 4.68 20.18
N ILE F 89 25.72 5.27 20.67
CA ILE F 89 25.69 6.44 21.57
C ILE F 89 25.21 6.13 22.97
N HIS F 90 26.08 6.25 23.94
CA HIS F 90 25.72 5.92 25.31
C HIS F 90 24.82 6.98 25.93
N LEU F 91 23.75 6.57 26.62
CA LEU F 91 22.89 7.55 27.27
C LEU F 91 23.26 7.59 28.75
N GLU F 92 24.00 8.61 29.13
CA GLU F 92 24.62 8.62 30.45
C GLU F 92 23.73 8.41 31.68
N ASN F 93 22.51 8.99 31.70
CA ASN F 93 21.59 8.91 32.85
C ASN F 93 20.20 8.36 32.47
N VAL F 94 20.11 7.41 31.53
CA VAL F 94 18.83 6.81 31.12
C VAL F 94 18.61 5.43 31.65
N THR F 95 17.50 5.27 32.33
CA THR F 95 17.08 3.97 32.81
C THR F 95 15.88 3.67 31.98
N GLU F 96 15.82 2.48 31.41
CA GLU F 96 14.70 2.15 30.56
C GLU F 96 14.24 0.75 30.84
N GLU F 97 12.98 0.46 30.59
CA GLU F 97 12.42 -0.87 30.82
C GLU F 97 12.29 -1.72 29.57
N PHE F 98 12.88 -2.90 29.65
CA PHE F 98 12.93 -3.86 28.56
C PHE F 98 12.12 -5.09 28.89
N ASN F 99 11.58 -5.75 27.87
CA ASN F 99 10.88 -7.02 28.08
C ASN F 99 10.99 -7.89 26.84
N MET F 100 11.88 -8.87 26.88
CA MET F 100 12.15 -9.72 25.73
C MET F 100 10.99 -10.62 25.34
N TRP F 101 10.05 -10.80 26.23
CA TRP F 101 8.95 -11.70 25.99
C TRP F 101 7.77 -11.00 25.36
N LYS F 102 7.82 -9.68 25.29
CA LYS F 102 6.71 -8.90 24.79
C LYS F 102 7.20 -8.04 23.65
N ASN F 103 8.33 -8.42 23.11
CA ASN F 103 9.00 -7.69 22.07
C ASN F 103 8.28 -7.91 20.75
N ASN F 104 8.48 -6.98 19.84
CA ASN F 104 7.92 -7.07 18.50
C ASN F 104 8.98 -7.41 17.48
N MET F 105 10.23 -7.23 17.84
CA MET F 105 11.30 -7.44 16.88
C MET F 105 11.37 -8.91 16.54
N VAL F 106 11.04 -9.76 17.50
CA VAL F 106 11.08 -11.19 17.31
C VAL F 106 10.00 -11.62 16.35
N GLU F 107 8.80 -11.08 16.49
CA GLU F 107 7.72 -11.44 15.58
C GLU F 107 8.00 -10.97 14.18
N GLN F 108 8.65 -9.82 14.07
CA GLN F 108 8.92 -9.33 12.74
C GLN F 108 10.04 -10.14 12.11
N MET F 109 11.06 -10.51 12.89
CA MET F 109 12.13 -11.33 12.34
C MET F 109 11.59 -12.66 11.91
N HIS F 110 10.71 -13.25 12.72
CA HIS F 110 10.16 -14.54 12.38
C HIS F 110 9.40 -14.43 11.10
N THR F 111 8.59 -13.40 10.96
CA THR F 111 7.81 -13.23 9.76
C THR F 111 8.71 -13.07 8.54
N ASP F 112 9.78 -12.28 8.63
CA ASP F 112 10.66 -12.11 7.48
C ASP F 112 11.30 -13.39 7.05
N ILE F 113 11.68 -14.22 8.00
CA ILE F 113 12.31 -15.47 7.66
C ILE F 113 11.36 -16.41 6.98
N ILE F 114 10.13 -16.52 7.47
CA ILE F 114 9.22 -17.45 6.84
C ILE F 114 8.94 -16.97 5.44
N SER F 115 8.70 -15.68 5.29
CA SER F 115 8.38 -15.10 4.00
C SER F 115 9.50 -15.27 3.01
N LEU F 116 10.74 -15.01 3.44
CA LEU F 116 11.85 -15.14 2.53
C LEU F 116 12.01 -16.58 2.12
N TRP F 117 11.86 -17.50 3.06
CA TRP F 117 12.01 -18.88 2.73
C TRP F 117 11.04 -19.26 1.63
N ASP F 118 9.77 -18.90 1.78
CA ASP F 118 8.79 -19.26 0.79
C ASP F 118 9.07 -18.60 -0.54
N GLN F 119 9.54 -17.36 -0.53
CA GLN F 119 9.85 -16.70 -1.78
C GLN F 119 10.94 -17.43 -2.52
N SER F 120 11.90 -17.97 -1.78
CA SER F 120 13.02 -18.68 -2.37
C SER F 120 12.57 -19.92 -3.10
N LEU F 121 11.65 -20.69 -2.51
CA LEU F 121 11.17 -21.91 -3.15
C LEU F 121 10.10 -21.67 -4.20
N LYS F 122 9.36 -20.58 -4.10
CA LYS F 122 8.30 -20.31 -5.06
C LYS F 122 8.65 -20.54 -6.53
N PRO F 123 9.76 -20.05 -7.10
CA PRO F 123 10.13 -20.26 -8.49
C PRO F 123 10.86 -21.56 -8.87
N CYS F 124 11.01 -22.54 -7.94
CA CYS F 124 11.75 -23.77 -8.17
C CYS F 124 10.81 -24.87 -8.68
N VAL F 125 11.38 -25.82 -9.39
CA VAL F 125 10.61 -26.92 -9.98
C VAL F 125 9.89 -27.77 -8.96
N LYS F 126 8.65 -28.11 -9.26
CA LYS F 126 7.86 -28.95 -8.39
C LYS F 126 8.13 -30.40 -8.67
N LEU F 127 7.93 -31.25 -7.68
CA LEU F 127 8.11 -32.67 -7.83
C LEU F 127 6.82 -33.45 -7.77
N THR F 128 5.73 -32.89 -8.28
CA THR F 128 4.47 -33.61 -8.30
C THR F 128 4.56 -34.88 -9.17
N PRO F 129 5.40 -34.96 -10.25
CA PRO F 129 5.58 -36.15 -11.04
C PRO F 129 6.14 -37.30 -10.22
N LEU F 130 6.65 -37.06 -9.01
CA LEU F 130 7.15 -38.18 -8.23
C LEU F 130 6.09 -38.84 -7.32
N CYS F 131 4.83 -38.31 -7.26
CA CYS F 131 3.75 -38.88 -6.44
C CYS F 131 3.08 -40.02 -7.20
N VAL F 132 3.87 -41.06 -7.36
CA VAL F 132 3.57 -42.31 -8.03
C VAL F 132 3.99 -43.45 -7.15
N THR F 133 3.53 -44.64 -7.45
CA THR F 133 3.97 -45.80 -6.71
C THR F 133 5.43 -46.13 -7.01
N LEU F 134 6.20 -46.38 -5.97
CA LEU F 134 7.60 -46.74 -6.05
C LEU F 134 7.78 -48.23 -5.77
N GLN F 135 8.77 -48.85 -6.41
CA GLN F 135 9.13 -50.24 -6.11
C GLN F 135 10.48 -50.22 -5.38
N CYS F 136 10.49 -50.42 -4.03
CA CYS F 136 11.67 -50.20 -3.19
C CYS F 136 12.18 -51.47 -2.50
N THR F 137 13.48 -51.66 -2.58
CA THR F 137 14.17 -52.73 -1.88
C THR F 137 15.28 -52.12 -1.04
N ASN F 138 15.85 -52.87 -0.12
CA ASN F 138 16.90 -52.26 0.69
C ASN F 138 18.23 -52.24 0.00
N VAL F 139 19.03 -51.27 0.40
CA VAL F 139 20.41 -51.23 -0.05
C VAL F 139 21.15 -52.13 0.90
N THR F 140 21.83 -53.13 0.37
CA THR F 140 22.52 -54.08 1.23
C THR F 140 24.03 -54.09 1.12
N ASN F 141 24.58 -53.38 0.14
CA ASN F 141 26.01 -53.42 -0.06
C ASN F 141 26.77 -52.54 0.91
N ASN F 142 27.85 -53.07 1.48
CA ASN F 142 28.77 -52.34 2.34
C ASN F 142 28.07 -51.62 3.51
N ILE F 143 27.16 -52.30 4.19
CA ILE F 143 26.42 -51.68 5.30
C ILE F 143 27.06 -51.98 6.64
N THR F 144 27.41 -50.96 7.42
CA THR F 144 27.99 -51.23 8.74
C THR F 144 26.84 -51.31 9.75
N ASP F 145 27.15 -51.59 11.04
CA ASP F 145 26.16 -51.77 12.14
C ASP F 145 26.89 -51.97 13.47
N MET F 147 23.56 -49.59 10.78
CA MET F 147 22.16 -49.35 10.44
C MET F 147 21.75 -50.47 9.48
N ARG F 148 20.43 -50.66 9.23
CA ARG F 148 19.97 -51.70 8.29
C ARG F 148 18.93 -51.23 7.29
N GLY F 149 17.83 -50.66 7.76
CA GLY F 149 16.72 -50.31 6.87
C GLY F 149 16.70 -48.85 6.42
N GLU F 150 17.76 -48.11 6.71
CA GLU F 150 17.82 -46.67 6.44
C GLU F 150 17.84 -46.28 4.98
N LEU F 151 18.45 -47.09 4.11
CA LEU F 151 18.53 -46.71 2.71
C LEU F 151 17.79 -47.67 1.81
N LYS F 152 16.95 -47.11 0.96
CA LYS F 152 16.21 -47.93 0.02
C LYS F 152 16.47 -47.51 -1.42
N ASN F 153 16.54 -48.52 -2.32
CA ASN F 153 16.73 -48.41 -3.76
C ASN F 153 15.36 -48.51 -4.44
N CYS F 154 14.81 -47.36 -4.88
CA CYS F 154 13.44 -47.24 -5.41
C CYS F 154 13.41 -46.95 -6.89
N SER F 155 12.67 -47.76 -7.63
CA SER F 155 12.51 -47.54 -9.05
C SER F 155 11.10 -47.10 -9.34
N PHE F 156 10.94 -46.28 -10.38
CA PHE F 156 9.61 -45.80 -10.73
C PHE F 156 9.45 -45.30 -12.18
N ASN F 157 8.17 -45.19 -12.62
CA ASN F 157 7.74 -44.67 -13.93
C ASN F 157 7.51 -43.15 -13.84
N MET F 158 8.37 -42.36 -14.50
CA MET F 158 8.37 -40.89 -14.47
C MET F 158 8.21 -40.29 -15.86
N THR F 159 7.75 -39.04 -15.90
CA THR F 159 7.55 -38.30 -17.12
C THR F 159 8.84 -37.89 -17.76
N THR F 160 8.73 -37.45 -19.00
CA THR F 160 9.84 -36.99 -19.83
C THR F 160 9.44 -35.64 -20.41
N GLU F 161 10.32 -35.05 -21.21
CA GLU F 161 10.03 -33.78 -21.86
C GLU F 161 8.93 -33.87 -22.91
N LEU F 162 8.55 -35.07 -23.32
CA LEU F 162 7.46 -35.18 -24.27
C LEU F 162 6.21 -35.69 -23.58
N ARG F 163 5.08 -35.13 -23.96
CA ARG F 163 3.81 -35.49 -23.39
C ARG F 163 3.46 -36.96 -23.57
N ASP F 164 3.89 -37.53 -24.68
CA ASP F 164 3.61 -38.90 -25.03
C ASP F 164 4.70 -39.92 -24.69
N LYS F 165 5.72 -39.56 -23.89
CA LYS F 165 6.77 -40.52 -23.54
C LYS F 165 7.09 -40.61 -22.04
N LYS F 166 7.39 -41.83 -21.58
CA LYS F 166 7.75 -42.13 -20.19
C LYS F 166 9.12 -42.76 -20.08
N GLN F 167 9.72 -42.67 -18.88
CA GLN F 167 11.01 -43.28 -18.61
C GLN F 167 11.05 -44.04 -17.28
N LYS F 168 11.90 -45.05 -17.20
CA LYS F 168 12.10 -45.76 -15.94
C LYS F 168 13.39 -45.31 -15.30
N VAL F 169 13.30 -44.84 -14.07
CA VAL F 169 14.46 -44.34 -13.35
C VAL F 169 14.54 -44.95 -11.98
N TYR F 170 15.69 -44.80 -11.32
CA TYR F 170 15.74 -45.22 -9.95
C TYR F 170 16.57 -44.24 -9.16
N SER F 171 16.36 -44.22 -7.86
CA SER F 171 17.11 -43.39 -6.94
C SER F 171 17.16 -43.95 -5.54
N LEU F 172 18.08 -43.43 -4.72
CA LEU F 172 18.06 -43.88 -3.34
C LEU F 172 17.32 -42.90 -2.49
N PHE F 173 16.63 -43.42 -1.51
CA PHE F 173 15.91 -42.62 -0.54
C PHE F 173 16.19 -43.04 0.87
N TYR F 174 16.04 -42.11 1.79
CA TYR F 174 16.16 -42.41 3.19
C TYR F 174 14.83 -42.93 3.67
N ARG F 175 14.87 -43.87 4.60
CA ARG F 175 13.67 -44.48 5.15
C ARG F 175 12.65 -43.49 5.66
N LEU F 176 13.09 -42.42 6.25
CA LEU F 176 12.17 -41.48 6.86
C LEU F 176 11.35 -40.68 5.86
N ASP F 177 11.73 -40.70 4.59
CA ASP F 177 11.02 -39.96 3.55
C ASP F 177 10.06 -40.86 2.78
N VAL F 178 10.06 -42.15 3.08
CA VAL F 178 9.28 -43.09 2.29
C VAL F 178 8.30 -43.88 3.14
N VAL F 179 7.04 -43.92 2.72
CA VAL F 179 6.01 -44.61 3.47
C VAL F 179 5.46 -45.81 2.72
N GLN F 180 5.38 -46.94 3.42
CA GLN F 180 4.90 -48.17 2.79
C GLN F 180 3.40 -48.15 2.59
N ILE F 181 2.91 -48.61 1.41
CA ILE F 181 1.50 -48.71 1.05
C ILE F 181 0.89 -49.97 1.68
N LYS F 194 7.45 -54.05 -0.70
CA LYS F 194 8.15 -53.41 -1.83
C LYS F 194 7.37 -52.24 -2.47
N GLU F 195 6.04 -52.10 -2.17
CA GLU F 195 5.16 -51.06 -2.72
C GLU F 195 5.07 -49.87 -1.75
N TYR F 196 5.73 -48.78 -2.15
CA TYR F 196 5.92 -47.55 -1.36
C TYR F 196 5.60 -46.28 -2.09
N ARG F 197 5.37 -45.21 -1.34
CA ARG F 197 5.21 -43.89 -1.93
C ARG F 197 5.97 -42.87 -1.09
N LEU F 198 6.20 -41.69 -1.62
CA LEU F 198 6.85 -40.67 -0.81
C LEU F 198 5.87 -40.19 0.22
N ILE F 199 6.38 -39.72 1.33
CA ILE F 199 5.51 -39.14 2.33
C ILE F 199 4.85 -37.92 1.75
N ASN F 200 3.89 -37.38 2.45
CA ASN F 200 3.08 -36.29 1.94
C ASN F 200 2.30 -36.87 0.73
N CYS F 201 2.15 -36.13 -0.42
CA CYS F 201 1.38 -36.54 -1.63
C CYS F 201 -0.12 -36.76 -1.31
N ASN F 202 -0.53 -36.32 -0.15
CA ASN F 202 -1.87 -36.38 0.34
C ASN F 202 -2.23 -34.99 0.82
N THR F 203 -1.37 -34.43 1.64
CA THR F 203 -1.43 -33.07 2.10
C THR F 203 -0.08 -32.51 1.70
N SER F 204 -0.09 -31.39 0.99
CA SER F 204 1.05 -30.65 0.44
C SER F 204 1.63 -31.30 -0.80
N ALA F 205 2.20 -30.46 -1.64
CA ALA F 205 2.97 -30.87 -2.79
C ALA F 205 4.41 -30.64 -2.43
N ILE F 206 5.29 -31.44 -2.99
CA ILE F 206 6.68 -31.29 -2.69
C ILE F 206 7.37 -30.46 -3.75
N THR F 207 8.07 -29.42 -3.31
CA THR F 207 8.80 -28.52 -4.20
C THR F 207 10.29 -28.75 -4.01
N GLN F 208 11.03 -28.89 -5.09
CA GLN F 208 12.46 -29.10 -4.95
C GLN F 208 13.15 -27.82 -4.67
N ALA F 209 14.01 -27.78 -3.68
CA ALA F 209 14.76 -26.57 -3.48
C ALA F 209 15.72 -26.47 -4.63
N CYS F 210 16.00 -25.25 -5.13
CA CYS F 210 16.98 -25.01 -6.19
C CYS F 210 18.39 -25.26 -5.60
N PRO F 211 19.21 -26.11 -6.23
CA PRO F 211 20.54 -26.50 -5.76
C PRO F 211 21.54 -25.36 -5.77
N LYS F 212 21.20 -24.31 -6.50
CA LYS F 212 22.03 -23.14 -6.64
C LYS F 212 21.75 -22.10 -5.58
N VAL F 213 20.73 -22.33 -4.77
CA VAL F 213 20.35 -21.37 -3.77
C VAL F 213 20.89 -21.74 -2.42
N SER F 214 21.58 -20.79 -1.83
CA SER F 214 22.17 -21.02 -0.53
C SER F 214 21.35 -20.51 0.62
N PHE F 215 21.22 -21.36 1.61
CA PHE F 215 20.51 -21.03 2.82
C PHE F 215 21.48 -20.91 3.97
N GLU F 216 22.74 -20.72 3.67
CA GLU F 216 23.71 -20.54 4.73
C GLU F 216 23.29 -19.29 5.48
N PRO F 217 23.22 -19.28 6.80
CA PRO F 217 22.90 -18.11 7.54
C PRO F 217 24.05 -17.14 7.42
N ILE F 218 23.75 -15.88 7.25
CA ILE F 218 24.76 -14.84 7.22
C ILE F 218 24.27 -13.86 8.25
N PRO F 219 25.07 -12.96 8.81
CA PRO F 219 24.60 -11.97 9.74
C PRO F 219 23.55 -11.10 9.09
N ILE F 220 22.50 -10.84 9.83
CA ILE F 220 21.37 -10.00 9.47
C ILE F 220 21.37 -8.81 10.41
N HIS F 221 21.32 -7.60 9.88
CA HIS F 221 21.28 -6.43 10.73
C HIS F 221 19.96 -5.70 10.61
N TYR F 222 19.15 -5.69 11.66
CA TYR F 222 17.88 -4.98 11.54
C TYR F 222 18.10 -3.53 11.88
N CYS F 223 17.69 -2.61 11.00
CA CYS F 223 17.93 -1.17 11.14
C CYS F 223 16.63 -0.39 11.24
N ALA F 224 16.65 0.61 12.10
CA ALA F 224 15.47 1.46 12.28
C ALA F 224 15.25 2.38 11.09
N PRO F 225 14.01 2.68 10.72
CA PRO F 225 13.63 3.67 9.75
C PRO F 225 13.81 5.04 10.37
N ALA F 226 13.92 6.06 9.55
CA ALA F 226 14.06 7.39 10.12
C ALA F 226 12.88 7.72 11.00
N GLY F 227 13.17 8.39 12.11
CA GLY F 227 12.18 8.79 13.08
C GLY F 227 12.11 7.82 14.26
N PHE F 228 12.78 6.70 14.12
CA PHE F 228 12.83 5.64 15.12
C PHE F 228 14.25 5.35 15.54
N ALA F 229 14.39 4.71 16.68
CA ALA F 229 15.71 4.35 17.17
C ALA F 229 15.67 3.04 17.91
N ILE F 230 16.79 2.35 17.99
CA ILE F 230 16.83 1.10 18.72
C ILE F 230 17.64 1.28 19.97
N LEU F 231 17.07 0.95 21.10
CA LEU F 231 17.80 1.09 22.33
C LEU F 231 18.37 -0.26 22.69
N LYS F 232 19.59 -0.27 23.16
CA LYS F 232 20.26 -1.50 23.53
C LYS F 232 20.59 -1.53 25.01
N CYS F 233 20.28 -2.65 25.71
CA CYS F 233 20.58 -2.87 27.12
C CYS F 233 21.93 -3.55 27.27
N LYS F 234 22.83 -2.90 27.99
CA LYS F 234 24.17 -3.39 28.21
C LYS F 234 24.44 -3.98 29.59
N ASP F 235 23.42 -4.08 30.41
CA ASP F 235 23.61 -4.65 31.73
C ASP F 235 24.07 -6.08 31.55
N LYS F 236 25.23 -6.37 32.12
CA LYS F 236 25.93 -7.62 31.90
C LYS F 236 25.15 -8.83 32.36
N LYS F 237 24.23 -8.65 33.29
CA LYS F 237 23.44 -9.75 33.81
C LYS F 237 21.98 -9.58 33.49
N PHE F 238 21.67 -8.77 32.49
CA PHE F 238 20.27 -8.56 32.20
C PHE F 238 19.59 -9.89 31.89
N ASN F 239 18.47 -10.18 32.60
CA ASN F 239 17.73 -11.44 32.52
C ASN F 239 16.48 -11.39 31.61
N GLY F 240 16.33 -10.35 30.76
CA GLY F 240 15.25 -10.19 29.79
C GLY F 240 14.12 -9.27 30.18
N THR F 241 13.94 -8.98 31.46
CA THR F 241 12.86 -8.09 31.82
C THR F 241 13.25 -7.07 32.85
N GLY F 242 12.51 -5.98 32.88
CA GLY F 242 12.66 -4.98 33.92
C GLY F 242 13.59 -3.87 33.49
N PRO F 243 13.90 -2.94 34.39
CA PRO F 243 14.70 -1.77 34.12
C PRO F 243 16.12 -2.19 33.85
N CYS F 244 16.80 -1.40 33.01
CA CYS F 244 18.18 -1.53 32.63
C CYS F 244 18.78 -0.15 32.77
N THR F 245 19.88 -0.08 33.50
CA THR F 245 20.55 1.20 33.77
C THR F 245 21.70 1.61 32.85
N ASN F 246 22.08 0.74 31.90
CA ASN F 246 23.16 0.94 30.94
C ASN F 246 22.56 0.81 29.54
N VAL F 247 22.04 1.92 29.00
CA VAL F 247 21.30 1.93 27.75
C VAL F 247 21.98 2.80 26.75
N SER F 248 22.15 2.27 25.55
CA SER F 248 22.75 3.03 24.48
C SER F 248 21.89 3.00 23.27
N THR F 249 22.05 3.97 22.41
CA THR F 249 21.27 4.03 21.19
C THR F 249 22.05 3.56 20.01
N VAL F 250 21.44 2.68 19.23
CA VAL F 250 22.09 2.18 18.05
C VAL F 250 21.19 2.33 16.84
N GLN F 251 21.80 2.29 15.67
CA GLN F 251 21.04 2.33 14.44
C GLN F 251 20.55 0.96 13.94
N CYS F 252 21.43 -0.08 14.08
CA CYS F 252 21.21 -1.44 13.61
C CYS F 252 21.51 -2.43 14.74
N THR F 253 20.73 -3.51 14.82
CA THR F 253 20.82 -4.51 15.88
C THR F 253 21.93 -5.50 15.78
N HIS F 254 23.15 -5.05 15.63
CA HIS F 254 24.24 -6.01 15.52
C HIS F 254 24.01 -7.03 14.40
N GLY F 255 24.96 -7.92 14.22
CA GLY F 255 24.88 -8.96 13.21
C GLY F 255 24.38 -10.28 13.78
N ILE F 256 23.14 -10.62 13.49
CA ILE F 256 22.53 -11.82 14.03
C ILE F 256 22.35 -12.89 12.98
N LYS F 257 22.87 -14.09 13.21
CA LYS F 257 22.68 -15.14 12.21
C LYS F 257 21.40 -15.92 12.43
N PRO F 258 20.54 -16.11 11.42
CA PRO F 258 19.30 -16.84 11.48
C PRO F 258 19.55 -18.33 11.42
N VAL F 259 20.18 -18.84 12.46
CA VAL F 259 20.50 -20.25 12.53
C VAL F 259 19.29 -20.99 13.03
N VAL F 260 18.92 -22.07 12.36
CA VAL F 260 17.76 -22.84 12.74
C VAL F 260 18.16 -24.19 13.33
N SER F 261 17.74 -24.43 14.56
CA SER F 261 17.98 -25.66 15.31
C SER F 261 16.98 -25.73 16.43
N THR F 262 16.86 -26.87 17.11
CA THR F 262 16.05 -26.87 18.31
C THR F 262 16.90 -27.43 19.42
N GLN F 263 16.46 -27.34 20.66
CA GLN F 263 17.17 -27.85 21.85
C GLN F 263 18.51 -27.18 22.14
N LEU F 264 19.45 -27.31 21.22
CA LEU F 264 20.75 -26.67 21.35
C LEU F 264 20.88 -25.60 20.28
N LEU F 265 21.12 -24.39 20.75
CA LEU F 265 21.26 -23.24 19.92
C LEU F 265 22.69 -23.07 19.56
N LEU F 266 22.92 -23.05 18.26
CA LEU F 266 24.25 -22.97 17.71
C LEU F 266 24.57 -21.58 17.19
N ASN F 267 25.87 -21.23 17.25
CA ASN F 267 26.53 -20.05 16.68
C ASN F 267 25.87 -18.70 17.09
N GLY F 268 25.42 -18.56 18.37
CA GLY F 268 24.81 -17.34 18.91
C GLY F 268 25.81 -16.55 19.72
N SER F 269 25.29 -15.63 20.48
CA SER F 269 26.11 -14.78 21.32
C SER F 269 26.39 -15.47 22.64
N LEU F 270 27.53 -15.18 23.23
CA LEU F 270 27.84 -15.71 24.55
C LEU F 270 27.61 -14.69 25.63
N ALA F 271 27.31 -15.18 26.82
CA ALA F 271 27.16 -14.37 28.01
C ALA F 271 28.54 -13.86 28.37
N GLU F 272 28.65 -12.69 28.97
CA GLU F 272 30.00 -12.20 29.28
C GLU F 272 30.58 -12.57 30.63
N GLU F 273 29.75 -12.76 31.64
CA GLU F 273 30.30 -13.04 32.96
C GLU F 273 29.96 -14.42 33.54
N GLU F 274 28.77 -14.89 33.27
CA GLU F 274 28.31 -16.15 33.84
C GLU F 274 27.21 -16.72 32.99
N VAL F 275 26.78 -17.93 33.28
CA VAL F 275 25.65 -18.48 32.55
C VAL F 275 24.38 -17.74 32.96
N ILE F 276 23.60 -17.31 31.99
CA ILE F 276 22.39 -16.56 32.33
C ILE F 276 21.14 -17.32 31.96
N ILE F 277 20.27 -17.48 32.93
CA ILE F 277 19.04 -18.21 32.67
C ILE F 277 17.86 -17.28 32.58
N ARG F 278 17.17 -17.30 31.45
CA ARG F 278 16.06 -16.39 31.24
C ARG F 278 14.75 -17.12 30.99
N SER F 279 13.65 -16.59 31.51
CA SER F 279 12.34 -17.19 31.28
C SER F 279 11.26 -16.15 31.42
N GLU F 280 10.09 -16.39 30.83
CA GLU F 280 8.95 -15.49 31.04
C GLU F 280 8.42 -15.52 32.48
N ASN F 281 8.33 -16.73 33.06
CA ASN F 281 7.89 -17.05 34.40
C ASN F 281 8.63 -18.33 34.85
N ILE F 282 9.63 -18.19 35.73
CA ILE F 282 10.52 -19.27 36.19
C ILE F 282 9.78 -20.33 37.02
N THR F 283 8.58 -20.00 37.48
CA THR F 283 7.80 -20.94 38.26
C THR F 283 6.68 -21.57 37.44
N ASN F 284 6.59 -21.24 36.16
CA ASN F 284 5.56 -21.79 35.31
C ASN F 284 6.16 -22.91 34.46
N ASN F 285 5.80 -24.14 34.75
CA ASN F 285 6.43 -25.27 34.08
C ASN F 285 6.11 -25.36 32.59
N ALA F 286 5.13 -24.59 32.14
CA ALA F 286 4.73 -24.60 30.75
C ALA F 286 5.61 -23.72 29.88
N LYS F 287 6.52 -22.96 30.49
CA LYS F 287 7.36 -22.07 29.72
C LYS F 287 8.72 -22.67 29.44
N ASN F 288 9.33 -22.25 28.34
CA ASN F 288 10.69 -22.68 28.04
C ASN F 288 11.68 -21.82 28.78
N ILE F 289 12.79 -22.41 29.14
CA ILE F 289 13.89 -21.72 29.78
C ILE F 289 15.03 -21.57 28.80
N LEU F 290 15.48 -20.36 28.59
CA LEU F 290 16.54 -20.12 27.63
C LEU F 290 17.84 -19.92 28.40
N VAL F 291 18.79 -20.80 28.18
CA VAL F 291 20.02 -20.73 28.92
C VAL F 291 21.15 -20.27 28.03
N GLN F 292 21.76 -19.15 28.39
CA GLN F 292 22.86 -18.61 27.59
C GLN F 292 24.18 -18.90 28.25
N LEU F 293 25.05 -19.57 27.52
CA LEU F 293 26.32 -19.98 28.09
C LEU F 293 27.31 -18.83 27.97
N ASN F 294 28.32 -18.76 28.89
CA ASN F 294 29.41 -17.79 28.82
C ASN F 294 30.60 -18.25 27.96
N GLU F 295 30.73 -19.58 27.72
CA GLU F 295 31.77 -20.23 26.92
C GLU F 295 31.05 -21.19 26.02
N SER F 296 31.51 -21.31 24.79
CA SER F 296 30.92 -22.23 23.85
C SER F 296 31.35 -23.67 24.06
N VAL F 297 30.54 -24.60 23.58
CA VAL F 297 30.91 -26.01 23.59
C VAL F 297 31.05 -26.47 22.17
N GLN F 298 32.19 -27.01 21.81
CA GLN F 298 32.33 -27.39 20.43
C GLN F 298 31.75 -28.75 20.13
N ILE F 299 30.98 -28.78 19.05
CA ILE F 299 30.35 -29.98 18.51
C ILE F 299 30.76 -30.18 17.02
N ASN F 300 31.37 -31.34 16.69
CA ASN F 300 31.85 -31.72 15.35
C ASN F 300 30.89 -32.72 14.70
N CYS F 301 30.15 -32.31 13.65
CA CYS F 301 29.11 -33.12 13.01
C CYS F 301 29.49 -33.53 11.60
N THR F 302 29.12 -34.76 11.25
CA THR F 302 29.40 -35.24 9.92
C THR F 302 28.50 -36.32 9.39
N ARG F 303 28.45 -36.37 8.09
CA ARG F 303 27.83 -37.45 7.34
C ARG F 303 28.95 -38.03 6.50
N PRO F 304 29.58 -39.14 6.92
CA PRO F 304 30.79 -39.75 6.39
C PRO F 304 30.66 -40.39 5.01
N ASN F 305 29.44 -40.63 4.59
CA ASN F 305 29.19 -41.31 3.33
C ASN F 305 29.54 -40.43 2.16
N ASN F 306 30.17 -40.99 1.10
CA ASN F 306 30.50 -40.28 -0.13
C ASN F 306 29.35 -40.43 -1.12
N ASN F 307 28.51 -39.38 -1.22
CA ASN F 307 27.30 -39.36 -2.05
C ASN F 307 27.55 -38.84 -3.43
N THR F 308 26.71 -39.25 -4.35
CA THR F 308 26.78 -38.65 -5.67
C THR F 308 25.40 -38.20 -6.04
N ARG F 309 25.30 -37.57 -7.17
CA ARG F 309 24.00 -37.06 -7.56
C ARG F 309 23.68 -37.29 -9.01
N LYS F 310 22.47 -37.72 -9.27
CA LYS F 310 22.03 -37.92 -10.63
C LYS F 310 20.98 -36.90 -10.98
N SER F 311 21.18 -36.25 -12.10
CA SER F 311 20.23 -35.25 -12.53
C SER F 311 19.35 -35.83 -13.59
N ILE F 312 18.06 -35.90 -13.31
CA ILE F 312 17.11 -36.53 -14.20
C ILE F 312 16.21 -35.50 -14.84
N ARG F 313 16.11 -35.52 -16.15
CA ARG F 313 15.21 -34.58 -16.79
C ARG F 313 13.81 -35.11 -16.55
N ILE F 314 12.91 -34.25 -16.07
CA ILE F 314 11.55 -34.68 -15.81
C ILE F 314 10.55 -33.95 -16.69
N GLY F 315 11.03 -32.89 -17.33
CA GLY F 315 10.18 -32.09 -18.19
C GLY F 315 11.02 -31.10 -18.98
N PRO F 316 10.41 -30.17 -19.71
CA PRO F 316 11.03 -29.24 -20.63
C PRO F 316 11.83 -28.16 -19.92
N GLY F 317 13.05 -28.53 -19.51
CA GLY F 317 13.92 -27.65 -18.76
C GLY F 317 13.81 -27.89 -17.27
N GLN F 318 13.12 -28.95 -16.92
CA GLN F 318 12.89 -29.28 -15.53
C GLN F 318 13.71 -30.47 -15.13
N TRP F 319 14.42 -30.35 -14.01
CA TRP F 319 15.26 -31.43 -13.53
C TRP F 319 15.02 -31.80 -12.08
N PHE F 320 15.14 -33.08 -11.80
CA PHE F 320 15.07 -33.65 -10.46
C PHE F 320 16.40 -34.16 -10.03
N TYR F 321 16.78 -33.87 -8.80
CA TYR F 321 18.05 -34.36 -8.31
C TYR F 321 17.88 -35.53 -7.38
N ALA F 322 18.39 -36.66 -7.83
CA ALA F 322 18.27 -37.92 -7.14
C ALA F 322 19.57 -38.35 -6.48
N THR F 323 19.45 -39.02 -5.35
CA THR F 323 20.64 -39.58 -4.72
C THR F 323 21.13 -40.77 -5.53
N GLY F 324 22.40 -40.77 -5.89
CA GLY F 324 22.95 -41.89 -6.65
C GLY F 324 23.72 -42.83 -5.75
N ASP F 325 24.48 -43.74 -6.35
CA ASP F 325 25.20 -44.71 -5.55
C ASP F 325 26.19 -44.07 -4.60
N ILE F 326 26.29 -44.65 -3.42
CA ILE F 326 27.23 -44.22 -2.42
C ILE F 326 28.51 -44.99 -2.61
N ILE F 327 29.60 -44.27 -2.59
CA ILE F 327 30.92 -44.83 -2.78
C ILE F 327 31.54 -45.15 -1.43
N GLY F 328 31.98 -46.38 -1.27
CA GLY F 328 32.57 -46.81 -0.03
C GLY F 328 31.48 -47.27 0.91
N ASP F 329 31.82 -47.38 2.19
CA ASP F 329 30.92 -47.92 3.20
C ASP F 329 29.77 -47.00 3.48
N ILE F 330 28.67 -47.58 3.91
CA ILE F 330 27.58 -46.78 4.41
C ILE F 330 27.76 -46.72 5.89
N ARG F 331 27.99 -45.53 6.39
CA ARG F 331 28.25 -45.29 7.80
C ARG F 331 27.23 -44.30 8.37
N GLN F 332 27.06 -44.34 9.67
CA GLN F 332 26.07 -43.51 10.32
C GLN F 332 26.54 -42.09 10.53
N ALA F 333 25.66 -41.12 10.25
CA ALA F 333 25.97 -39.72 10.51
C ALA F 333 26.00 -39.53 12.00
N HIS F 334 26.87 -38.67 12.48
CA HIS F 334 27.00 -38.47 13.92
C HIS F 334 27.62 -37.14 14.29
N CYS F 335 27.48 -36.74 15.58
CA CYS F 335 28.13 -35.54 16.16
C CYS F 335 28.94 -35.90 17.41
N ASN F 336 30.14 -35.34 17.46
CA ASN F 336 31.08 -35.52 18.56
C ASN F 336 31.16 -34.27 19.45
N VAL F 337 30.65 -34.38 20.69
CA VAL F 337 30.62 -33.30 21.70
C VAL F 337 31.74 -33.52 22.69
N SER F 338 32.60 -32.53 22.93
CA SER F 338 33.71 -32.82 23.86
C SER F 338 33.14 -33.20 25.22
N LYS F 339 33.61 -34.31 25.82
CA LYS F 339 33.00 -34.75 27.07
C LYS F 339 33.33 -33.89 28.27
N ALA F 340 34.60 -33.51 28.43
CA ALA F 340 34.93 -32.73 29.61
C ALA F 340 34.24 -31.39 29.57
N THR F 341 34.15 -30.82 28.38
CA THR F 341 33.56 -29.52 28.24
C THR F 341 32.10 -29.63 28.58
N TRP F 342 31.43 -30.68 28.09
CA TRP F 342 30.02 -30.84 28.38
C TRP F 342 29.74 -30.97 29.89
N ASN F 343 30.57 -31.77 30.65
CA ASN F 343 30.39 -31.94 32.09
C ASN F 343 30.57 -30.61 32.85
N GLU F 344 31.56 -29.75 32.45
CA GLU F 344 31.78 -28.43 33.04
C GLU F 344 30.64 -27.49 32.72
N THR F 345 30.14 -27.60 31.49
CA THR F 345 29.05 -26.76 31.03
C THR F 345 27.81 -27.02 31.84
N LEU F 346 27.46 -28.29 32.04
CA LEU F 346 26.28 -28.50 32.83
C LEU F 346 26.52 -28.12 34.26
N GLY F 347 27.71 -28.33 34.81
CA GLY F 347 27.87 -27.96 36.20
C GLY F 347 27.56 -26.46 36.39
N LYS F 348 28.00 -25.62 35.45
CA LYS F 348 27.70 -24.21 35.53
C LYS F 348 26.21 -23.93 35.41
N VAL F 349 25.52 -24.64 34.52
CA VAL F 349 24.10 -24.45 34.35
C VAL F 349 23.37 -24.83 35.62
N VAL F 350 23.76 -25.93 36.22
CA VAL F 350 23.11 -26.38 37.43
C VAL F 350 23.30 -25.39 38.55
N LYS F 351 24.49 -24.87 38.73
CA LYS F 351 24.68 -23.90 39.80
C LYS F 351 23.68 -22.76 39.67
N GLN F 352 23.50 -22.26 38.45
CA GLN F 352 22.58 -21.15 38.23
C GLN F 352 21.12 -21.61 38.39
N LEU F 353 20.82 -22.86 38.07
CA LEU F 353 19.45 -23.35 38.27
C LEU F 353 19.16 -23.47 39.77
N ARG F 354 20.12 -23.91 40.58
CA ARG F 354 19.88 -24.09 42.01
C ARG F 354 19.46 -22.76 42.65
N LYS F 355 19.98 -21.66 42.13
CA LYS F 355 19.59 -20.35 42.64
C LYS F 355 18.09 -20.09 42.53
N HIS F 356 17.39 -20.76 41.61
CA HIS F 356 15.96 -20.58 41.44
C HIS F 356 15.15 -21.76 41.95
N PHE F 357 15.75 -22.95 41.98
CA PHE F 357 14.97 -24.13 42.36
C PHE F 357 15.23 -24.66 43.77
N GLY F 358 16.15 -24.06 44.50
CA GLY F 358 16.41 -24.41 45.89
C GLY F 358 17.86 -24.79 46.21
N ASN F 359 18.33 -24.34 47.41
CA ASN F 359 19.69 -24.49 47.93
C ASN F 359 20.12 -25.97 48.08
N ASN F 360 19.16 -26.86 48.41
CA ASN F 360 19.33 -28.30 48.62
C ASN F 360 18.50 -29.11 47.65
N THR F 361 18.16 -28.52 46.49
CA THR F 361 17.36 -29.24 45.52
C THR F 361 18.28 -29.96 44.56
N ILE F 362 18.05 -31.25 44.42
CA ILE F 362 18.88 -32.01 43.51
C ILE F 362 18.37 -31.84 42.11
N ILE F 363 19.28 -31.52 41.21
CA ILE F 363 18.94 -31.37 39.81
C ILE F 363 19.51 -32.47 38.97
N ARG F 364 18.62 -33.04 38.17
CA ARG F 364 18.92 -34.10 37.25
C ARG F 364 18.54 -33.68 35.83
N PHE F 365 19.28 -34.15 34.85
CA PHE F 365 18.92 -33.89 33.47
C PHE F 365 18.44 -35.17 32.88
N ALA F 366 17.50 -35.05 31.96
CA ALA F 366 16.91 -36.20 31.33
C ALA F 366 16.62 -36.01 29.85
N ASN F 367 16.51 -37.15 29.15
CA ASN F 367 16.14 -37.36 27.76
C ASN F 367 14.68 -36.92 27.53
N SER F 368 14.48 -36.10 26.47
CA SER F 368 13.22 -35.48 26.05
C SER F 368 12.20 -36.42 25.38
N SER F 369 10.91 -35.96 25.35
CA SER F 369 9.75 -36.63 24.75
C SER F 369 8.74 -35.56 24.39
N GLU F 374 9.98 -34.01 15.20
CA GLU F 374 11.27 -33.31 15.06
C GLU F 374 11.51 -32.31 16.24
N VAL F 375 11.10 -32.73 17.46
CA VAL F 375 11.23 -32.00 18.73
C VAL F 375 12.28 -32.66 19.61
N THR F 376 12.33 -33.98 19.59
CA THR F 376 13.21 -34.72 20.47
C THR F 376 14.62 -34.77 19.92
N THR F 377 14.79 -34.39 18.68
CA THR F 377 16.09 -34.34 18.03
C THR F 377 16.65 -32.94 17.96
N HIS F 378 17.95 -32.83 17.64
CA HIS F 378 18.64 -31.55 17.47
C HIS F 378 18.11 -30.75 16.24
N SER F 379 17.82 -31.45 15.15
CA SER F 379 17.22 -30.84 13.96
C SER F 379 17.92 -29.63 13.32
N PHE F 380 19.14 -29.80 12.82
CA PHE F 380 19.88 -28.65 12.25
C PHE F 380 20.32 -28.84 10.80
N ASN F 381 20.56 -27.72 10.12
CA ASN F 381 21.03 -27.69 8.74
C ASN F 381 22.57 -27.55 8.65
N CYS F 382 23.29 -28.62 8.22
CA CYS F 382 24.75 -28.74 8.15
C CYS F 382 25.19 -29.07 6.74
N GLY F 383 25.75 -28.08 6.07
CA GLY F 383 26.24 -28.26 4.70
C GLY F 383 25.13 -28.24 3.69
N GLY F 384 23.92 -28.01 4.15
CA GLY F 384 22.72 -28.04 3.34
C GLY F 384 21.90 -29.30 3.60
N GLU F 385 22.43 -30.26 4.39
CA GLU F 385 21.66 -31.45 4.69
C GLU F 385 20.96 -31.27 6.03
N PHE F 386 19.86 -31.98 6.22
CA PHE F 386 19.13 -31.88 7.47
C PHE F 386 19.36 -33.06 8.41
N PHE F 387 20.00 -32.75 9.54
CA PHE F 387 20.41 -33.71 10.56
C PHE F 387 19.49 -33.74 11.75
N TYR F 388 19.13 -34.92 12.16
CA TYR F 388 18.27 -35.11 13.32
C TYR F 388 18.96 -36.00 14.36
N CYS F 389 19.82 -35.37 15.18
CA CYS F 389 20.71 -36.00 16.14
C CYS F 389 20.02 -36.27 17.47
N ASN F 390 20.42 -37.40 18.06
CA ASN F 390 19.91 -37.91 19.34
C ASN F 390 20.69 -37.35 20.54
N THR F 391 20.09 -36.38 21.23
CA THR F 391 20.67 -35.61 22.34
C THR F 391 20.49 -36.30 23.69
N SER F 392 19.93 -37.51 23.67
CA SER F 392 19.79 -38.26 24.91
C SER F 392 21.16 -38.64 25.42
N GLY F 393 22.16 -38.58 24.54
CA GLY F 393 23.52 -38.89 24.95
C GLY F 393 24.12 -37.78 25.80
N LEU F 394 23.48 -36.61 25.81
CA LEU F 394 24.00 -35.48 26.56
C LEU F 394 23.22 -35.23 27.84
N PHE F 395 21.91 -35.31 27.76
CA PHE F 395 21.08 -34.98 28.91
C PHE F 395 20.76 -36.14 29.81
N ASN F 396 21.78 -36.65 30.46
CA ASN F 396 21.61 -37.77 31.37
C ASN F 396 22.60 -37.74 32.52
N SER F 397 22.25 -37.03 33.59
CA SER F 397 23.14 -36.94 34.75
C SER F 397 22.43 -36.44 36.00
N THR F 398 23.00 -36.74 37.17
CA THR F 398 22.48 -36.21 38.44
C THR F 398 23.61 -35.46 39.11
N TRP F 399 23.32 -34.24 39.56
CA TRP F 399 24.36 -33.36 40.10
C TRP F 399 24.60 -33.20 41.61
N ILE F 400 23.89 -33.97 42.47
CA ILE F 400 23.96 -33.98 43.95
C ILE F 400 22.80 -34.79 44.50
N ASN F 414 40.21 -36.20 26.77
CA ASN F 414 40.28 -36.78 25.42
C ASN F 414 38.98 -37.53 24.98
N ASP F 415 38.08 -37.83 25.95
CA ASP F 415 36.79 -38.50 25.75
C ASP F 415 35.77 -37.61 25.08
N SER F 416 34.83 -38.22 24.39
CA SER F 416 33.78 -37.50 23.71
C SER F 416 32.47 -38.25 23.77
N ILE F 417 31.41 -37.52 23.56
CA ILE F 417 30.09 -38.10 23.50
C ILE F 417 29.67 -38.17 22.06
N THR F 418 29.33 -39.36 21.58
CA THR F 418 28.92 -39.45 20.19
C THR F 418 27.42 -39.59 20.10
N LEU F 419 26.82 -38.69 19.35
CA LEU F 419 25.39 -38.69 19.15
C LEU F 419 25.12 -39.21 17.74
N PRO F 420 24.32 -40.25 17.53
CA PRO F 420 23.97 -40.74 16.21
C PRO F 420 23.02 -39.72 15.61
N CYS F 421 22.99 -39.57 14.25
CA CYS F 421 22.10 -38.62 13.57
C CYS F 421 21.37 -39.25 12.38
N ARG F 422 20.07 -38.97 12.29
CA ARG F 422 19.28 -39.42 11.15
C ARG F 422 19.30 -38.32 10.09
N ILE F 423 19.18 -38.69 8.82
CA ILE F 423 19.16 -37.70 7.73
C ILE F 423 17.85 -37.75 6.97
N LYS F 424 17.26 -36.58 6.67
CA LYS F 424 16.02 -36.56 5.89
C LYS F 424 16.14 -35.66 4.67
N GLN F 425 15.45 -36.00 3.58
CA GLN F 425 15.40 -35.14 2.42
C GLN F 425 14.08 -34.39 2.26
N ILE F 426 12.98 -34.89 2.81
CA ILE F 426 11.72 -34.16 2.65
C ILE F 426 11.43 -33.47 3.94
N ILE F 427 11.46 -32.15 3.89
CA ILE F 427 11.35 -31.36 5.07
C ILE F 427 10.08 -30.55 5.15
N ASN F 428 9.32 -30.77 6.21
CA ASN F 428 8.11 -30.01 6.44
C ASN F 428 8.58 -28.92 7.39
N MET F 429 8.89 -27.75 6.87
CA MET F 429 9.54 -26.74 7.67
C MET F 429 8.56 -25.78 8.35
N TRP F 430 9.03 -25.21 9.46
CA TRP F 430 8.36 -24.21 10.30
C TRP F 430 7.07 -24.68 10.92
N GLN F 431 7.00 -25.95 11.24
CA GLN F 431 5.83 -26.56 11.85
C GLN F 431 4.56 -26.36 11.02
N ARG F 432 4.68 -26.43 9.69
CA ARG F 432 3.53 -26.32 8.83
C ARG F 432 3.39 -27.63 8.12
N ILE F 433 2.17 -27.96 7.66
CA ILE F 433 2.02 -29.21 6.90
C ILE F 433 1.50 -29.01 5.48
N GLY F 434 1.13 -27.79 5.09
CA GLY F 434 0.56 -27.60 3.76
C GLY F 434 1.61 -27.40 2.67
N GLN F 435 2.86 -27.34 3.07
CA GLN F 435 3.99 -27.13 2.20
C GLN F 435 5.07 -28.13 2.52
N ALA F 436 5.86 -28.51 1.54
CA ALA F 436 6.98 -29.37 1.83
C ALA F 436 8.10 -29.10 0.87
N MET F 437 9.31 -29.23 1.36
CA MET F 437 10.49 -29.03 0.54
C MET F 437 11.29 -30.29 0.35
N TYR F 438 11.81 -30.48 -0.83
CA TYR F 438 12.74 -31.55 -1.04
C TYR F 438 14.12 -30.98 -1.15
N ALA F 439 15.01 -31.51 -0.35
CA ALA F 439 16.37 -31.05 -0.37
C ALA F 439 17.18 -31.94 -1.31
N PRO F 440 17.75 -31.42 -2.40
CA PRO F 440 18.55 -32.18 -3.32
C PRO F 440 19.65 -32.71 -2.47
N PRO F 441 20.20 -33.87 -2.76
CA PRO F 441 21.30 -34.46 -2.06
C PRO F 441 22.51 -33.68 -2.40
N ILE F 442 23.47 -33.70 -1.49
CA ILE F 442 24.75 -33.08 -1.73
C ILE F 442 25.85 -34.10 -1.88
N GLN F 443 26.57 -33.98 -2.97
CA GLN F 443 27.63 -34.90 -3.33
C GLN F 443 28.83 -34.73 -2.41
N GLY F 444 29.59 -35.79 -2.24
CA GLY F 444 30.77 -35.73 -1.41
C GLY F 444 30.43 -36.09 0.02
N VAL F 445 31.31 -35.69 0.93
CA VAL F 445 31.23 -36.02 2.35
C VAL F 445 31.09 -34.71 3.10
N ILE F 446 30.16 -34.65 4.05
CA ILE F 446 29.92 -33.40 4.75
C ILE F 446 30.35 -33.36 6.17
N ARG F 447 31.09 -32.33 6.51
CA ARG F 447 31.51 -32.09 7.87
C ARG F 447 31.33 -30.60 8.17
N CYS F 448 30.89 -30.26 9.41
CA CYS F 448 30.76 -28.89 9.91
C CYS F 448 31.12 -28.90 11.40
N VAL F 449 31.64 -27.78 11.86
CA VAL F 449 31.93 -27.62 13.26
C VAL F 449 31.19 -26.43 13.78
N SER F 450 30.39 -26.63 14.80
CA SER F 450 29.58 -25.55 15.34
C SER F 450 29.84 -25.30 16.82
N ASN F 451 29.47 -24.09 17.28
CA ASN F 451 29.55 -23.64 18.67
C ASN F 451 28.17 -23.74 19.34
N ILE F 452 28.06 -24.51 20.45
CA ILE F 452 26.80 -24.55 21.23
C ILE F 452 26.89 -23.34 22.12
N THR F 453 25.97 -22.42 21.97
CA THR F 453 25.99 -21.17 22.71
C THR F 453 24.86 -21.10 23.69
N GLY F 454 23.87 -21.95 23.53
CA GLY F 454 22.77 -21.94 24.47
C GLY F 454 21.88 -23.15 24.35
N LEU F 455 21.06 -23.32 25.37
CA LEU F 455 20.15 -24.44 25.47
C LEU F 455 18.72 -24.02 25.65
N ILE F 456 17.79 -24.82 25.17
CA ILE F 456 16.41 -24.59 25.50
C ILE F 456 15.93 -25.74 26.35
N LEU F 457 15.57 -25.43 27.59
CA LEU F 457 15.13 -26.45 28.52
C LEU F 457 13.69 -26.28 28.90
N THR F 458 13.06 -27.37 29.25
CA THR F 458 11.70 -27.35 29.75
C THR F 458 11.64 -28.12 31.08
N ARG F 459 10.80 -27.63 32.02
CA ARG F 459 10.58 -28.19 33.36
C ARG F 459 9.26 -28.96 33.38
N THR F 467 11.63 -33.94 46.79
CA THR F 467 11.23 -32.88 45.87
C THR F 467 12.46 -32.38 45.08
N THR F 468 12.94 -33.21 44.13
CA THR F 468 14.06 -32.92 43.24
C THR F 468 13.50 -32.43 41.91
N GLU F 469 14.34 -31.87 41.05
CA GLU F 469 13.86 -31.39 39.77
C GLU F 469 14.60 -32.05 38.63
N THR F 470 13.86 -32.30 37.56
CA THR F 470 14.44 -32.88 36.37
C THR F 470 14.19 -32.00 35.18
N PHE F 471 15.22 -31.70 34.42
CA PHE F 471 15.05 -30.87 33.25
C PHE F 471 15.28 -31.65 31.99
N ARG F 472 14.51 -31.31 30.96
CA ARG F 472 14.60 -31.93 29.67
C ARG F 472 14.79 -30.91 28.57
N PRO F 473 15.46 -31.24 27.48
CA PRO F 473 15.53 -30.42 26.29
C PRO F 473 14.16 -30.20 25.75
N GLY F 474 13.94 -29.03 25.19
CA GLY F 474 12.65 -28.70 24.61
C GLY F 474 12.83 -27.65 23.54
N GLY F 475 11.73 -27.04 23.10
CA GLY F 475 11.83 -26.07 22.03
C GLY F 475 10.98 -26.46 20.86
N GLY F 476 11.37 -25.99 19.68
CA GLY F 476 10.66 -26.21 18.41
C GLY F 476 9.91 -24.99 17.92
N ASP F 477 9.65 -24.04 18.80
CA ASP F 477 9.00 -22.80 18.42
C ASP F 477 10.10 -21.83 18.06
N MET F 478 10.24 -21.53 16.81
CA MET F 478 11.36 -20.75 16.33
C MET F 478 11.46 -19.38 16.91
N ARG F 479 10.37 -18.83 17.39
CA ARG F 479 10.51 -17.50 17.91
C ARG F 479 11.39 -17.51 19.13
N ASP F 480 11.51 -18.64 19.82
CA ASP F 480 12.31 -18.69 21.01
C ASP F 480 13.78 -18.75 20.69
N ASN F 481 14.15 -19.01 19.43
CA ASN F 481 15.56 -19.01 19.15
C ASN F 481 15.95 -17.59 18.93
N TRP F 482 15.08 -16.87 18.25
CA TRP F 482 15.38 -15.49 17.91
C TRP F 482 15.32 -14.57 19.11
N ARG F 483 14.54 -14.95 20.12
CA ARG F 483 14.50 -14.18 21.34
C ARG F 483 15.85 -14.17 22.02
N SER F 484 16.70 -15.16 21.76
CA SER F 484 17.98 -15.23 22.45
C SER F 484 19.00 -14.23 21.91
N GLU F 485 18.73 -13.66 20.74
CA GLU F 485 19.66 -12.70 20.16
C GLU F 485 19.10 -11.29 20.24
N LEU F 486 17.79 -11.16 20.21
CA LEU F 486 17.13 -9.86 20.23
C LEU F 486 16.67 -9.41 21.60
N TYR F 487 17.03 -10.13 22.64
CA TYR F 487 16.57 -9.80 23.98
C TYR F 487 17.03 -8.46 24.51
N LYS F 488 18.13 -7.95 24.01
CA LYS F 488 18.61 -6.69 24.52
C LYS F 488 18.18 -5.50 23.70
N TYR F 489 17.37 -5.69 22.66
CA TYR F 489 17.01 -4.53 21.85
C TYR F 489 15.56 -4.13 22.01
N LYS F 490 15.31 -2.83 21.97
CA LYS F 490 13.96 -2.30 22.01
C LYS F 490 13.77 -1.23 20.96
N VAL F 491 12.60 -1.16 20.33
CA VAL F 491 12.35 -0.10 19.36
C VAL F 491 11.50 1.00 19.95
N VAL F 492 11.98 2.24 19.81
CA VAL F 492 11.21 3.36 20.29
C VAL F 492 11.03 4.37 19.17
N LYS F 493 10.01 5.18 19.29
CA LYS F 493 9.69 6.24 18.36
C LYS F 493 10.11 7.54 18.93
N ILE F 494 10.74 8.38 18.14
CA ILE F 494 11.17 9.66 18.64
C ILE F 494 10.04 10.64 18.40
N GLU F 495 9.70 11.41 19.43
CA GLU F 495 8.61 12.38 19.35
C GLU F 495 9.10 13.76 19.73
N PRO F 496 9.89 14.40 18.88
CA PRO F 496 10.69 15.56 19.16
C PRO F 496 9.93 16.86 19.15
N LEU F 497 8.86 16.94 19.90
CA LEU F 497 8.12 18.18 19.99
C LEU F 497 7.45 18.29 21.33
N GLY F 498 7.65 19.40 21.99
CA GLY F 498 6.99 19.57 23.26
C GLY F 498 7.06 20.98 23.75
N VAL F 499 6.43 21.21 24.89
CA VAL F 499 6.39 22.55 25.43
C VAL F 499 6.85 22.58 26.86
N ALA F 500 7.24 23.75 27.33
CA ALA F 500 7.64 23.97 28.71
C ALA F 500 7.50 25.45 29.01
N PRO F 501 7.30 25.88 30.27
CA PRO F 501 7.27 27.27 30.66
C PRO F 501 8.62 27.95 30.66
N THR F 502 8.61 29.22 30.29
CA THR F 502 9.79 30.08 30.39
C THR F 502 9.39 31.53 30.56
N ARG F 503 10.32 32.45 30.38
CA ARG F 503 10.02 33.87 30.60
C ARG F 503 9.85 34.81 29.39
N CYS F 504 9.78 34.31 28.15
CA CYS F 504 9.69 35.11 26.93
C CYS F 504 8.29 35.18 26.33
N LYS F 505 8.02 36.30 25.68
CA LYS F 505 6.80 36.44 24.93
C LYS F 505 7.14 36.63 23.50
N ARG F 506 6.27 36.15 22.65
CA ARG F 506 6.50 36.30 21.22
C ARG F 506 6.70 37.73 20.70
N ARG F 507 5.94 38.71 21.22
CA ARG F 507 5.95 40.10 20.74
C ARG F 507 7.08 40.86 21.44
N UNK G 1 -13.98 35.26 26.73
CA UNK G 1 -14.51 35.24 25.37
C UNK G 1 -15.97 34.72 25.41
N UNK G 2 -16.18 33.39 25.23
CA UNK G 2 -17.48 32.72 25.24
C UNK G 2 -18.23 32.87 26.55
N UNK G 3 -19.51 33.08 26.42
CA UNK G 3 -20.40 33.23 27.55
C UNK G 3 -21.79 32.83 27.12
N UNK G 4 -22.66 32.55 28.06
CA UNK G 4 -24.01 32.21 27.66
C UNK G 4 -25.00 32.67 28.68
N UNK G 5 -26.22 32.90 28.24
CA UNK G 5 -27.26 33.26 29.20
C UNK G 5 -28.59 32.69 28.81
N UNK G 6 -29.20 32.00 29.78
CA UNK G 6 -30.50 31.39 29.61
C UNK G 6 -31.61 32.41 29.86
N UNK G 7 -32.70 32.26 29.14
CA UNK G 7 -33.89 33.08 29.34
C UNK G 7 -35.15 32.29 29.00
N UNK G 8 -36.24 32.56 29.70
CA UNK G 8 -37.50 31.88 29.41
C UNK G 8 -38.67 32.62 29.99
N UNK G 9 -39.85 32.39 29.45
CA UNK G 9 -41.03 32.91 30.10
C UNK G 9 -41.28 32.13 31.38
N UNK G 10 -41.67 32.81 32.44
CA UNK G 10 -41.98 32.17 33.71
C UNK G 10 -43.49 32.00 33.88
N UNK G 11 -43.87 31.15 34.84
CA UNK G 11 -45.25 30.90 35.23
C UNK G 11 -46.13 30.39 34.11
N UNK G 12 -45.61 29.47 33.31
CA UNK G 12 -46.47 28.88 32.28
C UNK G 12 -47.54 28.10 33.01
N UNK G 13 -48.77 28.13 32.54
CA UNK G 13 -49.81 27.35 33.21
C UNK G 13 -49.51 25.88 33.13
N UNK G 14 -49.86 25.16 34.17
CA UNK G 14 -49.65 23.73 34.13
C UNK G 14 -50.34 23.17 32.89
N UNK G 15 -49.65 22.24 32.25
CA UNK G 15 -49.99 21.53 31.02
C UNK G 15 -49.84 22.39 29.75
N UNK G 16 -49.32 23.60 29.90
CA UNK G 16 -49.00 24.46 28.77
C UNK G 16 -47.66 24.03 28.20
N UNK G 17 -47.40 24.34 26.94
CA UNK G 17 -46.06 24.05 26.44
C UNK G 17 -45.07 25.02 27.06
N UNK G 18 -43.89 24.52 27.34
CA UNK G 18 -42.79 25.30 27.87
C UNK G 18 -41.87 25.70 26.76
N UNK G 19 -41.18 26.82 26.93
CA UNK G 19 -40.18 27.22 25.96
C UNK G 19 -39.08 27.98 26.65
N UNK G 20 -37.88 27.87 26.12
CA UNK G 20 -36.71 28.55 26.65
C UNK G 20 -35.64 28.73 25.58
N UNK G 21 -34.72 29.65 25.83
CA UNK G 21 -33.62 29.84 24.90
C UNK G 21 -32.37 30.30 25.62
N UNK G 22 -31.22 30.14 24.98
CA UNK G 22 -30.00 30.63 25.55
C UNK G 22 -29.09 31.18 24.49
N UNK G 23 -28.70 32.42 24.68
CA UNK G 23 -27.88 33.07 23.69
C UNK G 23 -26.45 32.64 23.88
N UNK G 24 -25.75 32.50 22.76
CA UNK G 24 -24.33 32.21 22.80
C UNK G 24 -23.58 33.49 22.49
N UNK G 25 -22.81 33.98 23.44
CA UNK G 25 -22.05 35.19 23.24
C UNK G 25 -20.65 34.79 22.82
N UNK G 26 -20.14 35.45 21.79
CA UNK G 26 -18.83 35.13 21.23
C UNK G 26 -18.85 33.70 20.72
N UNK G 27 -17.73 33.23 20.22
CA UNK G 27 -17.63 31.89 19.66
C UNK G 27 -18.76 31.68 18.64
N UNK G 28 -19.43 30.54 18.69
CA UNK G 28 -20.52 30.32 17.76
C UNK G 28 -21.43 29.24 18.29
N UNK G 29 -22.70 29.33 17.91
CA UNK G 29 -23.67 28.29 18.24
C UNK G 29 -23.28 27.00 17.56
N UNK G 30 -22.58 27.15 16.46
CA UNK G 30 -22.12 26.10 15.57
C UNK G 30 -20.73 25.54 15.91
N UNK G 31 -20.06 26.00 16.97
CA UNK G 31 -18.65 25.61 17.15
C UNK G 31 -18.32 24.21 17.68
N UNK G 32 -18.86 23.20 17.03
CA UNK G 32 -18.62 21.76 17.20
C UNK G 32 -18.58 21.26 18.62
N UNK G 33 -19.45 21.72 19.49
CA UNK G 33 -19.47 21.25 20.85
C UNK G 33 -20.78 20.55 21.07
N UNK G 34 -20.83 19.67 22.05
CA UNK G 34 -22.11 19.10 22.39
C UNK G 34 -22.74 20.02 23.42
N UNK G 35 -23.80 20.67 23.00
CA UNK G 35 -24.51 21.62 23.82
C UNK G 35 -25.38 20.80 24.71
N UNK G 36 -25.71 21.31 25.89
CA UNK G 36 -26.57 20.54 26.75
C UNK G 36 -27.48 21.40 27.57
N UNK G 37 -28.57 20.78 28.01
CA UNK G 37 -29.52 21.43 28.88
C UNK G 37 -29.73 20.57 30.10
N UNK G 38 -29.91 21.23 31.23
CA UNK G 38 -30.18 20.54 32.48
C UNK G 38 -30.98 21.43 33.39
N UNK G 39 -31.63 20.85 34.38
CA UNK G 39 -32.35 21.71 35.31
C UNK G 39 -32.35 21.16 36.71
N UNK G 40 -32.37 22.09 37.67
CA UNK G 40 -32.37 21.73 39.07
C UNK G 40 -33.70 21.97 39.75
N UNK G 41 -34.23 20.88 40.24
CA UNK G 41 -35.47 20.78 40.96
C UNK G 41 -35.19 21.25 42.35
N UNK G 42 -36.21 21.53 43.14
CA UNK G 42 -35.93 22.01 44.48
C UNK G 42 -34.99 21.08 45.26
N UNK G 43 -35.08 19.77 45.04
CA UNK G 43 -34.20 18.86 45.75
C UNK G 43 -33.45 17.90 44.82
N UNK G 44 -33.17 18.31 43.58
CA UNK G 44 -32.48 17.38 42.66
C UNK G 44 -31.90 18.06 41.43
N UNK G 45 -30.98 17.41 40.74
CA UNK G 45 -30.57 17.95 39.45
C UNK G 45 -30.39 16.84 38.46
N UNK G 46 -30.80 17.10 37.21
CA UNK G 46 -30.67 16.11 36.17
C UNK G 46 -30.51 16.71 34.79
N UNK G 47 -29.86 15.95 33.90
CA UNK G 47 -29.72 16.32 32.50
C UNK G 47 -31.06 16.25 31.83
N UNK G 48 -31.33 17.18 30.93
CA UNK G 48 -32.57 17.16 30.19
C UNK G 48 -32.38 16.80 28.73
N UNK G 49 -31.33 17.35 28.12
CA UNK G 49 -31.14 17.20 26.68
C UNK G 49 -29.72 17.50 26.20
N UNK G 50 -29.45 17.10 24.96
CA UNK G 50 -28.19 17.43 24.31
C UNK G 50 -28.39 17.65 22.82
N UNK G 51 -27.49 18.44 22.25
CA UNK G 51 -27.51 18.66 20.80
C UNK G 51 -26.12 18.90 20.28
N UNK G 52 -25.83 18.42 19.10
CA UNK G 52 -24.52 18.68 18.54
C UNK G 52 -24.53 19.93 17.69
N UNK G 53 -23.49 20.72 17.83
CA UNK G 53 -23.37 21.92 17.03
C UNK G 53 -22.88 21.67 15.62
N UNK G 54 -22.00 20.69 15.44
CA UNK G 54 -21.44 20.44 14.11
C UNK G 54 -22.50 20.02 13.11
N UNK G 55 -23.44 19.23 13.57
CA UNK G 55 -24.57 18.72 12.81
C UNK G 55 -25.65 18.56 13.82
N UNK G 56 -26.90 18.72 13.45
CA UNK G 56 -27.94 18.71 14.47
C UNK G 56 -28.40 17.34 14.94
N UNK G 57 -27.48 16.59 15.49
CA UNK G 57 -27.80 15.33 16.12
C UNK G 57 -28.37 15.71 17.47
N UNK G 58 -29.25 14.90 18.03
CA UNK G 58 -29.79 15.28 19.32
C UNK G 58 -30.17 14.09 20.16
N UNK G 59 -30.29 14.34 21.46
CA UNK G 59 -30.66 13.33 22.43
C UNK G 59 -31.46 13.95 23.56
N UNK G 60 -32.19 13.11 24.29
CA UNK G 60 -32.95 13.60 25.45
C UNK G 60 -32.97 12.54 26.51
N UNK G 61 -33.12 12.98 27.76
CA UNK G 61 -33.24 12.01 28.83
C UNK G 61 -34.45 11.18 28.51
N UNK G 62 -34.40 9.87 28.71
CA UNK G 62 -35.52 9.03 28.32
C UNK G 62 -36.82 9.47 28.97
N UNK G 63 -36.75 9.94 30.19
CA UNK G 63 -37.92 10.34 30.95
C UNK G 63 -38.77 11.39 30.27
N UNK G 64 -38.17 12.29 29.49
CA UNK G 64 -38.94 13.33 28.83
C UNK G 64 -38.80 13.22 27.34
N UNK G 65 -38.39 12.07 26.86
CA UNK G 65 -38.14 11.93 25.44
C UNK G 65 -39.39 12.17 24.62
N UNK G 66 -40.54 11.80 25.16
CA UNK G 66 -41.80 11.94 24.45
C UNK G 66 -42.42 13.32 24.59
N UNK G 67 -41.81 14.21 25.35
CA UNK G 67 -42.39 15.52 25.55
C UNK G 67 -41.33 16.59 25.64
N UNK G 68 -40.39 16.59 24.70
CA UNK G 68 -39.28 17.54 24.76
C UNK G 68 -38.72 17.82 23.39
N UNK G 69 -38.10 18.98 23.26
CA UNK G 69 -37.45 19.36 22.03
C UNK G 69 -36.23 20.22 22.29
N UNK G 70 -35.30 20.19 21.35
CA UNK G 70 -34.13 21.04 21.37
C UNK G 70 -33.83 21.44 19.93
N UNK G 71 -33.39 22.66 19.75
CA UNK G 71 -33.08 23.18 18.42
C UNK G 71 -32.11 24.32 18.48
N UNK G 72 -31.54 24.69 17.34
CA UNK G 72 -30.67 25.86 17.34
C UNK G 72 -30.80 26.62 16.05
N UNK G 73 -30.62 27.92 16.14
CA UNK G 73 -30.63 28.80 14.99
C UNK G 73 -29.30 29.44 14.81
N UNK G 74 -28.55 29.05 13.78
CA UNK G 74 -27.23 29.64 13.61
C UNK G 74 -27.39 31.12 13.43
N UNK G 75 -28.47 31.50 12.76
CA UNK G 75 -28.81 32.88 12.43
C UNK G 75 -28.96 33.77 13.65
N UNK G 76 -29.34 33.21 14.77
CA UNK G 76 -29.55 34.01 15.96
C UNK G 76 -28.46 33.76 16.97
N UNK G 77 -27.47 32.96 16.59
CA UNK G 77 -26.44 32.55 17.52
C UNK G 77 -27.09 32.05 18.78
N UNK G 78 -28.10 31.19 18.65
CA UNK G 78 -28.79 30.78 19.86
C UNK G 78 -29.36 29.38 19.84
N UNK G 79 -29.44 28.82 21.03
CA UNK G 79 -30.04 27.52 21.28
C UNK G 79 -31.44 27.71 21.79
N UNK G 80 -32.30 26.72 21.58
CA UNK G 80 -33.67 26.79 22.07
C UNK G 80 -34.16 25.43 22.54
N UNK G 81 -35.13 25.47 23.44
CA UNK G 81 -35.71 24.25 23.98
C UNK G 81 -37.16 24.42 24.30
N UNK G 82 -37.85 23.30 24.34
CA UNK G 82 -39.27 23.29 24.65
C UNK G 82 -39.71 21.98 25.25
N UNK G 83 -40.85 22.02 25.89
CA UNK G 83 -41.41 20.80 26.45
C UNK G 83 -42.91 20.82 26.35
N UNK G 84 -43.50 19.65 26.23
CA UNK G 84 -44.93 19.56 26.10
C UNK G 84 -45.59 19.29 27.42
N UNK G 85 -46.80 19.80 27.59
CA UNK G 85 -47.60 19.50 28.77
C UNK G 85 -46.81 19.71 30.04
N UNK G 86 -46.29 20.91 30.27
CA UNK G 86 -45.45 21.05 31.45
C UNK G 86 -46.20 20.55 32.67
N UNK G 87 -45.56 19.67 33.41
CA UNK G 87 -46.18 19.14 34.60
C UNK G 87 -46.27 20.21 35.64
N UNK G 88 -47.25 20.09 36.52
CA UNK G 88 -47.35 21.02 37.64
C UNK G 88 -46.09 20.96 38.50
N UNK G 89 -45.46 19.79 38.49
CA UNK G 89 -44.28 19.47 39.24
C UNK G 89 -42.99 19.90 38.53
N UNK G 90 -43.09 20.46 37.33
CA UNK G 90 -41.92 20.81 36.56
C UNK G 90 -41.38 22.17 36.98
N UNK G 91 -40.91 22.24 38.21
CA UNK G 91 -40.39 23.47 38.79
C UNK G 91 -38.90 23.35 38.95
N UNK G 92 -38.17 24.16 38.22
CA UNK G 92 -36.72 24.03 38.27
C UNK G 92 -35.98 25.25 37.76
N UNK G 93 -34.72 25.35 38.16
CA UNK G 93 -33.84 26.35 37.61
C UNK G 93 -33.15 25.74 36.41
N UNK G 94 -33.52 26.18 35.22
CA UNK G 94 -32.99 25.56 34.01
C UNK G 94 -31.81 26.32 33.46
N UNK G 95 -30.84 25.60 32.87
CA UNK G 95 -29.71 26.31 32.30
C UNK G 95 -29.07 25.59 31.14
N UNK G 96 -28.49 26.38 30.25
CA UNK G 96 -27.72 25.86 29.14
C UNK G 96 -26.30 25.59 29.59
N UNK G 97 -25.65 24.60 28.98
CA UNK G 97 -24.27 24.30 29.29
C UNK G 97 -23.55 23.74 28.09
N UNK G 98 -22.22 23.80 28.12
CA UNK G 98 -21.48 23.20 27.01
C UNK G 98 -20.40 22.29 27.48
N UNK G 99 -20.28 21.17 26.78
CA UNK G 99 -19.23 20.23 27.06
C UNK G 99 -18.00 20.56 26.25
N UNK G 100 -16.85 20.37 26.85
CA UNK G 100 -15.61 20.54 26.14
C UNK G 100 -15.31 19.25 25.44
N UNK G 101 -14.58 19.31 24.36
CA UNK G 101 -14.18 18.10 23.67
C UNK G 101 -12.88 18.32 22.98
N UNK G 102 -12.15 17.26 22.73
CA UNK G 102 -10.94 17.39 21.97
C UNK G 102 -11.30 17.79 20.56
N UNK G 103 -10.47 18.60 19.94
CA UNK G 103 -10.73 19.03 18.58
C UNK G 103 -10.33 17.94 17.61
N UNK G 104 -11.13 16.89 17.56
CA UNK G 104 -10.83 15.75 16.72
C UNK G 104 -10.83 16.14 15.27
N UNK G 105 -9.87 15.64 14.51
CA UNK G 105 -9.80 15.91 13.08
C UNK G 105 -10.71 14.98 12.33
N UNK G 106 -11.17 15.39 11.16
CA UNK G 106 -12.04 14.55 10.34
C UNK G 106 -11.36 13.24 10.00
N UNK G 107 -10.08 13.27 9.81
CA UNK G 107 -9.30 12.10 9.44
C UNK G 107 -8.83 11.29 10.65
N UNK G 108 -9.18 11.69 11.87
CA UNK G 108 -8.68 11.03 13.09
C UNK G 108 -9.59 9.91 13.61
N UNK G 109 -10.12 10.08 14.83
CA UNK G 109 -10.92 9.04 15.47
C UNK G 109 -11.88 9.59 16.52
N UNK G 110 -12.96 8.86 16.73
CA UNK G 110 -13.97 9.14 17.76
C UNK G 110 -13.76 8.33 19.04
N UNK G 111 -14.20 8.88 20.18
CA UNK G 111 -14.11 8.17 21.45
C UNK G 111 -15.20 8.61 22.44
N UNK G 112 -15.49 7.76 23.43
CA UNK G 112 -16.42 8.05 24.52
C UNK G 112 -15.79 9.04 25.48
N UNK G 113 -16.60 9.79 26.21
CA UNK G 113 -16.01 10.76 27.14
C UNK G 113 -16.89 11.09 28.34
N UNK G 114 -16.23 11.62 29.37
CA UNK G 114 -16.81 12.08 30.61
C UNK G 114 -17.62 13.35 30.43
N UNK G 115 -18.46 13.63 31.41
CA UNK G 115 -19.32 14.80 31.38
C UNK G 115 -18.56 16.09 31.68
N UNK G 116 -17.76 16.52 30.71
CA UNK G 116 -16.91 17.71 30.84
C UNK G 116 -17.68 18.99 30.57
N UNK G 117 -18.64 19.28 31.43
CA UNK G 117 -19.50 20.46 31.25
C UNK G 117 -18.75 21.69 31.71
N UNK G 118 -17.95 22.21 30.79
CA UNK G 118 -17.00 23.29 31.00
C UNK G 118 -17.61 24.62 31.37
N UNK G 119 -18.79 24.93 30.85
CA UNK G 119 -19.38 26.24 31.17
C UNK G 119 -20.89 26.19 31.22
N UNK G 120 -21.50 27.11 31.98
CA UNK G 120 -22.96 27.16 32.07
C UNK G 120 -23.52 28.59 32.11
N UNK G 121 -24.70 28.71 31.51
CA UNK G 121 -25.44 29.95 31.30
C UNK G 121 -26.29 30.42 32.45
N UNK G 122 -25.65 30.66 33.59
CA UNK G 122 -26.38 31.08 34.78
C UNK G 122 -27.61 30.19 34.90
N UNK G 123 -28.79 30.74 35.18
CA UNK G 123 -30.00 29.92 35.13
C UNK G 123 -31.25 30.76 34.99
N UNK G 124 -32.28 30.18 34.39
CA UNK G 124 -33.60 30.80 34.27
C UNK G 124 -34.61 29.96 35.05
N UNK G 125 -35.13 30.51 36.15
CA UNK G 125 -36.07 29.73 36.95
C UNK G 125 -37.49 29.90 36.46
N UNK G 126 -38.22 28.79 36.49
CA UNK G 126 -39.63 28.79 36.16
C UNK G 126 -40.33 27.63 36.85
N UNK G 127 -41.62 27.80 37.05
CA UNK G 127 -42.47 26.77 37.62
C UNK G 127 -43.84 26.92 37.04
N UNK G 128 -44.61 25.84 37.02
CA UNK G 128 -45.95 25.86 36.49
C UNK G 128 -46.89 26.71 37.35
N UNK G 129 -47.79 27.40 36.66
CA UNK G 129 -48.81 28.22 37.28
C UNK G 129 -50.15 27.49 37.33
N UNK G 130 -51.01 27.85 38.32
CA UNK G 130 -52.39 27.32 38.50
C UNK G 130 -52.41 25.79 38.46
N UNK H 1 -29.18 7.55 39.06
CA UNK H 1 -28.52 8.44 39.99
C UNK H 1 -27.35 7.70 40.64
N UNK H 2 -26.34 8.46 41.12
CA UNK H 2 -25.14 7.92 41.78
C UNK H 2 -25.43 7.68 43.25
N UNK H 3 -24.80 6.66 43.84
CA UNK H 3 -25.06 6.35 45.24
C UNK H 3 -24.26 7.19 46.19
N UNK H 4 -24.66 8.44 46.29
CA UNK H 4 -23.97 9.47 47.04
C UNK H 4 -23.95 9.25 48.55
N UNK H 5 -22.85 9.68 49.16
CA UNK H 5 -22.61 9.67 50.61
C UNK H 5 -23.56 10.60 51.37
N UNK H 6 -24.21 11.51 50.66
CA UNK H 6 -25.20 12.49 51.15
C UNK H 6 -24.62 13.62 52.00
N UNK H 7 -23.84 13.31 53.02
CA UNK H 7 -23.35 14.40 53.86
C UNK H 7 -21.98 14.14 54.45
N UNK H 8 -21.26 15.23 54.69
CA UNK H 8 -19.95 15.14 55.30
C UNK H 8 -19.56 16.40 56.05
N UNK H 9 -18.57 16.28 56.93
CA UNK H 9 -18.03 17.42 57.65
C UNK H 9 -16.59 17.13 58.04
N UNK H 10 -15.82 18.18 58.26
CA UNK H 10 -14.44 18.05 58.70
C UNK H 10 -14.02 19.29 59.46
N UNK H 11 -12.97 19.13 60.27
CA UNK H 11 -12.40 20.25 61.01
C UNK H 11 -11.77 21.22 60.04
N UNK H 12 -11.72 22.49 60.43
CA UNK H 12 -11.11 23.44 59.54
C UNK H 12 -9.68 23.06 59.26
N UNK H 13 -9.34 23.17 58.00
CA UNK H 13 -8.07 22.91 57.38
C UNK H 13 -7.65 21.45 57.44
N UNK H 14 -8.58 20.59 57.82
CA UNK H 14 -8.35 19.17 57.83
C UNK H 14 -8.58 18.64 56.45
N UNK H 15 -7.97 17.53 56.12
CA UNK H 15 -8.28 16.90 54.86
C UNK H 15 -9.65 16.27 54.98
N UNK H 16 -10.33 16.14 53.86
CA UNK H 16 -11.66 15.53 53.83
C UNK H 16 -11.87 14.77 52.55
N UNK H 17 -12.85 13.87 52.56
CA UNK H 17 -13.15 13.09 51.37
C UNK H 17 -14.62 12.80 51.25
N UNK H 18 -15.04 12.51 50.02
CA UNK H 18 -16.43 12.21 49.69
C UNK H 18 -16.48 11.16 48.60
N UNK H 19 -17.60 10.46 48.50
CA UNK H 19 -17.72 9.41 47.51
C UNK H 19 -19.15 9.09 47.15
N UNK H 20 -19.29 8.35 46.04
CA UNK H 20 -20.55 7.80 45.59
C UNK H 20 -20.29 6.43 44.96
N UNK H 21 -21.19 5.48 45.14
CA UNK H 21 -21.00 4.17 44.50
C UNK H 21 -21.57 4.19 43.09
N UNK H 22 -21.16 3.22 42.27
CA UNK H 22 -21.61 3.14 40.89
C UNK H 22 -21.73 1.72 40.41
N UNK H 23 -22.44 1.54 39.32
CA UNK H 23 -22.61 0.23 38.73
C UNK H 23 -22.21 0.26 37.27
N UNK H 24 -23.18 0.16 36.37
CA UNK H 24 -22.86 0.23 34.95
C UNK H 24 -22.22 1.56 34.62
N UNK H 25 -22.67 2.63 35.27
CA UNK H 25 -22.15 3.96 35.01
C UNK H 25 -20.86 4.22 35.76
N UNK H 26 -19.87 3.43 35.47
CA UNK H 26 -18.55 3.51 36.06
C UNK H 26 -17.52 3.51 34.94
N UNK H 27 -18.00 3.87 33.74
CA UNK H 27 -17.23 3.94 32.50
C UNK H 27 -16.45 5.24 32.35
N UNK H 28 -16.97 6.32 32.90
CA UNK H 28 -16.37 7.64 32.79
C UNK H 28 -16.80 8.42 34.01
N UNK H 29 -16.06 9.43 34.38
CA UNK H 29 -16.46 10.22 35.54
C UNK H 29 -16.03 11.65 35.41
N UNK H 30 -16.72 12.50 36.15
CA UNK H 30 -16.46 13.93 36.28
C UNK H 30 -17.00 14.39 37.64
N UNK H 31 -16.59 15.55 38.14
CA UNK H 31 -17.17 16.05 39.39
C UNK H 31 -17.29 17.57 39.38
N UNK H 32 -18.31 18.09 40.07
CA UNK H 32 -18.60 19.53 40.11
C UNK H 32 -19.18 19.98 41.45
N UNK H 33 -19.16 21.29 41.71
CA UNK H 33 -19.72 21.80 42.97
C UNK H 33 -20.40 23.16 42.85
N UNK H 34 -21.34 23.42 43.77
CA UNK H 34 -22.12 24.67 43.74
C UNK H 34 -22.52 25.19 45.10
N UNK H 35 -22.75 26.49 45.15
CA UNK H 35 -23.20 27.10 46.38
C UNK H 35 -24.14 28.23 46.06
N UNK H 36 -25.01 28.55 47.02
CA UNK H 36 -25.96 29.63 46.87
C UNK H 36 -26.75 29.44 45.60
N UNK H 37 -26.75 30.43 44.70
CA UNK H 37 -27.51 30.36 43.47
C UNK H 37 -26.61 30.09 42.26
N UNK H 38 -25.37 29.72 42.52
CA UNK H 38 -24.38 29.48 41.48
C UNK H 38 -24.65 28.22 40.69
N UNK H 39 -24.31 28.26 39.42
CA UNK H 39 -24.34 27.06 38.60
C UNK H 39 -23.18 26.21 39.03
N UNK H 40 -23.32 24.90 39.01
CA UNK H 40 -22.18 24.10 39.42
C UNK H 40 -21.01 24.27 38.50
N UNK H 41 -19.82 24.30 39.08
CA UNK H 41 -18.59 24.39 38.31
C UNK H 41 -17.81 23.11 38.38
N UNK H 42 -17.23 22.68 37.25
CA UNK H 42 -16.46 21.45 37.27
C UNK H 42 -15.22 21.61 38.12
N UNK H 43 -14.92 20.58 38.89
CA UNK H 43 -13.72 20.53 39.69
C UNK H 43 -12.71 19.68 38.96
N UNK H 44 -13.21 18.64 38.31
CA UNK H 44 -12.39 17.68 37.57
C UNK H 44 -13.17 17.05 36.44
N UNK H 45 -12.44 16.63 35.42
CA UNK H 45 -12.94 15.90 34.28
C UNK H 45 -12.27 14.56 34.29
N UNK H 46 -12.88 13.56 33.70
CA UNK H 46 -12.29 12.23 33.69
C UNK H 46 -12.15 11.79 35.14
N UNK H 47 -11.54 10.64 35.38
CA UNK H 47 -11.43 10.24 36.77
C UNK H 47 -10.65 11.24 37.61
N UNK H 48 -9.61 11.85 37.04
CA UNK H 48 -8.85 12.77 37.86
C UNK H 48 -8.08 13.83 37.09
N UNK H 49 -8.67 14.44 36.07
CA UNK H 49 -7.98 15.50 35.35
C UNK H 49 -8.47 16.82 35.90
N UNK H 50 -7.62 17.54 36.59
CA UNK H 50 -8.07 18.76 37.22
C UNK H 50 -8.54 19.77 36.18
N UNK H 51 -9.58 20.51 36.54
CA UNK H 51 -10.10 21.58 35.71
C UNK H 51 -9.05 22.68 35.69
N UNK H 52 -9.12 23.57 34.70
CA UNK H 52 -8.11 24.62 34.51
C UNK H 52 -7.87 25.48 35.74
N UNK H 53 -8.88 25.74 36.56
CA UNK H 53 -8.63 26.55 37.74
C UNK H 53 -9.06 25.79 39.00
N UNK H 54 -8.99 24.46 38.96
CA UNK H 54 -9.42 23.64 40.09
C UNK H 54 -8.67 23.87 41.39
N UNK H 55 -7.38 24.17 41.30
CA UNK H 55 -6.46 24.38 42.43
C UNK H 55 -5.95 23.05 42.96
N UNK H 56 -4.72 23.07 43.49
CA UNK H 56 -4.01 21.90 43.99
C UNK H 56 -4.67 21.26 45.20
N UNK H 57 -5.53 22.01 45.86
CA UNK H 57 -6.23 21.51 47.02
C UNK H 57 -7.10 20.32 46.64
N UNK H 58 -7.61 20.32 45.40
CA UNK H 58 -8.53 19.28 44.94
C UNK H 58 -7.82 18.02 44.47
N UNK H 59 -8.46 16.89 44.68
CA UNK H 59 -7.97 15.60 44.23
C UNK H 59 -9.14 14.69 43.87
N UNK H 60 -8.86 13.65 43.08
CA UNK H 60 -9.92 12.71 42.68
C UNK H 60 -9.39 11.33 42.42
N UNK H 61 -10.26 10.32 42.51
CA UNK H 61 -9.87 8.95 42.24
C UNK H 61 -10.93 8.12 41.55
N UNK H 62 -10.43 7.23 40.69
CA UNK H 62 -11.23 6.27 39.94
C UNK H 62 -11.87 5.19 40.79
N UNK H 63 -11.22 4.81 41.90
CA UNK H 63 -11.76 3.74 42.73
C UNK H 63 -12.16 2.56 41.84
N UNK H 64 -13.33 1.97 42.07
CA UNK H 64 -13.84 0.91 41.22
C UNK H 64 -15.32 0.78 41.46
N UNK H 65 -16.13 0.89 40.40
CA UNK H 65 -17.60 0.82 40.55
C UNK H 65 -18.00 1.78 41.65
N UNK H 66 -17.36 2.93 41.63
CA UNK H 66 -17.51 3.97 42.60
C UNK H 66 -16.74 5.15 42.11
N UNK H 67 -16.86 6.24 42.80
CA UNK H 67 -16.01 7.38 42.52
C UNK H 67 -15.68 8.05 43.82
N UNK H 68 -14.53 8.69 43.88
CA UNK H 68 -14.18 9.39 45.10
C UNK H 68 -13.47 10.69 44.81
N UNK H 69 -13.58 11.61 45.76
CA UNK H 69 -12.94 12.90 45.67
C UNK H 69 -12.44 13.33 47.02
N UNK H 70 -11.45 14.20 47.01
CA UNK H 70 -10.87 14.65 48.26
C UNK H 70 -10.32 16.04 48.17
N UNK H 71 -10.15 16.65 49.33
CA UNK H 71 -9.56 17.96 49.33
C UNK H 71 -8.73 18.23 50.56
N UNK H 72 -7.74 19.08 50.38
CA UNK H 72 -6.91 19.59 51.44
C UNK H 72 -7.35 21.00 51.77
N UNK H 73 -7.08 21.42 52.99
CA UNK H 73 -7.36 22.77 53.50
C UNK H 73 -8.87 23.06 53.58
N UNK H 74 -9.20 24.30 53.93
CA UNK H 74 -10.57 24.72 54.12
C UNK H 74 -10.65 26.22 54.07
N UNK H 75 -11.89 26.73 54.15
CA UNK H 75 -12.27 28.15 54.16
C UNK H 75 -12.82 28.53 52.83
N UNK H 76 -14.09 28.97 52.84
CA UNK H 76 -14.78 29.34 51.61
C UNK H 76 -14.76 28.15 50.66
N UNK H 77 -14.92 26.96 51.22
CA UNK H 77 -14.91 25.72 50.49
C UNK H 77 -16.13 24.89 50.84
N UNK H 78 -17.17 25.57 51.28
CA UNK H 78 -18.42 24.92 51.66
C UNK H 78 -19.38 24.96 50.50
N UNK H 79 -19.65 23.82 49.91
CA UNK H 79 -20.48 23.74 48.74
C UNK H 79 -21.08 22.37 48.59
N UNK H 80 -22.19 22.30 47.88
CA UNK H 80 -22.76 21.02 47.54
C UNK H 80 -21.90 20.46 46.47
N UNK H 81 -21.83 19.16 46.37
CA UNK H 81 -21.00 18.60 45.33
C UNK H 81 -21.56 17.32 44.80
N UNK H 82 -21.19 17.01 43.56
CA UNK H 82 -21.64 15.77 43.02
C UNK H 82 -20.70 15.14 42.03
N UNK H 83 -20.64 13.83 42.12
CA UNK H 83 -19.97 13.01 41.15
C UNK H 83 -20.92 12.88 39.99
N UNK H 84 -20.39 12.70 38.79
CA UNK H 84 -21.26 12.49 37.64
C UNK H 84 -20.63 11.57 36.63
N UNK H 85 -21.48 10.94 35.83
CA UNK H 85 -20.98 10.08 34.76
C UNK H 85 -21.89 10.15 33.57
N UNK H 86 -21.30 9.94 32.41
CA UNK H 86 -21.99 10.02 31.12
C UNK H 86 -22.60 8.72 30.63
N UNK H 87 -22.54 7.68 31.43
CA UNK H 87 -23.02 6.38 30.97
C UNK H 87 -24.14 5.76 31.80
N UNK H 88 -25.10 6.53 32.29
CA UNK H 88 -26.17 5.88 33.01
C UNK H 88 -26.92 5.08 32.01
N UNK H 89 -27.08 3.78 32.27
CA UNK H 89 -27.72 2.84 31.35
C UNK H 89 -27.02 2.86 30.01
N UNK H 90 -25.74 3.30 30.01
CA UNK H 90 -24.95 3.49 28.82
C UNK H 90 -25.74 4.33 27.82
N UNK H 91 -26.48 5.33 28.31
CA UNK H 91 -27.32 6.16 27.46
C UNK H 91 -27.37 7.65 27.83
N UNK H 92 -27.25 7.98 29.12
CA UNK H 92 -27.44 9.37 29.52
C UNK H 92 -26.62 9.78 30.73
N UNK H 93 -26.44 11.06 30.91
CA UNK H 93 -25.73 11.51 32.10
C UNK H 93 -26.57 11.32 33.35
N UNK H 94 -25.90 11.08 34.47
CA UNK H 94 -26.53 10.96 35.78
C UNK H 94 -25.59 11.48 36.86
N UNK H 95 -26.14 11.82 38.03
CA UNK H 95 -25.28 12.37 39.08
C UNK H 95 -25.69 12.06 40.52
N UNK H 96 -24.72 12.30 41.38
CA UNK H 96 -24.73 12.22 42.84
C UNK H 96 -25.24 13.50 43.46
N UNK H 97 -25.50 13.45 44.75
CA UNK H 97 -25.78 14.67 45.49
C UNK H 97 -25.34 14.50 46.94
N UNK H 98 -24.42 15.34 47.39
CA UNK H 98 -23.94 15.32 48.78
C UNK H 98 -23.44 16.69 49.16
N UNK H 99 -23.39 17.01 50.45
CA UNK H 99 -22.84 18.33 50.79
C UNK H 99 -22.09 18.34 52.14
N UNK H 100 -21.11 19.28 52.25
CA UNK H 100 -20.32 19.57 53.44
C UNK H 100 -20.30 21.08 53.65
C1 NAG I . -26.94 31.44 6.26
C2 NAG I . -25.93 31.88 7.40
C3 NAG I . -26.68 32.78 8.43
C4 NAG I . -27.27 34.04 7.69
C5 NAG I . -28.25 33.54 6.56
C6 NAG I . -28.83 34.66 5.72
C7 NAG I . -24.11 30.49 8.40
C8 NAG I . -23.64 29.23 9.06
N2 NAG I . -25.41 30.64 8.07
O3 NAG I . -25.76 33.17 9.45
O4 NAG I . -28.03 34.88 8.60
O5 NAG I . -27.51 32.65 5.64
O6 NAG I . -29.63 34.16 4.65
O7 NAG I . -23.27 31.38 8.17
C1 NAG I . -27.31 36.07 9.21
C2 NAG I . -28.40 37.16 9.56
C3 NAG I . -27.66 38.38 10.21
C4 NAG I . -26.88 37.91 11.49
C5 NAG I . -25.84 36.82 11.07
C6 NAG I . -25.11 36.20 12.26
C7 NAG I . -30.38 37.49 8.08
C8 NAG I . -30.94 37.92 6.75
N2 NAG I . -29.05 37.59 8.30
O3 NAG I . -28.62 39.37 10.59
O4 NAG I . -26.22 39.03 12.08
O5 NAG I . -26.55 35.69 10.39
O6 NAG I . -24.36 37.18 12.99
O7 NAG I . -31.16 37.05 8.94
C1 NAG J . -27.15 -42.43 -6.82
C2 NAG J . -28.18 -43.01 -5.74
C3 NAG J . -27.39 -43.90 -4.74
C4 NAG J . -26.64 -45.05 -5.52
C5 NAG J . -25.68 -44.40 -6.58
C6 NAG J . -24.94 -45.42 -7.45
C7 NAG J . -30.06 -41.42 -5.27
C8 NAG J . -30.57 -40.18 -4.59
N2 NAG J . -28.79 -41.83 -5.05
O3 NAG J . -28.33 -44.52 -3.84
O4 NAG J . -25.79 -45.76 -4.59
O5 NAG J . -26.47 -43.54 -7.48
O6 NAG J . -24.05 -44.78 -8.36
O7 NAG J . -30.81 -42.06 -6.03
C1 NAG J . -26.17 -47.17 -4.29
C2 NAG J . -24.96 -47.82 -3.50
C3 NAG J . -25.32 -49.30 -3.18
C4 NAG J . -26.64 -49.35 -2.34
C5 NAG J . -27.80 -48.67 -3.15
C6 NAG J . -29.11 -48.57 -2.38
C7 NAG J . -22.70 -46.94 -4.11
C8 NAG J . -21.57 -46.84 -5.09
N2 NAG J . -23.76 -47.73 -4.37
O3 NAG J . -24.26 -49.90 -2.42
O4 NAG J . -26.97 -50.71 -2.04
O5 NAG J . -27.40 -47.28 -3.51
O6 NAG J . -29.62 -49.85 -2.02
O7 NAG J . -22.64 -46.28 -3.06
C1 NAG K . -30.94 -9.82 4.72
C2 NAG K . -30.11 -11.04 4.11
C3 NAG K . -30.48 -12.32 4.91
C4 NAG K . -30.18 -12.12 6.44
C5 NAG K . -30.99 -10.89 6.96
C6 NAG K . -30.73 -10.56 8.43
C7 NAG K . -29.63 -11.10 1.67
C8 NAG K . -30.09 -11.32 0.26
N2 NAG K . -30.49 -11.24 2.69
O3 NAG K . -29.70 -13.44 4.44
O4 NAG K . -30.62 -13.32 7.13
O5 NAG K . -30.62 -9.70 6.15
O6 NAG K . -29.36 -10.26 8.70
O7 NAG K . -28.45 -10.79 1.85
C1 NAG K . -29.55 -14.05 7.88
C2 NAG K . -30.22 -15.11 8.82
C3 NAG K . -29.08 -15.79 9.66
C4 NAG K . -28.04 -16.45 8.68
C5 NAG K . -27.47 -15.34 7.72
C6 NAG K . -26.58 -15.92 6.61
C7 NAG K . -32.57 -14.66 9.56
C8 NAG K . -33.56 -13.85 10.33
N2 NAG K . -31.24 -14.43 9.66
O3 NAG K . -29.66 -16.77 10.53
O4 NAG K . -26.91 -16.95 9.47
O5 NAG K . -28.58 -14.67 7.00
O6 NAG K . -27.36 -16.63 5.66
O7 NAG K . -32.99 -15.58 8.82
C1 BMA K . -26.79 -18.45 9.59
C2 BMA K . -25.32 -18.78 10.04
C3 BMA K . -25.19 -20.33 10.20
C4 BMA K . -26.25 -20.85 11.23
C5 BMA K . -27.69 -20.47 10.72
C6 BMA K . -28.79 -20.83 11.71
O2 BMA K . -25.00 -18.12 11.26
O3 BMA K . -23.86 -20.66 10.65
O4 BMA K . -26.12 -22.28 11.32
O5 BMA K . -27.77 -19.00 10.53
O6 BMA K . -28.76 -22.22 12.06
C1 NAG L . -1.10 -32.59 -44.95
C2 NAG L . -1.74 -32.11 -46.33
C3 NAG L . -3.29 -32.24 -46.19
C4 NAG L . -3.70 -33.73 -45.87
C5 NAG L . -2.99 -34.14 -44.53
C6 NAG L . -3.22 -35.59 -44.11
C7 NAG L . -0.43 -30.27 -47.39
C8 NAG L . -0.15 -28.80 -47.59
N2 NAG L . -1.41 -30.67 -46.57
O3 NAG L . -3.90 -31.84 -47.43
O4 NAG L . -5.14 -33.79 -45.64
O5 NAG L . -1.51 -33.97 -44.66
O6 NAG L . -2.58 -35.88 -42.87
O7 NAG L . 0.26 -31.09 -48.01
C1 NAG L . -5.99 -34.55 -46.63
C2 NAG L . -6.94 -33.50 -47.33
C3 NAG L . -7.90 -34.28 -48.31
C4 NAG L . -7.04 -35.08 -49.35
C5 NAG L . -6.09 -36.07 -48.58
C6 NAG L . -5.13 -36.82 -49.50
C7 NAG L . -8.19 -31.53 -46.48
C8 NAG L . -8.88 -30.81 -45.35
N2 NAG L . -7.70 -32.76 -46.30
O3 NAG L . -8.75 -33.37 -49.03
O4 NAG L . -7.92 -35.79 -50.23
O5 NAG L . -5.24 -35.30 -47.63
O6 NAG L . -4.13 -37.50 -48.75
O7 NAG L . -8.12 -30.96 -47.59
C1 NAG M . 9.62 1.56 -40.88
C2 NAG M . 9.08 0.12 -40.44
C3 NAG M . 7.96 -0.31 -41.46
C4 NAG M . 6.82 0.77 -41.46
C5 NAG M . 7.42 2.16 -41.86
C6 NAG M . 6.38 3.28 -41.81
C7 NAG M . 10.41 -1.78 -39.54
C8 NAG M . 11.61 -2.65 -39.65
N2 NAG M . 10.22 -0.82 -40.46
O3 NAG M . 7.43 -1.58 -41.08
O4 NAG M . 5.78 0.44 -42.43
O5 NAG M . 8.51 2.52 -40.91
O6 NAG M . 6.89 4.53 -42.26
O7 NAG M . 9.62 -1.95 -38.62
C1 NAG M . 4.47 0.02 -41.85
C2 NAG M . 3.34 0.09 -42.96
C3 NAG M . 1.99 -0.29 -42.27
C4 NAG M . 2.08 -1.73 -41.64
C5 NAG M . 3.27 -1.74 -40.61
C6 NAG M . 3.59 -3.13 -40.10
C7 NAG M . 3.52 1.80 -44.77
C8 NAG M . 3.42 3.24 -45.20
N2 NAG M . 3.26 1.47 -43.49
O3 NAG M . 0.94 -0.25 -43.25
O4 NAG M . 0.86 -1.97 -40.87
O5 NAG M . 4.53 -1.30 -41.27
O6 NAG M . 4.18 -3.92 -41.12
O7 NAG M . 3.83 0.94 -45.61
C1 BMA M . -0.12 -2.96 -41.44
C2 BMA M . -1.22 -3.24 -40.33
C3 BMA M . -2.25 -4.26 -40.92
C4 BMA M . -2.88 -3.68 -42.22
C5 BMA M . -1.73 -3.41 -43.26
C6 BMA M . -2.22 -2.75 -44.56
O2 BMA M . -1.85 -2.04 -39.92
O3 BMA M . -3.28 -4.48 -39.94
O4 BMA M . -3.80 -4.65 -42.73
O5 BMA M . -0.74 -2.47 -42.66
O6 BMA M . -1.24 -2.82 -45.59
C1 NAG N . 28.54 -22.34 12.57
C2 NAG N . 27.71 -23.06 11.42
C3 NAG N . 28.70 -23.95 10.58
C4 NAG N . 29.85 -23.08 9.99
C5 NAG N . 30.60 -22.38 11.17
C6 NAG N . 31.73 -21.46 10.72
C7 NAG N . 25.41 -23.98 11.70
C8 NAG N . 24.46 -24.93 12.38
N2 NAG N . 26.70 -23.95 12.06
O3 NAG N . 28.01 -24.54 9.47
O4 NAG N . 30.76 -23.96 9.28
O5 NAG N . 29.64 -21.57 11.95
O6 NAG N . 32.44 -20.95 11.84
O7 NAG N . 24.96 -23.24 10.82
C1 NAG N . 30.95 -23.63 7.83
C2 NAG N . 32.18 -24.45 7.28
C3 NAG N . 32.39 -24.02 5.78
C4 NAG N . 31.09 -24.32 4.95
C5 NAG N . 29.89 -23.53 5.61
C6 NAG N . 28.54 -23.84 4.95
C7 NAG N . 33.94 -25.02 8.95
C8 NAG N . 35.06 -24.58 9.85
N2 NAG N . 33.37 -24.13 8.12
O3 NAG N . 33.49 -24.76 5.23
O4 NAG N . 31.28 -23.82 3.59
O5 NAG N . 29.75 -23.89 7.04
O6 NAG N . 28.10 -25.17 5.24
O7 NAG N . 33.58 -26.20 8.96
C1 BMA N . 31.36 -24.87 2.52
C2 BMA N . 31.23 -24.16 1.12
C3 BMA N . 31.33 -25.25 0.01
C4 BMA N . 32.68 -26.04 0.14
C5 BMA N . 32.74 -26.70 1.57
C6 BMA N . 34.08 -27.40 1.84
O2 BMA N . 32.25 -23.18 0.95
O3 BMA N . 31.26 -24.62 -1.28
O4 BMA N . 32.70 -27.04 -0.87
O5 BMA N . 32.61 -25.63 2.60
O6 BMA N . 33.98 -28.32 2.94
C1 NAG O . -35.42 -37.91 -16.87
C2 NAG O . -34.51 -38.30 -18.14
C3 NAG O . -34.95 -37.38 -19.33
C4 NAG O . -36.48 -37.57 -19.64
C5 NAG O . -37.30 -37.20 -18.35
C6 NAG O . -38.80 -37.44 -18.52
C7 NAG O . -32.16 -38.98 -17.59
C8 NAG O . -30.74 -38.61 -17.23
N2 NAG O . -33.08 -38.02 -17.81
O3 NAG O . -34.22 -37.74 -20.51
O4 NAG O . -36.82 -36.70 -20.71
O5 NAG O . -36.84 -38.06 -17.22
O6 NAG O . -39.52 -37.05 -17.35
O7 NAG O . -32.45 -40.18 -17.70
C1 NAG P . -14.20 -45.89 -15.99
C2 NAG P . -15.73 -45.89 -16.47
C3 NAG P . -16.13 -47.38 -16.81
C4 NAG P . -15.19 -47.95 -17.91
C5 NAG P . -13.71 -47.89 -17.39
C6 NAG P . -12.71 -48.37 -18.44
C7 NAG P . -17.22 -44.26 -15.32
C8 NAG P . -18.13 -43.97 -14.16
N2 NAG P . -16.61 -45.45 -15.36
O3 NAG P . -17.48 -47.39 -17.29
O4 NAG P . -15.58 -49.30 -18.18
O5 NAG P . -13.36 -46.49 -17.05
O6 NAG P . -12.99 -49.69 -18.89
O7 NAG P . -17.05 -43.39 -16.18
C1 NAG Q . -20.70 -24.64 -26.19
C2 NAG Q . -20.72 -23.12 -26.68
C3 NAG Q . -22.19 -22.75 -27.09
C4 NAG Q . -22.68 -23.67 -28.23
C5 NAG Q . -22.59 -25.17 -27.75
C6 NAG Q . -22.93 -26.15 -28.88
C7 NAG Q . -19.47 -21.16 -25.82
C8 NAG Q . -19.01 -20.32 -24.67
N2 NAG Q . -20.24 -22.24 -25.59
O3 NAG Q . -22.24 -21.39 -27.54
O4 NAG Q . -24.02 -23.32 -28.57
O5 NAG Q . -21.21 -25.47 -27.30
O6 NAG Q . -22.81 -27.50 -28.45
O7 NAG Q . -19.13 -20.84 -26.96
C1 NAG R . -35.61 14.69 -11.07
C2 NAG R . -36.70 14.60 -12.24
C3 NAG R . -36.23 15.56 -13.39
C4 NAG R . -36.13 17.02 -12.83
C5 NAG R . -35.10 17.04 -11.64
C6 NAG R . -35.00 18.41 -10.97
C7 NAG R . -37.73 12.31 -12.28
C8 NAG R . -37.81 10.91 -12.80
N2 NAG R . -36.82 13.20 -12.75
O3 NAG R . -37.19 15.54 -14.46
O4 NAG R . -35.69 17.90 -13.87
O5 NAG R . -35.53 16.07 -10.60
O6 NAG R . -34.58 19.43 -11.88
O7 NAG R . -38.52 12.64 -11.38
C1 NAG S . -33.67 21.23 5.32
C2 NAG S . -35.05 20.79 4.60
C3 NAG S . -36.20 21.69 5.16
C4 NAG S . -36.30 21.53 6.71
C5 NAG S . -34.93 21.95 7.34
C6 NAG S . -34.90 21.74 8.86
C7 NAG S . -35.61 20.36 2.22
C8 NAG S . -35.32 20.60 0.77
N2 NAG S . -34.90 21.00 3.14
O3 NAG S . -37.46 21.31 4.59
O4 NAG S . -37.35 22.36 7.19
O5 NAG S . -33.84 21.11 6.77
O6 NAG S . -35.89 22.53 9.53
O7 NAG S . -36.52 19.59 2.55
C1 NAG T . -34.65 12.23 -22.94
C2 NAG T . -33.58 12.84 -23.95
C3 NAG T . -34.35 13.52 -25.13
C4 NAG T . -35.26 12.47 -25.84
C5 NAG T . -36.28 11.88 -24.80
C6 NAG T . -37.12 10.74 -25.36
C7 NAG T . -31.46 14.06 -23.55
C8 NAG T . -30.65 15.06 -22.75
N2 NAG T . -32.74 13.82 -23.22
O3 NAG T . -33.42 14.04 -26.10
O4 NAG T . -35.96 13.12 -26.90
O5 NAG T . -35.51 11.30 -23.66
O6 NAG T . -38.02 10.24 -24.39
O7 NAG T . -30.90 13.47 -24.49
C1 NAG U . -45.21 5.84 4.16
C2 NAG U . -46.59 6.28 3.48
C3 NAG U . -47.39 7.14 4.50
C4 NAG U . -47.65 6.29 5.79
C5 NAG U . -46.27 5.84 6.40
C6 NAG U . -46.41 4.90 7.59
C7 NAG U . -46.97 6.91 1.10
C8 NAG U . -46.51 7.56 -0.17
N2 NAG U . -46.24 7.02 2.24
O3 NAG U . -48.67 7.51 3.94
O4 NAG U . -48.37 7.09 6.72
O5 NAG U . -45.49 5.08 5.38
O6 NAG U . -45.15 4.35 7.94
O7 NAG U . -48.04 6.28 1.09
C1 NAG V . -30.82 -33.82 8.34
C2 NAG V . -31.43 -33.04 9.59
C3 NAG V . -30.51 -33.29 10.83
C4 NAG V . -30.40 -34.82 11.12
C5 NAG V . -29.84 -35.54 9.85
C6 NAG V . -29.76 -37.06 10.02
C7 NAG V . -32.57 -30.83 9.33
C8 NAG V . -32.47 -29.36 9.06
N2 NAG V . -31.45 -31.58 9.30
O3 NAG V . -31.04 -32.64 11.99
O4 NAG V . -29.54 -35.03 12.23
O5 NAG V . -30.73 -35.25 8.69
O6 NAG V . -28.91 -37.43 11.10
O7 NAG V . -33.67 -31.32 9.60
C1 NAG W . -45.02 -20.80 2.69
C2 NAG W . -44.01 -21.51 3.67
C3 NAG W . -44.31 -23.05 3.69
C4 NAG W . -45.79 -23.28 4.16
C5 NAG W . -46.75 -22.53 3.18
C6 NAG W . -48.22 -22.66 3.61
C7 NAG W . -41.73 -20.54 3.85
C8 NAG W . -40.41 -20.20 3.23
N2 NAG W . -42.64 -21.27 3.16
O3 NAG W . -43.43 -23.71 4.61
O4 NAG W . -46.06 -24.69 4.17
O5 NAG W . -46.40 -21.08 3.15
O6 NAG W . -48.66 -24.01 3.60
O7 NAG W . -41.96 -20.14 5.00
C1 NAG X . -52.92 13.62 -10.09
C2 NAG X . -53.67 15.01 -9.95
C3 NAG X . -53.72 15.40 -8.44
C4 NAG X . -54.46 14.27 -7.64
C5 NAG X . -53.70 12.92 -7.84
C6 NAG X . -54.40 11.74 -7.15
C7 NAG X . -53.39 16.65 -11.82
C8 NAG X . -52.50 17.56 -12.61
N2 NAG X . -52.90 16.02 -10.73
O3 NAG X . -54.43 16.64 -8.27
O4 NAG X . -54.48 14.64 -6.26
O5 NAG X . -53.63 12.59 -9.30
O6 NAG X . -53.70 10.52 -7.37
O7 NAG X . -54.57 16.50 -12.18
C1 NAG Y . -44.66 -14.64 -18.11
C2 NAG Y . -43.87 -15.99 -18.43
C3 NAG Y . -44.65 -16.74 -19.56
C4 NAG Y . -46.10 -17.06 -19.06
C5 NAG Y . -46.82 -15.72 -18.69
C6 NAG Y . -48.20 -15.97 -18.07
C7 NAG Y . -41.44 -15.64 -18.00
C8 NAG Y . -40.05 -15.33 -18.49
N2 NAG Y . -42.47 -15.70 -18.87
O3 NAG Y . -43.97 -17.96 -19.90
O4 NAG Y . -46.79 -17.75 -20.10
O5 NAG Y . -46.02 -14.99 -17.67
O6 NAG Y . -48.90 -14.75 -17.86
O7 NAG Y . -41.60 -15.81 -16.77
C1 NAG Z . -43.47 -18.83 -13.77
C2 NAG Z . -42.75 -19.49 -15.03
C3 NAG Z . -43.77 -19.53 -16.22
C4 NAG Z . -45.05 -20.33 -15.79
C5 NAG Z . -45.68 -19.64 -14.54
C6 NAG Z . -46.92 -20.36 -14.00
C7 NAG Z . -40.32 -18.90 -15.09
C8 NAG Z . -39.23 -17.90 -15.38
N2 NAG Z . -41.59 -18.60 -15.40
O3 NAG Z . -43.17 -20.18 -17.34
O4 NAG Z . -45.99 -20.34 -16.87
O5 NAG Z . -44.68 -19.59 -13.44
O6 NAG Z . -47.97 -20.41 -14.97
O7 NAG Z . -40.02 -19.98 -14.56
C1 NAG AA . -36.92 -5.07 7.70
C2 NAG AA . -35.50 -4.79 8.39
C3 NAG AA . -35.71 -4.61 9.93
C4 NAG AA . -36.69 -3.44 10.20
C5 NAG AA . -38.06 -3.76 9.50
C6 NAG AA . -39.07 -2.62 9.62
C7 NAG AA . -33.50 -5.87 7.41
C8 NAG AA . -32.75 -7.13 7.08
N2 NAG AA . -34.62 -5.96 8.13
O3 NAG AA . -34.44 -4.31 10.53
O4 NAG AA . -36.87 -3.30 11.61
O5 NAG AA . -37.85 -3.98 8.04
O6 NAG AA . -40.27 -2.92 8.90
O7 NAG AA . -33.05 -4.80 7.02
C1 NAG BA . -52.60 -13.19 -13.02
C2 NAG BA . -52.22 -14.65 -12.54
C3 NAG BA . -53.25 -15.67 -13.14
C4 NAG BA . -54.69 -15.28 -12.67
C5 NAG BA . -55.01 -13.82 -13.15
C6 NAG BA . -56.38 -13.34 -12.67
C7 NAG BA . -49.87 -15.45 -12.23
C8 NAG BA . -48.49 -15.63 -12.79
N2 NAG BA . -50.84 -14.95 -13.02
O3 NAG BA . -52.96 -17.00 -12.67
O4 NAG BA . -55.62 -16.20 -13.24
O5 NAG BA . -53.98 -12.89 -12.60
O6 NAG BA . -57.44 -14.18 -13.14
O7 NAG BA . -50.10 -15.78 -11.06
C1 NAG CA . -42.06 -14.68 7.45
C2 NAG CA . -43.64 -14.55 7.50
C3 NAG CA . -44.02 -13.65 8.71
C4 NAG CA . -43.45 -14.27 10.04
C5 NAG CA . -41.90 -14.39 9.91
C6 NAG CA . -41.25 -15.08 11.12
C7 NAG CA . -44.71 -14.63 5.25
C8 NAG CA . -45.04 -13.95 3.95
N2 NAG CA . -44.08 -13.94 6.22
O3 NAG CA . -45.45 -13.56 8.81
O4 NAG CA . -43.81 -13.41 11.13
O5 NAG CA . -41.57 -15.23 8.73
O6 NAG CA . -39.83 -15.16 10.96
O7 NAG CA . -45.05 -15.81 5.41
C1 NAG DA . -5.11 45.59 -15.77
C2 NAG DA . -4.28 46.95 -15.59
C3 NAG DA . -4.25 47.69 -16.97
C4 NAG DA . -3.61 46.76 -18.05
C5 NAG DA . -4.44 45.44 -18.16
C6 NAG DA . -3.84 44.43 -19.13
C7 NAG DA . -4.53 47.91 -13.30
C8 NAG DA . -5.30 48.75 -12.32
N2 NAG DA . -4.95 47.80 -14.57
O3 NAG DA . -3.49 48.90 -16.86
O4 NAG DA . -3.60 47.45 -19.30
O5 NAG DA . -4.49 44.77 -16.82
O6 NAG DA . -4.69 43.29 -19.31
O7 NAG DA . -3.49 47.35 -12.91
C1 NAG EA . -19.54 50.53 -5.28
C2 NAG EA . -20.82 51.09 -4.52
C3 NAG EA . -21.62 51.99 -5.53
C4 NAG EA . -20.73 53.15 -6.04
C5 NAG EA . -19.46 52.55 -6.74
C6 NAG EA . -18.47 53.61 -7.23
C7 NAG EA . -21.81 49.53 -2.84
C8 NAG EA . -22.65 48.33 -2.53
N2 NAG EA . -21.67 49.94 -4.11
O3 NAG EA . -22.77 52.56 -4.87
O4 NAG EA . -21.48 53.94 -6.97
O5 NAG EA . -18.73 51.67 -5.78
O6 NAG EA . -18.99 54.42 -8.28
O7 NAG EA . -21.27 50.14 -1.90
C1 NAG FA . -13.30 32.10 -18.36
C2 NAG FA . -14.51 33.13 -18.14
C3 NAG FA . -15.83 32.43 -18.60
C4 NAG FA . -15.72 32.01 -20.09
C5 NAG FA . -14.50 31.03 -20.27
C6 NAG FA . -14.25 30.63 -21.73
C7 NAG FA . -14.21 34.67 -16.20
C8 NAG FA . -14.19 34.90 -14.72
N2 NAG FA . -14.59 33.48 -16.70
O3 NAG FA . -16.93 33.34 -18.46
O4 NAG FA . -16.94 31.36 -20.47
O5 NAG FA . -13.26 31.70 -19.78
O6 NAG FA . -13.11 29.79 -21.84
O7 NAG FA . -13.88 35.61 -16.96
C1 NAG GA . 38.93 28.48 9.16
C2 NAG GA . 40.34 27.77 8.89
C3 NAG GA . 40.95 27.38 10.30
C4 NAG GA . 41.09 28.64 11.20
C5 NAG GA . 39.67 29.29 11.38
C6 NAG GA . 39.71 30.57 12.21
C7 NAG GA . 41.05 25.99 7.29
C8 NAG GA . 40.77 24.67 6.62
N2 NAG GA . 40.12 26.53 8.09
O3 NAG GA . 42.24 26.80 10.11
O4 NAG GA . 41.62 28.24 12.46
O5 NAG GA . 39.11 29.63 10.04
O6 NAG GA . 40.19 30.32 13.53
O7 NAG GA . 42.13 26.57 7.07
C1 NAG HA . 40.38 18.22 -2.38
C2 NAG HA . 39.52 17.40 -3.44
C3 NAG HA . 40.44 16.30 -4.07
C4 NAG HA . 41.66 16.97 -4.76
C5 NAG HA . 42.45 17.82 -3.71
C6 NAG HA . 43.59 18.62 -4.34
C7 NAG HA . 37.14 16.72 -3.30
C8 NAG HA . 35.99 16.24 -2.47
N2 NAG HA . 38.36 16.80 -2.75
O3 NAG HA . 39.71 15.54 -5.04
O4 NAG HA . 42.50 15.93 -5.30
O5 NAG HA . 41.54 18.82 -3.08
O6 NAG HA . 43.13 19.61 -5.26
O7 NAG HA . 36.96 17.01 -4.50
C1 NAG IA . 28.24 33.62 -23.18
C2 NAG IA . 27.21 34.60 -22.49
C3 NAG IA . 27.06 35.87 -23.40
C4 NAG IA . 28.45 36.55 -23.62
C5 NAG IA . 29.43 35.50 -24.26
C6 NAG IA . 30.85 36.04 -24.44
C7 NAG IA . 25.16 33.85 -21.27
C8 NAG IA . 23.92 33.02 -21.24
N2 NAG IA . 25.92 33.89 -22.37
O3 NAG IA . 26.16 36.81 -22.78
O4 NAG IA . 28.28 37.67 -24.48
O5 NAG IA . 29.52 34.30 -23.38
O6 NAG IA . 30.88 37.15 -25.34
O7 NAG IA . 25.46 34.51 -20.25
C1 NAG JA . -2.53 -41.46 -32.37
C2 NAG JA . -1.55 -41.58 -33.62
C3 NAG JA . -1.89 -42.91 -34.39
C4 NAG JA . -1.75 -44.13 -33.43
C5 NAG JA . -2.71 -43.94 -32.21
C6 NAG JA . -2.55 -45.05 -31.17
C7 NAG JA . -0.93 -39.42 -34.69
C8 NAG JA . -1.23 -38.36 -35.70
N2 NAG JA . -1.77 -40.45 -34.55
O3 NAG JA . -1.02 -43.08 -35.52
O4 NAG JA . -2.07 -45.33 -34.15
O5 NAG JA . -2.39 -42.65 -31.52
O6 NAG JA . -2.73 -46.35 -31.74
O7 NAG JA . 0.09 -39.32 -33.98
C1 NAG KA . 18.92 -29.89 -26.08
C2 NAG KA . 19.40 -29.92 -27.60
C3 NAG KA . 20.86 -29.33 -27.65
C4 NAG KA . 20.88 -27.89 -27.07
C5 NAG KA . 20.36 -27.93 -25.60
C6 NAG KA . 20.28 -26.55 -24.96
C7 NAG KA . 19.35 -31.65 -29.39
C8 NAG KA . 19.31 -33.10 -29.79
N2 NAG KA . 19.38 -31.33 -28.09
O3 NAG KA . 21.34 -29.29 -29.01
O4 NAG KA . 22.21 -27.38 -27.13
O5 NAG KA . 19.00 -28.52 -25.57
O6 NAG KA . 19.69 -26.61 -23.67
O7 NAG KA . 19.34 -30.79 -30.27
C1 NAG LA . 36.38 10.30 -30.68
C2 NAG LA . 37.51 9.22 -30.98
C3 NAG LA . 38.51 9.23 -29.77
C4 NAG LA . 39.13 10.65 -29.61
C5 NAG LA . 37.96 11.69 -29.37
C6 NAG LA . 38.46 13.12 -29.29
C7 NAG LA . 36.56 7.35 -32.33
C8 NAG LA . 35.97 5.97 -32.42
N2 NAG LA . 36.92 7.87 -31.13
O3 NAG LA . 39.56 8.28 -30.02
O4 NAG LA . 40.02 10.64 -28.49
O5 NAG LA . 37.00 11.62 -30.50
O6 NAG LA . 39.40 13.30 -28.22
O7 NAG LA . 36.70 8.00 -33.37
C1 NAG MA . 26.92 26.12 -32.27
C2 NAG MA . 27.65 25.29 -33.44
C3 NAG MA . 28.35 26.30 -34.41
C4 NAG MA . 27.28 27.28 -35.01
C5 NAG MA . 26.58 28.05 -33.83
C6 NAG MA . 25.44 28.96 -34.30
C7 NAG MA . 28.66 23.06 -33.02
C8 NAG MA . 29.65 22.19 -32.32
N2 NAG MA . 28.66 24.38 -32.85
O3 NAG MA . 28.98 25.59 -35.49
O4 NAG MA . 27.92 28.19 -35.88
O5 NAG MA . 25.97 27.06 -32.88
O6 NAG MA . 25.91 29.97 -35.18
O7 NAG MA . 27.83 22.52 -33.78
C1 NAG NA . 42.63 0.38 -27.88
C2 NAG NA . 43.21 0.68 -26.43
C3 NAG NA . 44.77 0.44 -26.47
C4 NAG NA . 45.07 -1.02 -26.92
C5 NAG NA . 44.44 -1.26 -28.34
C6 NAG NA . 44.60 -2.69 -28.85
C7 NAG NA . 41.87 2.50 -25.39
C8 NAG NA . 41.64 3.97 -25.18
N2 NAG NA . 42.93 2.10 -26.10
O3 NAG NA . 45.32 0.65 -25.16
O4 NAG NA . 46.49 -1.21 -26.97
O5 NAG NA . 42.98 -0.99 -28.28
O6 NAG NA . 45.98 -3.03 -28.98
O7 NAG NA . 41.07 1.68 -24.90
C1 NAG OA . -5.82 -14.90 -50.42
C2 NAG OA . -6.15 -13.91 -51.63
C3 NAG OA . -7.56 -13.27 -51.38
C4 NAG OA . -8.64 -14.38 -51.26
C5 NAG OA . -8.26 -15.33 -50.07
C6 NAG OA . -9.23 -16.50 -49.91
C7 NAG OA . -4.54 -12.40 -52.77
C8 NAG OA . -3.42 -11.40 -52.67
N2 NAG OA . -5.09 -12.87 -51.65
O3 NAG OA . -7.90 -12.41 -52.49
O4 NAG OA . -9.91 -13.78 -51.03
O5 NAG OA . -6.90 -15.90 -50.32
O6 NAG OA . -10.56 -16.05 -49.64
O7 NAG OA . -4.91 -12.78 -53.90
C1 NAG PA . 12.08 -7.40 -56.21
C2 NAG PA . 10.58 -6.86 -56.12
C3 NAG PA . 9.64 -7.89 -56.83
C4 NAG PA . 10.08 -8.08 -58.32
C5 NAG PA . 11.57 -8.59 -58.33
C6 NAG PA . 12.10 -8.78 -59.74
C7 NAG PA . 9.65 -5.66 -54.13
C8 NAG PA . 9.37 -5.63 -52.65
N2 NAG PA . 10.20 -6.76 -54.68
O3 NAG PA . 8.29 -7.39 -56.81
O4 NAG PA . 9.22 -9.02 -58.94
O5 NAG PA . 12.44 -7.61 -57.63
O6 NAG PA . 11.36 -9.76 -60.47
O7 NAG PA . 9.36 -4.66 -54.82
C1 NAG QA . 30.33 -0.19 -57.53
C2 NAG QA . 30.01 0.63 -58.87
C3 NAG QA . 31.20 0.43 -59.87
C4 NAG QA . 32.52 0.94 -59.19
C5 NAG QA . 32.77 0.16 -57.85
C6 NAG QA . 33.97 0.69 -57.07
C7 NAG QA . 27.60 0.95 -59.46
C8 NAG QA . 26.27 0.38 -59.84
N2 NAG QA . 28.69 0.16 -59.40
O3 NAG QA . 30.97 1.15 -61.07
O4 NAG QA . 33.61 0.74 -60.09
O5 NAG QA . 31.59 0.30 -56.95
O6 NAG QA . 35.17 0.63 -57.84
O7 NAG QA . 27.67 2.17 -59.20
C1 NAG RA . 13.07 7.20 -45.56
C2 NAG RA . 12.04 7.79 -44.48
C3 NAG RA . 11.12 8.84 -45.19
C4 NAG RA . 12.00 9.98 -45.81
C5 NAG RA . 13.00 9.35 -46.84
C6 NAG RA . 13.96 10.37 -47.44
C7 NAG RA . 11.30 6.22 -42.69
C8 NAG RA . 10.53 5.01 -42.28
N2 NAG RA . 11.21 6.67 -43.95
O3 NAG RA . 10.22 9.42 -44.23
O4 NAG RA . 11.15 10.93 -46.45
O5 NAG RA . 13.84 8.31 -46.15
O6 NAG RA . 13.27 11.34 -48.22
O7 NAG RA . 12.01 6.79 -41.84
C1 NAG SA . 11.13 -0.73 -53.49
C2 NAG SA . 10.58 0.74 -53.77
C3 NAG SA . 10.98 1.14 -55.24
C4 NAG SA . 12.54 1.09 -55.38
C5 NAG SA . 13.04 -0.36 -55.05
C6 NAG SA . 14.56 -0.51 -55.06
C7 NAG SA . 8.44 1.77 -53.04
C8 NAG SA . 6.96 1.70 -52.80
N2 NAG SA . 9.10 0.75 -53.60
O3 NAG SA . 10.53 2.47 -55.55
O4 NAG SA . 12.90 1.44 -56.72
O5 NAG SA . 12.60 -0.72 -53.68
O6 NAG SA . 15.10 -0.31 -56.36
O7 NAG SA . 9.04 2.81 -52.72
C1 NAG TA . 24.08 -16.68 -48.75
C2 NAG TA . 24.48 -17.81 -47.71
C3 NAG TA . 25.82 -18.45 -48.19
C4 NAG TA . 25.66 -19.03 -49.64
C5 NAG TA . 25.24 -17.87 -50.60
C6 NAG TA . 24.99 -18.33 -52.03
C7 NAG TA . 23.78 -17.14 -45.41
C8 NAG TA . 24.06 -16.40 -44.11
N2 NAG TA . 24.71 -17.19 -46.37
O3 NAG TA . 26.19 -19.50 -47.29
O4 NAG TA . 26.90 -19.60 -50.04
O5 NAG TA . 23.98 -17.25 -50.10
O6 NAG TA . 26.17 -18.90 -52.60
O7 NAG TA . 22.68 -17.70 -45.54
C1 NAG UA . -6.20 28.86 34.36
C2 NAG UA . -5.84 30.30 34.92
C3 NAG UA . -7.17 31.04 35.30
C4 NAG UA . -8.06 31.16 34.02
C5 NAG UA . -8.34 29.73 33.43
C6 NAG UA . -9.11 29.75 32.10
C7 NAG UA . -3.86 30.86 36.31
C8 NAG UA . -2.97 30.54 37.47
N2 NAG UA . -4.96 30.12 36.11
O3 NAG UA . -6.90 32.34 35.82
O4 NAG UA . -9.28 31.80 34.39
O5 NAG UA . -7.05 29.02 33.17
O6 NAG UA . -8.48 30.53 31.09
O7 NAG UA . -3.57 31.81 35.56
C1 NAG VA . 11.11 26.80 43.93
C2 NAG VA . 10.43 25.40 44.29
C3 NAG VA . 11.01 24.92 45.66
C4 NAG VA . 12.56 24.79 45.54
C5 NAG VA . 13.18 26.17 45.12
C6 NAG VA . 14.69 26.10 44.88
C7 NAG VA . 8.16 25.20 43.32
C8 NAG VA . 6.69 25.51 43.31
N2 NAG VA . 8.96 25.57 44.34
O3 NAG VA . 10.45 23.65 46.04
O4 NAG VA . 13.07 24.38 46.82
O5 NAG VA . 12.56 26.63 43.83
O6 NAG VA . 15.41 25.70 46.05
O7 NAG VA . 8.62 24.57 42.35
C1 NAG WA . -3.06 11.01 33.02
C2 NAG WA . -2.89 11.33 34.58
C3 NAG WA . -2.46 10.03 35.32
C4 NAG WA . -3.54 8.92 35.10
C5 NAG WA . -3.68 8.65 33.56
C6 NAG WA . -4.74 7.62 33.23
C7 NAG WA . -2.09 13.65 35.02
C8 NAG WA . -0.98 14.66 35.08
N2 NAG WA . -1.82 12.36 34.75
O3 NAG WA . -2.37 10.30 36.73
O4 NAG WA . -3.15 7.74 35.79
O5 NAG WA . -4.04 9.93 32.87
O6 NAG WA . -4.47 6.34 33.81
O7 NAG WA . -3.25 14.03 35.23
C1 NAG XA . 24.33 12.35 35.10
C2 NAG XA . 24.84 13.74 34.52
C3 NAG XA . 26.02 14.24 35.40
C4 NAG XA . 25.54 14.40 36.89
C5 NAG XA . 25.01 13.02 37.40
C6 NAG XA . 24.40 13.09 38.80
C7 NAG XA . 24.73 14.07 32.05
C8 NAG XA . 25.16 13.70 30.67
N2 NAG XA . 25.28 13.49 33.13
O3 NAG XA . 26.49 15.51 34.92
O4 NAG XA . 26.63 14.85 37.68
O5 NAG XA . 23.94 12.54 36.50
O6 NAG XA . 23.86 11.83 39.19
O7 NAG XA . 23.84 14.94 32.16
C1 NAG YA . 6.28 -49.19 -14.95
C2 NAG YA . 6.45 -49.92 -16.35
C3 NAG YA . 6.03 -51.42 -16.15
C4 NAG YA . 6.93 -52.08 -15.04
C5 NAG YA . 6.76 -51.28 -13.70
C6 NAG YA . 7.66 -51.77 -12.58
C7 NAG YA . 6.01 -48.28 -18.18
C8 NAG YA . 5.06 -47.59 -19.13
N2 NAG YA . 5.56 -49.26 -17.36
O3 NAG YA . 6.20 -52.13 -17.39
O4 NAG YA . 6.51 -53.43 -14.88
O5 NAG YA . 7.12 -49.85 -13.94
O6 NAG YA . 7.38 -53.13 -12.22
O7 NAG YA . 7.20 -47.92 -18.18
C1 NAG ZA . 19.81 -50.11 -7.47
C2 NAG ZA . 21.30 -50.59 -7.14
C3 NAG ZA . 22.14 -50.56 -8.46
C4 NAG ZA . 21.48 -51.47 -9.54
C5 NAG ZA . 20.03 -50.95 -9.81
C6 NAG ZA . 19.29 -51.80 -10.84
C7 NAG ZA . 22.28 -49.98 -4.92
C8 NAG ZA . 22.87 -48.94 -4.02
N2 NAG ZA . 21.89 -49.63 -6.17
O3 NAG ZA . 23.46 -51.05 -8.18
O4 NAG ZA . 22.27 -51.43 -10.73
O5 NAG ZA . 19.26 -50.97 -8.53
O6 NAG ZA . 19.94 -51.81 -12.11
O7 NAG ZA . 22.16 -51.14 -4.51
C1 NAG AB . 14.26 -11.43 36.17
C2 NAG AB . 13.82 -12.51 37.26
C3 NAG AB . 12.45 -12.04 37.87
C4 NAG AB . 12.61 -10.61 38.50
C5 NAG AB . 13.10 -9.61 37.40
C6 NAG AB . 13.37 -8.21 37.93
C7 NAG AB . 14.70 -14.73 36.48
C8 NAG AB . 14.50 -16.05 35.81
N2 NAG AB . 13.67 -13.86 36.64
O3 NAG AB . 12.04 -12.95 38.91
O4 NAG AB . 11.35 -10.19 39.02
O5 NAG AB . 14.38 -10.11 36.81
O6 NAG AB . 12.20 -7.61 38.50
O7 NAG AB . 15.84 -14.47 36.91
C1 NAG BB . 27.38 0.29 33.54
C2 NAG BB . 27.41 -1.04 34.46
C3 NAG BB . 28.45 -0.81 35.61
C4 NAG BB . 29.85 -0.51 35.01
C5 NAG BB . 29.76 0.76 34.10
C6 NAG BB . 31.08 1.10 33.41
C7 NAG BB . 25.53 -2.43 35.29
C8 NAG BB . 24.11 -2.52 35.74
N2 NAG BB . 26.06 -1.25 35.03
O3 NAG BB . 28.54 -1.98 36.44
O4 NAG BB . 30.78 -0.30 36.07
O5 NAG BB . 28.74 0.55 33.04
O6 NAG BB . 32.12 1.37 34.35
O7 NAG BB . 26.21 -3.47 35.17
C1 NAG CB . 3.76 -17.24 37.40
C2 NAG CB . 2.30 -16.60 37.26
C3 NAG CB . 1.51 -16.86 38.59
C4 NAG CB . 1.43 -18.39 38.88
C5 NAG CB . 2.88 -18.97 38.98
C6 NAG CB . 2.90 -20.48 39.17
C7 NAG CB . 2.14 -14.53 35.88
C8 NAG CB . 2.30 -13.05 35.76
N2 NAG CB . 2.43 -15.13 37.05
O3 NAG CB . 0.19 -16.32 38.48
O4 NAG CB . 0.72 -18.59 40.09
O5 NAG CB . 3.61 -18.67 37.72
O6 NAG CB . 2.18 -20.87 40.34
O7 NAG CB . 1.75 -15.17 34.90
C1 NAG DB . 32.39 -18.63 32.92
C2 NAG DB . 33.74 -17.78 32.88
C3 NAG DB . 34.83 -18.52 33.74
C4 NAG DB . 34.32 -18.67 35.21
C5 NAG DB . 32.97 -19.48 35.20
C6 NAG DB . 32.34 -19.60 36.59
C7 NAG DB . 34.17 -16.55 30.77
C8 NAG DB . 34.43 -16.57 29.29
N2 NAG DB . 34.17 -17.69 31.46
O3 NAG DB . 36.04 -17.75 33.74
O4 NAG DB . 35.31 -19.35 35.98
O5 NAG DB . 31.97 -18.78 34.33
O6 NAG DB . 33.22 -20.20 37.54
O7 NAG DB . 33.97 -15.46 31.32
C1 NAG EB . 36.84 -30.80 15.93
C2 NAG EB . 37.35 -31.36 17.34
C3 NAG EB . 38.63 -30.58 17.76
C4 NAG EB . 39.73 -30.73 16.66
C5 NAG EB . 39.17 -30.18 15.30
C6 NAG EB . 40.16 -30.34 14.15
C7 NAG EB . 35.65 -32.06 19.03
C8 NAG EB . 34.50 -31.69 19.92
N2 NAG EB . 36.29 -31.09 18.35
O3 NAG EB . 39.11 -31.09 19.00
O4 NAG EB . 40.89 -29.99 17.06
O5 NAG EB . 37.93 -30.93 14.94
O6 NAG EB . 41.37 -29.61 14.37
O7 NAG EB . 35.99 -33.25 18.94
C1 NAG FB . 33.90 -39.59 -3.84
C2 NAG FB . 35.44 -39.41 -3.47
C3 NAG FB . 36.12 -38.54 -4.58
C4 NAG FB . 35.95 -39.23 -5.97
C5 NAG FB . 34.42 -39.42 -6.27
C6 NAG FB . 34.17 -40.17 -7.57
C7 NAG FB . 35.70 -39.36 -0.99
C8 NAG FB . 35.76 -38.58 0.29
N2 NAG FB . 35.55 -38.72 -2.15
O3 NAG FB . 37.51 -38.38 -4.30
O4 NAG FB . 36.55 -38.41 -6.97
O5 NAG FB . 33.80 -40.21 -5.17
O6 NAG FB . 34.72 -39.51 -8.69
O7 NAG FB . 35.78 -40.61 -0.94
C1 NAG GB . 34.07 -39.08 16.44
C2 NAG GB . 34.76 -38.68 15.06
C3 NAG GB . 35.09 -39.99 14.28
C4 NAG GB . 36.02 -40.91 15.13
C5 NAG GB . 35.29 -41.25 16.48
C6 NAG GB . 36.13 -42.12 17.41
C7 NAG GB . 33.94 -36.57 14.03
C8 NAG GB . 32.83 -35.77 13.39
N2 NAG GB . 33.77 -37.87 14.31
O3 NAG GB . 35.77 -39.66 13.06
O4 NAG GB . 36.30 -42.11 14.40
O5 NAG GB . 34.97 -39.96 17.19
O6 NAG GB . 36.43 -43.39 16.83
O7 NAG GB . 35.02 -35.99 14.28
C1 NAG HB . 29.85 -34.50 35.96
C2 NAG HB . 30.53 -35.92 36.17
C3 NAG HB . 30.23 -36.40 37.64
C4 NAG HB . 30.79 -35.37 38.66
C5 NAG HB . 30.13 -33.97 38.39
C6 NAG HB . 30.68 -32.87 39.30
C7 NAG HB . 30.70 -37.39 34.18
C8 NAG HB . 30.07 -38.35 33.21
N2 NAG HB . 29.97 -36.90 35.20
O3 NAG HB . 30.85 -37.68 37.86
O4 NAG HB . 30.52 -35.81 39.99
O5 NAG HB . 30.38 -33.56 36.97
O6 NAG HB . 30.50 -33.18 40.68
O7 NAG HB . 31.89 -37.08 34.01
C1 NAG IB . 22.35 -20.75 49.58
C2 NAG IB . 23.39 -20.78 48.36
C3 NAG IB . 24.60 -19.83 48.72
C4 NAG IB . 24.07 -18.39 48.99
C5 NAG IB . 23.02 -18.42 50.16
C6 NAG IB . 22.38 -17.06 50.43
C7 NAG IB . 24.30 -22.65 47.02
C8 NAG IB . 24.64 -24.11 46.91
N2 NAG IB . 23.86 -22.17 48.18
O3 NAG IB . 25.56 -19.79 47.65
O4 NAG IB . 25.17 -17.54 49.33
O5 NAG IB . 21.91 -19.37 49.81
O6 NAG IB . 23.33 -16.08 50.84
O7 NAG IB . 24.44 -21.92 46.03
C1 NAG JB . 14.33 -41.32 25.26
C2 NAG JB . 14.11 -42.81 25.79
C3 NAG JB . 13.34 -43.61 24.69
C4 NAG JB . 11.98 -42.92 24.38
C5 NAG JB . 12.25 -41.44 23.90
C6 NAG JB . 10.97 -40.63 23.67
C7 NAG JB . 16.08 -43.41 27.20
C8 NAG JB . 17.45 -44.02 27.33
N2 NAG JB . 15.44 -43.45 26.02
O3 NAG JB . 13.09 -44.96 25.14
O4 NAG JB . 11.31 -43.66 23.36
O5 NAG JB . 13.02 -40.73 24.94
O6 NAG JB . 11.24 -39.36 23.07
O7 NAG JB . 15.57 -42.89 28.21
C1 NAG KB . 18.62 -42.38 21.49
C2 NAG KB . 17.27 -42.93 20.82
C3 NAG KB . 16.57 -43.87 21.86
C4 NAG KB . 17.53 -45.03 22.28
C5 NAG KB . 18.83 -44.41 22.90
C6 NAG KB . 19.86 -45.46 23.32
C7 NAG KB . 16.36 -41.18 19.32
C8 NAG KB . 15.56 -39.90 19.12
N2 NAG KB . 16.40 -41.77 20.52
O3 NAG KB . 15.40 -44.45 21.26
O4 NAG KB . 16.87 -45.86 23.24
O5 NAG KB . 19.47 -43.51 21.90
O6 NAG KB . 19.35 -46.35 24.31
O7 NAG KB . 16.97 -41.65 18.35
C1 NAG LB . 33.58 -20.68 18.93
C2 NAG LB . 33.54 -19.42 17.94
C3 NAG LB . 35.00 -18.91 17.72
C4 NAG LB . 35.64 -18.53 19.08
C5 NAG LB . 35.64 -19.80 20.02
C6 NAG LB . 36.19 -19.51 21.41
C7 NAG LB . 31.74 -19.44 16.23
C8 NAG LB . 31.16 -20.02 14.98
N2 NAG LB . 32.95 -19.84 16.65
O3 NAG LB . 34.98 -17.76 16.87
O4 NAG LB . 36.98 -18.08 18.86
O5 NAG LB . 34.24 -20.30 20.18
O6 NAG LB . 37.56 -19.10 21.36
O7 NAG LB . 31.09 -18.60 16.86
#